data_1HUW
# 
_entry.id   1HUW 
# 
_audit_conform.dict_name       mmcif_pdbx.dic 
_audit_conform.dict_version    5.397 
_audit_conform.dict_location   http://mmcif.pdb.org/dictionaries/ascii/mmcif_pdbx.dic 
# 
loop_
_database_2.database_id 
_database_2.database_code 
_database_2.pdbx_database_accession 
_database_2.pdbx_DOI 
PDB   1HUW         pdb_00001huw 10.2210/pdb1huw/pdb 
WWPDB D_1000174038 ?            ?                   
# 
loop_
_pdbx_audit_revision_history.ordinal 
_pdbx_audit_revision_history.data_content_type 
_pdbx_audit_revision_history.major_revision 
_pdbx_audit_revision_history.minor_revision 
_pdbx_audit_revision_history.revision_date 
1 'Structure model' 1 0 1994-01-31 
2 'Structure model' 1 1 2008-03-24 
3 'Structure model' 1 2 2011-07-13 
4 'Structure model' 1 3 2021-11-03 
5 'Structure model' 1 4 2024-10-23 
# 
_pdbx_audit_revision_details.ordinal             1 
_pdbx_audit_revision_details.revision_ordinal    1 
_pdbx_audit_revision_details.data_content_type   'Structure model' 
_pdbx_audit_revision_details.provider            repository 
_pdbx_audit_revision_details.type                'Initial release' 
_pdbx_audit_revision_details.description         ? 
_pdbx_audit_revision_details.details             ? 
# 
loop_
_pdbx_audit_revision_group.ordinal 
_pdbx_audit_revision_group.revision_ordinal 
_pdbx_audit_revision_group.data_content_type 
_pdbx_audit_revision_group.group 
1 2 'Structure model' 'Version format compliance' 
2 3 'Structure model' 'Version format compliance' 
3 4 'Structure model' 'Database references'       
4 4 'Structure model' Other                       
5 5 'Structure model' 'Data collection'           
6 5 'Structure model' 'Structure summary'         
# 
loop_
_pdbx_audit_revision_category.ordinal 
_pdbx_audit_revision_category.revision_ordinal 
_pdbx_audit_revision_category.data_content_type 
_pdbx_audit_revision_category.category 
1 4 'Structure model' database_2                
2 4 'Structure model' pdbx_database_status      
3 4 'Structure model' struct_ref_seq_dif        
4 5 'Structure model' chem_comp_atom            
5 5 'Structure model' chem_comp_bond            
6 5 'Structure model' pdbx_entry_details        
7 5 'Structure model' pdbx_modification_feature 
# 
loop_
_pdbx_audit_revision_item.ordinal 
_pdbx_audit_revision_item.revision_ordinal 
_pdbx_audit_revision_item.data_content_type 
_pdbx_audit_revision_item.item 
1 4 'Structure model' '_database_2.pdbx_DOI'                
2 4 'Structure model' '_database_2.pdbx_database_accession' 
3 4 'Structure model' '_pdbx_database_status.process_site'  
4 4 'Structure model' '_struct_ref_seq_dif.details'         
# 
_pdbx_database_status.status_code                     REL 
_pdbx_database_status.entry_id                        1HUW 
_pdbx_database_status.recvd_initial_deposition_date   1993-09-22 
_pdbx_database_status.deposit_site                    ? 
_pdbx_database_status.process_site                    BNL 
_pdbx_database_status.SG_entry                        . 
_pdbx_database_status.status_code_sf                  ? 
_pdbx_database_status.status_code_mr                  ? 
_pdbx_database_status.pdb_format_compatible           Y 
_pdbx_database_status.status_code_cs                  ? 
_pdbx_database_status.status_code_nmr_data            ? 
_pdbx_database_status.methods_development_category    ? 
# 
loop_
_audit_author.name 
_audit_author.pdbx_ordinal 
'Ultsch, M.H.'     1 
'Somers, W.S.'     2 
'Kossiakoff, A.A.' 3 
'De Vos, A.M.'     4 
# 
loop_
_citation.id 
_citation.title 
_citation.journal_abbrev 
_citation.journal_volume 
_citation.page_first 
_citation.page_last 
_citation.year 
_citation.journal_id_ASTM 
_citation.country 
_citation.journal_id_ISSN 
_citation.journal_id_CSD 
_citation.book_publisher 
_citation.pdbx_database_id_PubMed 
_citation.pdbx_database_id_DOI 
primary 'The crystal structure of affinity-matured human growth hormone at 2 A resolution.' J.Mol.Biol.       236 286 299 1994 
JMOBAK UK 0022-2836 0070 ? 8107110 10.1006/jmbi.1994.1135 
1       'Affinity Maturation of Human Growth Hormone by Monovalent Phage Display'           'To be Published' ?   ?   ?   ?    ? ? 
?         0353 ? ?       ?                      
# 
loop_
_citation_author.citation_id 
_citation_author.name 
_citation_author.ordinal 
_citation_author.identifier_ORCID 
primary 'Ultsch, M.H.'     1 ? 
primary 'Somers, W.'       2 ? 
primary 'Kossiakoff, A.A.' 3 ? 
primary 'de Vos, A.M.'     4 ? 
1       'Lowman, H.B.'     5 ? 
1       'Wells, J.A.'      6 ? 
# 
loop_
_entity.id 
_entity.type 
_entity.src_method 
_entity.pdbx_description 
_entity.formula_weight 
_entity.pdbx_number_of_molecules 
_entity.pdbx_ec 
_entity.pdbx_mutation 
_entity.pdbx_fragment 
_entity.details 
1 polymer man 'HUMAN GROWTH HORMONE' 21986.627 1  ? ? ? ? 
2 water   nat water                  18.015    77 ? ? ? ? 
# 
_entity_poly.entity_id                      1 
_entity_poly.type                           'polypeptide(L)' 
_entity_poly.nstd_linkage                   no 
_entity_poly.nstd_monomer                   no 
_entity_poly.pdbx_seq_one_letter_code       
;FPTIPLSRLADNAWLRADRLNQLAFDTYQEFEEAYIPKEQIHSFWWNPQTSLCPSESIPTPSNKEETQQKSNLELLRISL
LLIQSWLEPVQFLRSVFANSLVYGASDSNVYDLLKDLEEGIQTLMGRLEDGSPRTGQIFKQTYSKFDTNSHNDDALLKNY
GLLYCFNKDMSKVSTYLRTVQCRSVEGSCGF
;
_entity_poly.pdbx_seq_one_letter_code_can   
;FPTIPLSRLADNAWLRADRLNQLAFDTYQEFEEAYIPKEQIHSFWWNPQTSLCPSESIPTPSNKEETQQKSNLELLRISL
LLIQSWLEPVQFLRSVFANSLVYGASDSNVYDLLKDLEEGIQTLMGRLEDGSPRTGQIFKQTYSKFDTNSHNDDALLKNY
GLLYCFNKDMSKVSTYLRTVQCRSVEGSCGF
;
_entity_poly.pdbx_strand_id                 A 
_entity_poly.pdbx_target_identifier         ? 
# 
_pdbx_entity_nonpoly.entity_id   2 
_pdbx_entity_nonpoly.name        water 
_pdbx_entity_nonpoly.comp_id     HOH 
# 
loop_
_entity_poly_seq.entity_id 
_entity_poly_seq.num 
_entity_poly_seq.mon_id 
_entity_poly_seq.hetero 
1 1   PHE n 
1 2   PRO n 
1 3   THR n 
1 4   ILE n 
1 5   PRO n 
1 6   LEU n 
1 7   SER n 
1 8   ARG n 
1 9   LEU n 
1 10  ALA n 
1 11  ASP n 
1 12  ASN n 
1 13  ALA n 
1 14  TRP n 
1 15  LEU n 
1 16  ARG n 
1 17  ALA n 
1 18  ASP n 
1 19  ARG n 
1 20  LEU n 
1 21  ASN n 
1 22  GLN n 
1 23  LEU n 
1 24  ALA n 
1 25  PHE n 
1 26  ASP n 
1 27  THR n 
1 28  TYR n 
1 29  GLN n 
1 30  GLU n 
1 31  PHE n 
1 32  GLU n 
1 33  GLU n 
1 34  ALA n 
1 35  TYR n 
1 36  ILE n 
1 37  PRO n 
1 38  LYS n 
1 39  GLU n 
1 40  GLN n 
1 41  ILE n 
1 42  HIS n 
1 43  SER n 
1 44  PHE n 
1 45  TRP n 
1 46  TRP n 
1 47  ASN n 
1 48  PRO n 
1 49  GLN n 
1 50  THR n 
1 51  SER n 
1 52  LEU n 
1 53  CYS n 
1 54  PRO n 
1 55  SER n 
1 56  GLU n 
1 57  SER n 
1 58  ILE n 
1 59  PRO n 
1 60  THR n 
1 61  PRO n 
1 62  SER n 
1 63  ASN n 
1 64  LYS n 
1 65  GLU n 
1 66  GLU n 
1 67  THR n 
1 68  GLN n 
1 69  GLN n 
1 70  LYS n 
1 71  SER n 
1 72  ASN n 
1 73  LEU n 
1 74  GLU n 
1 75  LEU n 
1 76  LEU n 
1 77  ARG n 
1 78  ILE n 
1 79  SER n 
1 80  LEU n 
1 81  LEU n 
1 82  LEU n 
1 83  ILE n 
1 84  GLN n 
1 85  SER n 
1 86  TRP n 
1 87  LEU n 
1 88  GLU n 
1 89  PRO n 
1 90  VAL n 
1 91  GLN n 
1 92  PHE n 
1 93  LEU n 
1 94  ARG n 
1 95  SER n 
1 96  VAL n 
1 97  PHE n 
1 98  ALA n 
1 99  ASN n 
1 100 SER n 
1 101 LEU n 
1 102 VAL n 
1 103 TYR n 
1 104 GLY n 
1 105 ALA n 
1 106 SER n 
1 107 ASP n 
1 108 SER n 
1 109 ASN n 
1 110 VAL n 
1 111 TYR n 
1 112 ASP n 
1 113 LEU n 
1 114 LEU n 
1 115 LYS n 
1 116 ASP n 
1 117 LEU n 
1 118 GLU n 
1 119 GLU n 
1 120 GLY n 
1 121 ILE n 
1 122 GLN n 
1 123 THR n 
1 124 LEU n 
1 125 MET n 
1 126 GLY n 
1 127 ARG n 
1 128 LEU n 
1 129 GLU n 
1 130 ASP n 
1 131 GLY n 
1 132 SER n 
1 133 PRO n 
1 134 ARG n 
1 135 THR n 
1 136 GLY n 
1 137 GLN n 
1 138 ILE n 
1 139 PHE n 
1 140 LYS n 
1 141 GLN n 
1 142 THR n 
1 143 TYR n 
1 144 SER n 
1 145 LYS n 
1 146 PHE n 
1 147 ASP n 
1 148 THR n 
1 149 ASN n 
1 150 SER n 
1 151 HIS n 
1 152 ASN n 
1 153 ASP n 
1 154 ASP n 
1 155 ALA n 
1 156 LEU n 
1 157 LEU n 
1 158 LYS n 
1 159 ASN n 
1 160 TYR n 
1 161 GLY n 
1 162 LEU n 
1 163 LEU n 
1 164 TYR n 
1 165 CYS n 
1 166 PHE n 
1 167 ASN n 
1 168 LYS n 
1 169 ASP n 
1 170 MET n 
1 171 SER n 
1 172 LYS n 
1 173 VAL n 
1 174 SER n 
1 175 THR n 
1 176 TYR n 
1 177 LEU n 
1 178 ARG n 
1 179 THR n 
1 180 VAL n 
1 181 GLN n 
1 182 CYS n 
1 183 ARG n 
1 184 SER n 
1 185 VAL n 
1 186 GLU n 
1 187 GLY n 
1 188 SER n 
1 189 CYS n 
1 190 GLY n 
1 191 PHE n 
# 
_entity_src_gen.entity_id                          1 
_entity_src_gen.pdbx_src_id                        1 
_entity_src_gen.pdbx_alt_source_flag               sample 
_entity_src_gen.pdbx_seq_type                      ? 
_entity_src_gen.pdbx_beg_seq_num                   ? 
_entity_src_gen.pdbx_end_seq_num                   ? 
_entity_src_gen.gene_src_common_name               human 
_entity_src_gen.gene_src_genus                     Homo 
_entity_src_gen.pdbx_gene_src_gene                 ? 
_entity_src_gen.gene_src_species                   ? 
_entity_src_gen.gene_src_strain                    ? 
_entity_src_gen.gene_src_tissue                    ? 
_entity_src_gen.gene_src_tissue_fraction           ? 
_entity_src_gen.gene_src_details                   ? 
_entity_src_gen.pdbx_gene_src_fragment             ? 
_entity_src_gen.pdbx_gene_src_scientific_name      'Homo sapiens' 
_entity_src_gen.pdbx_gene_src_ncbi_taxonomy_id     9606 
_entity_src_gen.pdbx_gene_src_variant              ? 
_entity_src_gen.pdbx_gene_src_cell_line            ? 
_entity_src_gen.pdbx_gene_src_atcc                 ? 
_entity_src_gen.pdbx_gene_src_organ                ? 
_entity_src_gen.pdbx_gene_src_organelle            ? 
_entity_src_gen.pdbx_gene_src_cell                 ? 
_entity_src_gen.pdbx_gene_src_cellular_location    ? 
_entity_src_gen.host_org_common_name               ? 
_entity_src_gen.pdbx_host_org_scientific_name      ? 
_entity_src_gen.pdbx_host_org_ncbi_taxonomy_id     ? 
_entity_src_gen.host_org_genus                     ? 
_entity_src_gen.pdbx_host_org_gene                 ? 
_entity_src_gen.pdbx_host_org_organ                ? 
_entity_src_gen.host_org_species                   ? 
_entity_src_gen.pdbx_host_org_tissue               ? 
_entity_src_gen.pdbx_host_org_tissue_fraction      ? 
_entity_src_gen.pdbx_host_org_strain               ? 
_entity_src_gen.pdbx_host_org_variant              ? 
_entity_src_gen.pdbx_host_org_cell_line            ? 
_entity_src_gen.pdbx_host_org_atcc                 ? 
_entity_src_gen.pdbx_host_org_culture_collection   ? 
_entity_src_gen.pdbx_host_org_cell                 ? 
_entity_src_gen.pdbx_host_org_organelle            ? 
_entity_src_gen.pdbx_host_org_cellular_location    ? 
_entity_src_gen.pdbx_host_org_vector_type          ? 
_entity_src_gen.pdbx_host_org_vector               ? 
_entity_src_gen.host_org_details                   ? 
_entity_src_gen.expression_system_id               ? 
_entity_src_gen.plasmid_name                       ? 
_entity_src_gen.plasmid_details                    ? 
_entity_src_gen.pdbx_description                   ? 
# 
loop_
_chem_comp.id 
_chem_comp.type 
_chem_comp.mon_nstd_flag 
_chem_comp.name 
_chem_comp.pdbx_synonyms 
_chem_comp.formula 
_chem_comp.formula_weight 
ALA 'L-peptide linking' y ALANINE         ? 'C3 H7 N O2'     89.093  
ARG 'L-peptide linking' y ARGININE        ? 'C6 H15 N4 O2 1' 175.209 
ASN 'L-peptide linking' y ASPARAGINE      ? 'C4 H8 N2 O3'    132.118 
ASP 'L-peptide linking' y 'ASPARTIC ACID' ? 'C4 H7 N O4'     133.103 
CYS 'L-peptide linking' y CYSTEINE        ? 'C3 H7 N O2 S'   121.158 
GLN 'L-peptide linking' y GLUTAMINE       ? 'C5 H10 N2 O3'   146.144 
GLU 'L-peptide linking' y 'GLUTAMIC ACID' ? 'C5 H9 N O4'     147.129 
GLY 'peptide linking'   y GLYCINE         ? 'C2 H5 N O2'     75.067  
HIS 'L-peptide linking' y HISTIDINE       ? 'C6 H10 N3 O2 1' 156.162 
HOH non-polymer         . WATER           ? 'H2 O'           18.015  
ILE 'L-peptide linking' y ISOLEUCINE      ? 'C6 H13 N O2'    131.173 
LEU 'L-peptide linking' y LEUCINE         ? 'C6 H13 N O2'    131.173 
LYS 'L-peptide linking' y LYSINE          ? 'C6 H15 N2 O2 1' 147.195 
MET 'L-peptide linking' y METHIONINE      ? 'C5 H11 N O2 S'  149.211 
PHE 'L-peptide linking' y PHENYLALANINE   ? 'C9 H11 N O2'    165.189 
PRO 'L-peptide linking' y PROLINE         ? 'C5 H9 N O2'     115.130 
SER 'L-peptide linking' y SERINE          ? 'C3 H7 N O3'     105.093 
THR 'L-peptide linking' y THREONINE       ? 'C4 H9 N O3'     119.119 
TRP 'L-peptide linking' y TRYPTOPHAN      ? 'C11 H12 N2 O2'  204.225 
TYR 'L-peptide linking' y TYROSINE        ? 'C9 H11 N O3'    181.189 
VAL 'L-peptide linking' y VALINE          ? 'C5 H11 N O2'    117.146 
# 
loop_
_pdbx_poly_seq_scheme.asym_id 
_pdbx_poly_seq_scheme.entity_id 
_pdbx_poly_seq_scheme.seq_id 
_pdbx_poly_seq_scheme.mon_id 
_pdbx_poly_seq_scheme.ndb_seq_num 
_pdbx_poly_seq_scheme.pdb_seq_num 
_pdbx_poly_seq_scheme.auth_seq_num 
_pdbx_poly_seq_scheme.pdb_mon_id 
_pdbx_poly_seq_scheme.auth_mon_id 
_pdbx_poly_seq_scheme.pdb_strand_id 
_pdbx_poly_seq_scheme.pdb_ins_code 
_pdbx_poly_seq_scheme.hetero 
A 1 1   PHE 1   1   1   PHE PHE A . n 
A 1 2   PRO 2   2   2   PRO PRO A . n 
A 1 3   THR 3   3   3   THR THR A . n 
A 1 4   ILE 4   4   4   ILE ILE A . n 
A 1 5   PRO 5   5   5   PRO PRO A . n 
A 1 6   LEU 6   6   6   LEU LEU A . n 
A 1 7   SER 7   7   7   SER SER A . n 
A 1 8   ARG 8   8   8   ARG ARG A . n 
A 1 9   LEU 9   9   9   LEU LEU A . n 
A 1 10  ALA 10  10  10  ALA ALA A . n 
A 1 11  ASP 11  11  11  ASP ASP A . n 
A 1 12  ASN 12  12  12  ASN ASN A . n 
A 1 13  ALA 13  13  13  ALA ALA A . n 
A 1 14  TRP 14  14  14  TRP TRP A . n 
A 1 15  LEU 15  15  15  LEU LEU A . n 
A 1 16  ARG 16  16  16  ARG ARG A . n 
A 1 17  ALA 17  17  17  ALA ALA A . n 
A 1 18  ASP 18  18  18  ASP ASP A . n 
A 1 19  ARG 19  19  19  ARG ARG A . n 
A 1 20  LEU 20  20  20  LEU LEU A . n 
A 1 21  ASN 21  21  21  ASN ASN A . n 
A 1 22  GLN 22  22  22  GLN GLN A . n 
A 1 23  LEU 23  23  23  LEU LEU A . n 
A 1 24  ALA 24  24  24  ALA ALA A . n 
A 1 25  PHE 25  25  25  PHE PHE A . n 
A 1 26  ASP 26  26  26  ASP ASP A . n 
A 1 27  THR 27  27  27  THR THR A . n 
A 1 28  TYR 28  28  28  TYR TYR A . n 
A 1 29  GLN 29  29  29  GLN GLN A . n 
A 1 30  GLU 30  30  30  GLU GLU A . n 
A 1 31  PHE 31  31  31  PHE PHE A . n 
A 1 32  GLU 32  32  32  GLU GLU A . n 
A 1 33  GLU 33  33  33  GLU GLU A . n 
A 1 34  ALA 34  34  34  ALA ALA A . n 
A 1 35  TYR 35  35  35  TYR TYR A . n 
A 1 36  ILE 36  36  36  ILE ILE A . n 
A 1 37  PRO 37  37  37  PRO PRO A . n 
A 1 38  LYS 38  38  38  LYS LYS A . n 
A 1 39  GLU 39  39  39  GLU GLU A . n 
A 1 40  GLN 40  40  40  GLN GLN A . n 
A 1 41  ILE 41  41  41  ILE ILE A . n 
A 1 42  HIS 42  42  42  HIS HIS A . n 
A 1 43  SER 43  43  43  SER SER A . n 
A 1 44  PHE 44  44  44  PHE PHE A . n 
A 1 45  TRP 45  45  45  TRP TRP A . n 
A 1 46  TRP 46  46  46  TRP TRP A . n 
A 1 47  ASN 47  47  47  ASN ASN A . n 
A 1 48  PRO 48  48  48  PRO PRO A . n 
A 1 49  GLN 49  49  49  GLN GLN A . n 
A 1 50  THR 50  50  50  THR THR A . n 
A 1 51  SER 51  51  51  SER SER A . n 
A 1 52  LEU 52  52  52  LEU LEU A . n 
A 1 53  CYS 53  53  53  CYS CYS A . n 
A 1 54  PRO 54  54  54  PRO PRO A . n 
A 1 55  SER 55  55  55  SER SER A . n 
A 1 56  GLU 56  56  56  GLU GLU A . n 
A 1 57  SER 57  57  57  SER SER A . n 
A 1 58  ILE 58  58  58  ILE ILE A . n 
A 1 59  PRO 59  59  59  PRO PRO A . n 
A 1 60  THR 60  60  60  THR THR A . n 
A 1 61  PRO 61  61  61  PRO PRO A . n 
A 1 62  SER 62  62  62  SER SER A . n 
A 1 63  ASN 63  63  63  ASN ASN A . n 
A 1 64  LYS 64  64  64  LYS LYS A . n 
A 1 65  GLU 65  65  65  GLU GLU A . n 
A 1 66  GLU 66  66  66  GLU GLU A . n 
A 1 67  THR 67  67  67  THR THR A . n 
A 1 68  GLN 68  68  68  GLN GLN A . n 
A 1 69  GLN 69  69  69  GLN GLN A . n 
A 1 70  LYS 70  70  70  LYS LYS A . n 
A 1 71  SER 71  71  71  SER SER A . n 
A 1 72  ASN 72  72  72  ASN ASN A . n 
A 1 73  LEU 73  73  73  LEU LEU A . n 
A 1 74  GLU 74  74  74  GLU GLU A . n 
A 1 75  LEU 75  75  75  LEU LEU A . n 
A 1 76  LEU 76  76  76  LEU LEU A . n 
A 1 77  ARG 77  77  77  ARG ARG A . n 
A 1 78  ILE 78  78  78  ILE ILE A . n 
A 1 79  SER 79  79  79  SER SER A . n 
A 1 80  LEU 80  80  80  LEU LEU A . n 
A 1 81  LEU 81  81  81  LEU LEU A . n 
A 1 82  LEU 82  82  82  LEU LEU A . n 
A 1 83  ILE 83  83  83  ILE ILE A . n 
A 1 84  GLN 84  84  84  GLN GLN A . n 
A 1 85  SER 85  85  85  SER SER A . n 
A 1 86  TRP 86  86  86  TRP TRP A . n 
A 1 87  LEU 87  87  87  LEU LEU A . n 
A 1 88  GLU 88  88  88  GLU GLU A . n 
A 1 89  PRO 89  89  89  PRO PRO A . n 
A 1 90  VAL 90  90  90  VAL VAL A . n 
A 1 91  GLN 91  91  91  GLN GLN A . n 
A 1 92  PHE 92  92  92  PHE PHE A . n 
A 1 93  LEU 93  93  93  LEU LEU A . n 
A 1 94  ARG 94  94  94  ARG ARG A . n 
A 1 95  SER 95  95  95  SER SER A . n 
A 1 96  VAL 96  96  96  VAL VAL A . n 
A 1 97  PHE 97  97  97  PHE PHE A . n 
A 1 98  ALA 98  98  98  ALA ALA A . n 
A 1 99  ASN 99  99  99  ASN ASN A . n 
A 1 100 SER 100 100 100 SER SER A . n 
A 1 101 LEU 101 101 101 LEU LEU A . n 
A 1 102 VAL 102 102 102 VAL VAL A . n 
A 1 103 TYR 103 103 103 TYR TYR A . n 
A 1 104 GLY 104 104 104 GLY GLY A . n 
A 1 105 ALA 105 105 105 ALA ALA A . n 
A 1 106 SER 106 106 106 SER SER A . n 
A 1 107 ASP 107 107 107 ASP ASP A . n 
A 1 108 SER 108 108 108 SER SER A . n 
A 1 109 ASN 109 109 109 ASN ASN A . n 
A 1 110 VAL 110 110 110 VAL VAL A . n 
A 1 111 TYR 111 111 111 TYR TYR A . n 
A 1 112 ASP 112 112 112 ASP ASP A . n 
A 1 113 LEU 113 113 113 LEU LEU A . n 
A 1 114 LEU 114 114 114 LEU LEU A . n 
A 1 115 LYS 115 115 115 LYS LYS A . n 
A 1 116 ASP 116 116 116 ASP ASP A . n 
A 1 117 LEU 117 117 117 LEU LEU A . n 
A 1 118 GLU 118 118 118 GLU GLU A . n 
A 1 119 GLU 119 119 119 GLU GLU A . n 
A 1 120 GLY 120 120 120 GLY GLY A . n 
A 1 121 ILE 121 121 121 ILE ILE A . n 
A 1 122 GLN 122 122 122 GLN GLN A . n 
A 1 123 THR 123 123 123 THR THR A . n 
A 1 124 LEU 124 124 124 LEU LEU A . n 
A 1 125 MET 125 125 125 MET MET A . n 
A 1 126 GLY 126 126 126 GLY GLY A . n 
A 1 127 ARG 127 127 127 ARG ARG A . n 
A 1 128 LEU 128 128 128 LEU LEU A . n 
A 1 129 GLU 129 129 129 GLU GLU A . n 
A 1 130 ASP 130 130 ?   ?   ?   A . n 
A 1 131 GLY 131 131 ?   ?   ?   A . n 
A 1 132 SER 132 132 ?   ?   ?   A . n 
A 1 133 PRO 133 133 ?   ?   ?   A . n 
A 1 134 ARG 134 134 ?   ?   ?   A . n 
A 1 135 THR 135 135 ?   ?   ?   A . n 
A 1 136 GLY 136 136 ?   ?   ?   A . n 
A 1 137 GLN 137 137 ?   ?   ?   A . n 
A 1 138 ILE 138 138 ?   ?   ?   A . n 
A 1 139 PHE 139 139 ?   ?   ?   A . n 
A 1 140 LYS 140 140 ?   ?   ?   A . n 
A 1 141 GLN 141 141 ?   ?   ?   A . n 
A 1 142 THR 142 142 ?   ?   ?   A . n 
A 1 143 TYR 143 143 ?   ?   ?   A . n 
A 1 144 SER 144 144 ?   ?   ?   A . n 
A 1 145 LYS 145 145 ?   ?   ?   A . n 
A 1 146 PHE 146 146 ?   ?   ?   A . n 
A 1 147 ASP 147 147 ?   ?   ?   A . n 
A 1 148 THR 148 148 ?   ?   ?   A . n 
A 1 149 ASN 149 149 ?   ?   ?   A . n 
A 1 150 SER 150 150 ?   ?   ?   A . n 
A 1 151 HIS 151 151 ?   ?   ?   A . n 
A 1 152 ASN 152 152 ?   ?   ?   A . n 
A 1 153 ASP 153 153 ?   ?   ?   A . n 
A 1 154 ASP 154 154 ?   ?   ?   A . n 
A 1 155 ALA 155 155 155 ALA ALA A . n 
A 1 156 LEU 156 156 156 LEU LEU A . n 
A 1 157 LEU 157 157 157 LEU LEU A . n 
A 1 158 LYS 158 158 158 LYS LYS A . n 
A 1 159 ASN 159 159 159 ASN ASN A . n 
A 1 160 TYR 160 160 160 TYR TYR A . n 
A 1 161 GLY 161 161 161 GLY GLY A . n 
A 1 162 LEU 162 162 162 LEU LEU A . n 
A 1 163 LEU 163 163 163 LEU LEU A . n 
A 1 164 TYR 164 164 164 TYR TYR A . n 
A 1 165 CYS 165 165 165 CYS CYS A . n 
A 1 166 PHE 166 166 166 PHE PHE A . n 
A 1 167 ASN 167 167 167 ASN ASN A . n 
A 1 168 LYS 168 168 168 LYS LYS A . n 
A 1 169 ASP 169 169 169 ASP ASP A . n 
A 1 170 MET 170 170 170 MET MET A . n 
A 1 171 SER 171 171 171 SER SER A . n 
A 1 172 LYS 172 172 172 LYS LYS A . n 
A 1 173 VAL 173 173 173 VAL VAL A . n 
A 1 174 SER 174 174 174 SER SER A . n 
A 1 175 THR 175 175 175 THR THR A . n 
A 1 176 TYR 176 176 176 TYR TYR A . n 
A 1 177 LEU 177 177 177 LEU LEU A . n 
A 1 178 ARG 178 178 178 ARG ARG A . n 
A 1 179 THR 179 179 179 THR THR A . n 
A 1 180 VAL 180 180 180 VAL VAL A . n 
A 1 181 GLN 181 181 181 GLN GLN A . n 
A 1 182 CYS 182 182 182 CYS CYS A . n 
A 1 183 ARG 183 183 183 ARG ARG A . n 
A 1 184 SER 184 184 184 SER SER A . n 
A 1 185 VAL 185 185 185 VAL VAL A . n 
A 1 186 GLU 186 186 186 GLU GLU A . n 
A 1 187 GLY 187 187 187 GLY GLY A . n 
A 1 188 SER 188 188 188 SER SER A . n 
A 1 189 CYS 189 189 189 CYS CYS A . n 
A 1 190 GLY 190 190 190 GLY GLY A . n 
A 1 191 PHE 191 191 191 PHE PHE A . n 
# 
loop_
_pdbx_nonpoly_scheme.asym_id 
_pdbx_nonpoly_scheme.entity_id 
_pdbx_nonpoly_scheme.mon_id 
_pdbx_nonpoly_scheme.ndb_seq_num 
_pdbx_nonpoly_scheme.pdb_seq_num 
_pdbx_nonpoly_scheme.auth_seq_num 
_pdbx_nonpoly_scheme.pdb_mon_id 
_pdbx_nonpoly_scheme.auth_mon_id 
_pdbx_nonpoly_scheme.pdb_strand_id 
_pdbx_nonpoly_scheme.pdb_ins_code 
B 2 HOH 1  200 200 HOH HOH A . 
B 2 HOH 2  201 201 HOH HOH A . 
B 2 HOH 3  202 202 HOH HOH A . 
B 2 HOH 4  203 203 HOH HOH A . 
B 2 HOH 5  204 204 HOH HOH A . 
B 2 HOH 6  205 205 HOH HOH A . 
B 2 HOH 7  206 206 HOH HOH A . 
B 2 HOH 8  207 207 HOH HOH A . 
B 2 HOH 9  209 209 HOH HOH A . 
B 2 HOH 10 210 210 HOH HOH A . 
B 2 HOH 11 211 211 HOH HOH A . 
B 2 HOH 12 212 212 HOH HOH A . 
B 2 HOH 13 213 213 HOH HOH A . 
B 2 HOH 14 214 214 HOH HOH A . 
B 2 HOH 15 215 215 HOH HOH A . 
B 2 HOH 16 216 216 HOH HOH A . 
B 2 HOH 17 217 217 HOH HOH A . 
B 2 HOH 18 218 218 HOH HOH A . 
B 2 HOH 19 220 220 HOH HOH A . 
B 2 HOH 20 223 223 HOH HOH A . 
B 2 HOH 21 224 224 HOH HOH A . 
B 2 HOH 22 226 226 HOH HOH A . 
B 2 HOH 23 227 227 HOH HOH A . 
B 2 HOH 24 228 228 HOH HOH A . 
B 2 HOH 25 229 229 HOH HOH A . 
B 2 HOH 26 230 230 HOH HOH A . 
B 2 HOH 27 232 232 HOH HOH A . 
B 2 HOH 28 233 233 HOH HOH A . 
B 2 HOH 29 236 236 HOH HOH A . 
B 2 HOH 30 238 238 HOH HOH A . 
B 2 HOH 31 239 239 HOH HOH A . 
B 2 HOH 32 241 241 HOH HOH A . 
B 2 HOH 33 244 244 HOH HOH A . 
B 2 HOH 34 245 245 HOH HOH A . 
B 2 HOH 35 246 246 HOH HOH A . 
B 2 HOH 36 249 249 HOH HOH A . 
B 2 HOH 37 250 250 HOH HOH A . 
B 2 HOH 38 251 251 HOH HOH A . 
B 2 HOH 39 252 252 HOH HOH A . 
B 2 HOH 40 253 253 HOH HOH A . 
B 2 HOH 41 254 254 HOH HOH A . 
B 2 HOH 42 258 258 HOH HOH A . 
B 2 HOH 43 266 266 HOH HOH A . 
B 2 HOH 44 269 269 HOH HOH A . 
B 2 HOH 45 271 271 HOH HOH A . 
B 2 HOH 46 272 272 HOH HOH A . 
B 2 HOH 47 273 273 HOH HOH A . 
B 2 HOH 48 274 274 HOH HOH A . 
B 2 HOH 49 275 275 HOH HOH A . 
B 2 HOH 50 285 285 HOH HOH A . 
B 2 HOH 51 288 288 HOH HOH A . 
B 2 HOH 52 289 289 HOH HOH A . 
B 2 HOH 53 290 290 HOH HOH A . 
B 2 HOH 54 291 291 HOH HOH A . 
B 2 HOH 55 292 292 HOH HOH A . 
B 2 HOH 56 293 293 HOH HOH A . 
B 2 HOH 57 294 294 HOH HOH A . 
B 2 HOH 58 295 295 HOH HOH A . 
B 2 HOH 59 296 296 HOH HOH A . 
B 2 HOH 60 297 297 HOH HOH A . 
B 2 HOH 61 298 298 HOH HOH A . 
B 2 HOH 62 299 299 HOH HOH A . 
B 2 HOH 63 300 300 HOH HOH A . 
B 2 HOH 64 301 301 HOH HOH A . 
B 2 HOH 65 302 302 HOH HOH A . 
B 2 HOH 66 303 303 HOH HOH A . 
B 2 HOH 67 304 304 HOH HOH A . 
B 2 HOH 68 305 305 HOH HOH A . 
B 2 HOH 69 306 306 HOH HOH A . 
B 2 HOH 70 307 307 HOH HOH A . 
B 2 HOH 71 308 308 HOH HOH A . 
B 2 HOH 72 309 309 HOH HOH A . 
B 2 HOH 73 310 310 HOH HOH A . 
B 2 HOH 74 311 311 HOH HOH A . 
B 2 HOH 75 312 312 HOH HOH A . 
B 2 HOH 76 313 313 HOH HOH A . 
B 2 HOH 77 314 314 HOH HOH A . 
# 
loop_
_software.name 
_software.classification 
_software.version 
_software.citation_id 
_software.pdbx_ordinal 
X-PLOR 'model building' . ? 1 
X-PLOR refinement       . ? 2 
X-PLOR phasing          . ? 3 
# 
_cell.entry_id           1HUW 
_cell.length_a           80.450 
_cell.length_b           59.340 
_cell.length_c           50.870 
_cell.angle_alpha        90.00 
_cell.angle_beta         128.20 
_cell.angle_gamma        90.00 
_cell.Z_PDB              4 
_cell.pdbx_unique_axis   ? 
_cell.length_a_esd       ? 
_cell.length_b_esd       ? 
_cell.length_c_esd       ? 
_cell.angle_alpha_esd    ? 
_cell.angle_beta_esd     ? 
_cell.angle_gamma_esd    ? 
# 
_symmetry.entry_id                         1HUW 
_symmetry.space_group_name_H-M             'C 1 2 1' 
_symmetry.pdbx_full_space_group_name_H-M   ? 
_symmetry.cell_setting                     ? 
_symmetry.Int_Tables_number                5 
_symmetry.space_group_name_Hall            ? 
# 
_exptl.entry_id          1HUW 
_exptl.method            'X-RAY DIFFRACTION' 
_exptl.crystals_number   ? 
# 
_exptl_crystal.id                    1 
_exptl_crystal.density_meas          ? 
_exptl_crystal.density_Matthews      2.17 
_exptl_crystal.density_percent_sol   43.29 
_exptl_crystal.description           ? 
_exptl_crystal.F_000                 ? 
_exptl_crystal.preparation           ? 
# 
_diffrn.id                     1 
_diffrn.ambient_temp           ? 
_diffrn.ambient_temp_details   ? 
_diffrn.crystal_id             1 
# 
_diffrn_radiation.diffrn_id                        1 
_diffrn_radiation.wavelength_id                    1 
_diffrn_radiation.pdbx_monochromatic_or_laue_m_l   ? 
_diffrn_radiation.monochromator                    ? 
_diffrn_radiation.pdbx_diffrn_protocol             ? 
_diffrn_radiation.pdbx_scattering_type             x-ray 
# 
_diffrn_radiation_wavelength.id           1 
_diffrn_radiation_wavelength.wavelength   . 
_diffrn_radiation_wavelength.wt           1.0 
# 
_refine.entry_id                                 1HUW 
_refine.ls_number_reflns_obs                     ? 
_refine.ls_number_reflns_all                     ? 
_refine.pdbx_ls_sigma_I                          ? 
_refine.pdbx_ls_sigma_F                          2.0 
_refine.pdbx_data_cutoff_high_absF               ? 
_refine.pdbx_data_cutoff_low_absF                ? 
_refine.pdbx_data_cutoff_high_rms_absF           ? 
_refine.ls_d_res_low                             8.0 
_refine.ls_d_res_high                            2.0 
_refine.ls_percent_reflns_obs                    ? 
_refine.ls_R_factor_obs                          0.185 
_refine.ls_R_factor_all                          ? 
_refine.ls_R_factor_R_work                       0.185 
_refine.ls_R_factor_R_free                       ? 
_refine.ls_R_factor_R_free_error                 ? 
_refine.ls_R_factor_R_free_error_details         ? 
_refine.ls_percent_reflns_R_free                 ? 
_refine.ls_number_reflns_R_free                  ? 
_refine.ls_number_parameters                     ? 
_refine.ls_number_restraints                     ? 
_refine.occupancy_min                            ? 
_refine.occupancy_max                            ? 
_refine.B_iso_mean                               ? 
_refine.aniso_B[1][1]                            ? 
_refine.aniso_B[2][2]                            ? 
_refine.aniso_B[3][3]                            ? 
_refine.aniso_B[1][2]                            ? 
_refine.aniso_B[1][3]                            ? 
_refine.aniso_B[2][3]                            ? 
_refine.solvent_model_details                    ? 
_refine.solvent_model_param_ksol                 ? 
_refine.solvent_model_param_bsol                 ? 
_refine.pdbx_ls_cross_valid_method               ? 
_refine.details                                  ? 
_refine.pdbx_starting_model                      ? 
_refine.pdbx_method_to_determine_struct          ? 
_refine.pdbx_isotropic_thermal_model             ? 
_refine.pdbx_stereochemistry_target_values       ? 
_refine.pdbx_stereochem_target_val_spec_case     ? 
_refine.pdbx_R_Free_selection_details            ? 
_refine.pdbx_overall_ESU_R                       ? 
_refine.pdbx_overall_ESU_R_Free                  ? 
_refine.overall_SU_ML                            ? 
_refine.overall_SU_B                             ? 
_refine.pdbx_refine_id                           'X-RAY DIFFRACTION' 
_refine.ls_redundancy_reflns_obs                 ? 
_refine.pdbx_overall_phase_error                 ? 
_refine.B_iso_min                                ? 
_refine.B_iso_max                                ? 
_refine.correlation_coeff_Fo_to_Fc               ? 
_refine.correlation_coeff_Fo_to_Fc_free          ? 
_refine.pdbx_solvent_vdw_probe_radii             ? 
_refine.pdbx_solvent_ion_probe_radii             ? 
_refine.pdbx_solvent_shrinkage_radii             ? 
_refine.overall_SU_R_Cruickshank_DPI             ? 
_refine.overall_SU_R_free                        ? 
_refine.ls_wR_factor_R_free                      ? 
_refine.ls_wR_factor_R_work                      ? 
_refine.overall_FOM_free_R_set                   ? 
_refine.overall_FOM_work_R_set                   ? 
_refine.pdbx_diffrn_id                           1 
_refine.pdbx_TLS_residual_ADP_flag               ? 
_refine.pdbx_overall_SU_R_free_Cruickshank_DPI   ? 
_refine.pdbx_overall_SU_R_Blow_DPI               ? 
_refine.pdbx_overall_SU_R_free_Blow_DPI          ? 
# 
_refine_hist.pdbx_refine_id                   'X-RAY DIFFRACTION' 
_refine_hist.cycle_id                         LAST 
_refine_hist.pdbx_number_atoms_protein        1361 
_refine_hist.pdbx_number_atoms_nucleic_acid   0 
_refine_hist.pdbx_number_atoms_ligand         0 
_refine_hist.number_atoms_solvent             77 
_refine_hist.number_atoms_total               1438 
_refine_hist.d_res_high                       2.0 
_refine_hist.d_res_low                        8.0 
# 
loop_
_refine_ls_restr.type 
_refine_ls_restr.dev_ideal 
_refine_ls_restr.dev_ideal_target 
_refine_ls_restr.weight 
_refine_ls_restr.number 
_refine_ls_restr.pdbx_refine_id 
_refine_ls_restr.pdbx_restraint_function 
x_bond_d                0.012 ? ? ? 'X-RAY DIFFRACTION' ? 
x_bond_d_na             ?     ? ? ? 'X-RAY DIFFRACTION' ? 
x_bond_d_prot           ?     ? ? ? 'X-RAY DIFFRACTION' ? 
x_angle_d               ?     ? ? ? 'X-RAY DIFFRACTION' ? 
x_angle_d_na            ?     ? ? ? 'X-RAY DIFFRACTION' ? 
x_angle_d_prot          ?     ? ? ? 'X-RAY DIFFRACTION' ? 
x_angle_deg             2.63  ? ? ? 'X-RAY DIFFRACTION' ? 
x_angle_deg_na          ?     ? ? ? 'X-RAY DIFFRACTION' ? 
x_angle_deg_prot        ?     ? ? ? 'X-RAY DIFFRACTION' ? 
x_dihedral_angle_d      ?     ? ? ? 'X-RAY DIFFRACTION' ? 
x_dihedral_angle_d_na   ?     ? ? ? 'X-RAY DIFFRACTION' ? 
x_dihedral_angle_d_prot ?     ? ? ? 'X-RAY DIFFRACTION' ? 
x_improper_angle_d      ?     ? ? ? 'X-RAY DIFFRACTION' ? 
x_improper_angle_d_na   ?     ? ? ? 'X-RAY DIFFRACTION' ? 
x_improper_angle_d_prot ?     ? ? ? 'X-RAY DIFFRACTION' ? 
x_mcbond_it             ?     ? ? ? 'X-RAY DIFFRACTION' ? 
x_mcangle_it            ?     ? ? ? 'X-RAY DIFFRACTION' ? 
x_scbond_it             ?     ? ? ? 'X-RAY DIFFRACTION' ? 
x_scangle_it            ?     ? ? ? 'X-RAY DIFFRACTION' ? 
# 
_struct.entry_id                  1HUW 
_struct.title                     'THE CRYSTAL STRUCTURE OF AFFINITY-MATURED HUMAN GROWTH HORMONE AT 2 ANGSTROMS RESOLUTION' 
_struct.pdbx_model_details        ? 
_struct.pdbx_CASP_flag            ? 
_struct.pdbx_model_type_details   ? 
# 
_struct_keywords.entry_id        1HUW 
_struct_keywords.pdbx_keywords   HORMONE 
_struct_keywords.text            HORMONE 
# 
loop_
_struct_asym.id 
_struct_asym.pdbx_blank_PDB_chainid_flag 
_struct_asym.pdbx_modified 
_struct_asym.entity_id 
_struct_asym.details 
A N N 1 ? 
B N N 2 ? 
# 
_struct_ref.id                         1 
_struct_ref.db_name                    UNP 
_struct_ref.db_code                    SOMA_HUMAN 
_struct_ref.pdbx_db_accession          P01241 
_struct_ref.entity_id                  1 
_struct_ref.pdbx_align_begin           27 
_struct_ref.pdbx_seq_one_letter_code   ? 
_struct_ref.pdbx_db_isoform            ? 
# 
_struct_ref_seq.align_id                      1 
_struct_ref_seq.ref_id                        1 
_struct_ref_seq.pdbx_PDB_id_code              1HUW 
_struct_ref_seq.pdbx_strand_id                A 
_struct_ref_seq.seq_align_beg                 1 
_struct_ref_seq.pdbx_seq_align_beg_ins_code   ? 
_struct_ref_seq.seq_align_end                 191 
_struct_ref_seq.pdbx_seq_align_end_ins_code   ? 
_struct_ref_seq.pdbx_db_accession             P01241 
_struct_ref_seq.db_align_beg                  27 
_struct_ref_seq.pdbx_db_align_beg_ins_code    ? 
_struct_ref_seq.db_align_end                  217 
_struct_ref_seq.pdbx_db_align_end_ins_code    ? 
_struct_ref_seq.pdbx_auth_seq_align_beg       1 
_struct_ref_seq.pdbx_auth_seq_align_end       191 
# 
loop_
_struct_ref_seq_dif.align_id 
_struct_ref_seq_dif.pdbx_pdb_id_code 
_struct_ref_seq_dif.mon_id 
_struct_ref_seq_dif.pdbx_pdb_strand_id 
_struct_ref_seq_dif.seq_num 
_struct_ref_seq_dif.pdbx_pdb_ins_code 
_struct_ref_seq_dif.pdbx_seq_db_name 
_struct_ref_seq_dif.pdbx_seq_db_accession_code 
_struct_ref_seq_dif.db_mon_id 
_struct_ref_seq_dif.pdbx_seq_db_seq_num 
_struct_ref_seq_dif.details 
_struct_ref_seq_dif.pdbx_auth_seq_num 
_struct_ref_seq_dif.pdbx_ordinal 
1 1HUW ALA A 10  ? UNP P01241 PHE 36  'engineered mutation' 10  1  
1 1HUW TRP A 14  ? UNP P01241 MET 40  'engineered mutation' 14  2  
1 1HUW ASP A 18  ? UNP P01241 HIS 44  'engineered mutation' 18  3  
1 1HUW ASN A 21  ? UNP P01241 HIS 47  'engineered mutation' 21  4  
1 1HUW ILE A 41  ? UNP P01241 LYS 67  'engineered mutation' 41  5  
1 1HUW HIS A 42  ? UNP P01241 TYR 68  'engineered mutation' 42  6  
1 1HUW TRP A 45  ? UNP P01241 LEU 71  'engineered mutation' 45  7  
1 1HUW TRP A 46  ? UNP P01241 GLN 72  'engineered mutation' 46  8  
1 1HUW PRO A 54  ? UNP P01241 PHE 80  'engineered mutation' 54  9  
1 1HUW LYS A 64  ? UNP P01241 ARG 90  'engineered mutation' 64  10 
1 1HUW ASN A 167 ? UNP P01241 ARG 193 'engineered mutation' 167 11 
1 1HUW SER A 171 ? UNP P01241 ASP 197 'engineered mutation' 171 12 
1 1HUW SER A 174 ? UNP P01241 GLU 200 'engineered mutation' 174 13 
1 1HUW TYR A 176 ? UNP P01241 PHE 202 'engineered mutation' 176 14 
1 1HUW THR A 179 ? UNP P01241 ILE 205 'engineered mutation' 179 15 
# 
_pdbx_struct_assembly.id                   1 
_pdbx_struct_assembly.details              author_defined_assembly 
_pdbx_struct_assembly.method_details       ? 
_pdbx_struct_assembly.oligomeric_details   dimeric 
_pdbx_struct_assembly.oligomeric_count     2 
# 
_pdbx_struct_assembly_gen.assembly_id       1 
_pdbx_struct_assembly_gen.oper_expression   1,2 
_pdbx_struct_assembly_gen.asym_id_list      A,B 
# 
loop_
_pdbx_struct_oper_list.id 
_pdbx_struct_oper_list.type 
_pdbx_struct_oper_list.name 
_pdbx_struct_oper_list.symmetry_operation 
_pdbx_struct_oper_list.matrix[1][1] 
_pdbx_struct_oper_list.matrix[1][2] 
_pdbx_struct_oper_list.matrix[1][3] 
_pdbx_struct_oper_list.vector[1] 
_pdbx_struct_oper_list.matrix[2][1] 
_pdbx_struct_oper_list.matrix[2][2] 
_pdbx_struct_oper_list.matrix[2][3] 
_pdbx_struct_oper_list.vector[2] 
_pdbx_struct_oper_list.matrix[3][1] 
_pdbx_struct_oper_list.matrix[3][2] 
_pdbx_struct_oper_list.matrix[3][3] 
_pdbx_struct_oper_list.vector[3] 
1 'identity operation'         1_555 x,y,z       1.0000000000  0.0000000000  0.0000000000 0.0000000000   0.0000000000  1.0000000000  0.0000000000  0.0000000000   0.0000000000 0.0000000000  1.0000000000 0.0000000000   
2 'crystal symmetry operation' 2_454 -x-1,y,-z-1 -0.9975351334 -0.0356578583 0.0604332254 -15.5321464279 -0.0356578583 -0.4841575310 -0.8742539690 -19.6752757124 0.0604332254 -0.8742539690 0.4816926644 -10.9756433084 
# 
_struct_biol.id        1 
_struct_biol.details   ? 
# 
loop_
_struct_conf.conf_type_id 
_struct_conf.id 
_struct_conf.pdbx_PDB_helix_id 
_struct_conf.beg_label_comp_id 
_struct_conf.beg_label_asym_id 
_struct_conf.beg_label_seq_id 
_struct_conf.pdbx_beg_PDB_ins_code 
_struct_conf.end_label_comp_id 
_struct_conf.end_label_asym_id 
_struct_conf.end_label_seq_id 
_struct_conf.pdbx_end_PDB_ins_code 
_struct_conf.beg_auth_comp_id 
_struct_conf.beg_auth_asym_id 
_struct_conf.beg_auth_seq_id 
_struct_conf.end_auth_comp_id 
_struct_conf.end_auth_asym_id 
_struct_conf.end_auth_seq_id 
_struct_conf.pdbx_PDB_helix_class 
_struct_conf.details 
_struct_conf.pdbx_PDB_helix_length 
HELX_P HELX_P1 A LEU A 6   ? TYR A 35  ? LEU A 6   TYR A 35  1 ? 30 
HELX_P HELX_P2 B LYS A 38  ? TRP A 46  ? LYS A 38  TRP A 46  1 ? 9  
HELX_P HELX_P3 C LYS A 64  ? GLN A 69  ? LYS A 64  GLN A 69  1 ? 6  
HELX_P HELX_P4 D ASN A 72  ? PHE A 92  ? ASN A 72  PHE A 92  1 ? 21 
HELX_P HELX_P5 E ARG A 94  ? SER A 100 ? ARG A 94  SER A 100 1 ? 7  
HELX_P HELX_P6 F TYR A 111 ? LEU A 128 ? TYR A 111 LEU A 128 1 ? 18 
HELX_P HELX_P7 G ALA A 155 ? SER A 184 ? ALA A 155 SER A 184 1 ? 30 
# 
_struct_conf_type.id          HELX_P 
_struct_conf_type.criteria    ? 
_struct_conf_type.reference   ? 
# 
loop_
_struct_conn.id 
_struct_conn.conn_type_id 
_struct_conn.pdbx_leaving_atom_flag 
_struct_conn.pdbx_PDB_id 
_struct_conn.ptnr1_label_asym_id 
_struct_conn.ptnr1_label_comp_id 
_struct_conn.ptnr1_label_seq_id 
_struct_conn.ptnr1_label_atom_id 
_struct_conn.pdbx_ptnr1_label_alt_id 
_struct_conn.pdbx_ptnr1_PDB_ins_code 
_struct_conn.pdbx_ptnr1_standard_comp_id 
_struct_conn.ptnr1_symmetry 
_struct_conn.ptnr2_label_asym_id 
_struct_conn.ptnr2_label_comp_id 
_struct_conn.ptnr2_label_seq_id 
_struct_conn.ptnr2_label_atom_id 
_struct_conn.pdbx_ptnr2_label_alt_id 
_struct_conn.pdbx_ptnr2_PDB_ins_code 
_struct_conn.ptnr1_auth_asym_id 
_struct_conn.ptnr1_auth_comp_id 
_struct_conn.ptnr1_auth_seq_id 
_struct_conn.ptnr2_auth_asym_id 
_struct_conn.ptnr2_auth_comp_id 
_struct_conn.ptnr2_auth_seq_id 
_struct_conn.ptnr2_symmetry 
_struct_conn.pdbx_ptnr3_label_atom_id 
_struct_conn.pdbx_ptnr3_label_seq_id 
_struct_conn.pdbx_ptnr3_label_comp_id 
_struct_conn.pdbx_ptnr3_label_asym_id 
_struct_conn.pdbx_ptnr3_label_alt_id 
_struct_conn.pdbx_ptnr3_PDB_ins_code 
_struct_conn.details 
_struct_conn.pdbx_dist_value 
_struct_conn.pdbx_value_order 
_struct_conn.pdbx_role 
disulf1 disulf ? ? A CYS 53  SG ? ? ? 1_555 A CYS 165 SG ? ? A CYS 53  A CYS 165 1_555 ? ? ? ? ? ? ? 1.997 ? ? 
disulf2 disulf ? ? A CYS 182 SG ? ? ? 1_555 A CYS 189 SG ? ? A CYS 182 A CYS 189 1_555 ? ? ? ? ? ? ? 2.016 ? ? 
# 
_struct_conn_type.id          disulf 
_struct_conn_type.criteria    ? 
_struct_conn_type.reference   ? 
# 
loop_
_pdbx_modification_feature.ordinal 
_pdbx_modification_feature.label_comp_id 
_pdbx_modification_feature.label_asym_id 
_pdbx_modification_feature.label_seq_id 
_pdbx_modification_feature.label_alt_id 
_pdbx_modification_feature.modified_residue_label_comp_id 
_pdbx_modification_feature.modified_residue_label_asym_id 
_pdbx_modification_feature.modified_residue_label_seq_id 
_pdbx_modification_feature.modified_residue_label_alt_id 
_pdbx_modification_feature.auth_comp_id 
_pdbx_modification_feature.auth_asym_id 
_pdbx_modification_feature.auth_seq_id 
_pdbx_modification_feature.PDB_ins_code 
_pdbx_modification_feature.symmetry 
_pdbx_modification_feature.modified_residue_auth_comp_id 
_pdbx_modification_feature.modified_residue_auth_asym_id 
_pdbx_modification_feature.modified_residue_auth_seq_id 
_pdbx_modification_feature.modified_residue_PDB_ins_code 
_pdbx_modification_feature.modified_residue_symmetry 
_pdbx_modification_feature.comp_id_linking_atom 
_pdbx_modification_feature.modified_residue_id_linking_atom 
_pdbx_modification_feature.modified_residue_id 
_pdbx_modification_feature.ref_pcm_id 
_pdbx_modification_feature.ref_comp_id 
_pdbx_modification_feature.type 
_pdbx_modification_feature.category 
1 CYS A 53  ? CYS A 165 ? CYS A 53  ? 1_555 CYS A 165 ? 1_555 SG SG . . . None 'Disulfide bridge' 
2 CYS A 182 ? CYS A 189 ? CYS A 182 ? 1_555 CYS A 189 ? 1_555 SG SG . . . None 'Disulfide bridge' 
# 
_pdbx_entry_details.entry_id                   1HUW 
_pdbx_entry_details.compound_details           ? 
_pdbx_entry_details.source_details             ? 
_pdbx_entry_details.nonpolymer_details         ? 
_pdbx_entry_details.sequence_details           ? 
_pdbx_entry_details.has_ligand_of_interest     ? 
_pdbx_entry_details.has_protein_modification   Y 
# 
_pdbx_validate_rmsd_bond.id                        1 
_pdbx_validate_rmsd_bond.PDB_model_num             1 
_pdbx_validate_rmsd_bond.auth_atom_id_1            NE2 
_pdbx_validate_rmsd_bond.auth_asym_id_1            A 
_pdbx_validate_rmsd_bond.auth_comp_id_1            HIS 
_pdbx_validate_rmsd_bond.auth_seq_id_1             42 
_pdbx_validate_rmsd_bond.PDB_ins_code_1            ? 
_pdbx_validate_rmsd_bond.label_alt_id_1            ? 
_pdbx_validate_rmsd_bond.auth_atom_id_2            CD2 
_pdbx_validate_rmsd_bond.auth_asym_id_2            A 
_pdbx_validate_rmsd_bond.auth_comp_id_2            HIS 
_pdbx_validate_rmsd_bond.auth_seq_id_2             42 
_pdbx_validate_rmsd_bond.PDB_ins_code_2            ? 
_pdbx_validate_rmsd_bond.label_alt_id_2            ? 
_pdbx_validate_rmsd_bond.bond_value                1.306 
_pdbx_validate_rmsd_bond.bond_target_value         1.373 
_pdbx_validate_rmsd_bond.bond_deviation            -0.067 
_pdbx_validate_rmsd_bond.bond_standard_deviation   0.011 
_pdbx_validate_rmsd_bond.linker_flag               N 
# 
loop_
_pdbx_validate_rmsd_angle.id 
_pdbx_validate_rmsd_angle.PDB_model_num 
_pdbx_validate_rmsd_angle.auth_atom_id_1 
_pdbx_validate_rmsd_angle.auth_asym_id_1 
_pdbx_validate_rmsd_angle.auth_comp_id_1 
_pdbx_validate_rmsd_angle.auth_seq_id_1 
_pdbx_validate_rmsd_angle.PDB_ins_code_1 
_pdbx_validate_rmsd_angle.label_alt_id_1 
_pdbx_validate_rmsd_angle.auth_atom_id_2 
_pdbx_validate_rmsd_angle.auth_asym_id_2 
_pdbx_validate_rmsd_angle.auth_comp_id_2 
_pdbx_validate_rmsd_angle.auth_seq_id_2 
_pdbx_validate_rmsd_angle.PDB_ins_code_2 
_pdbx_validate_rmsd_angle.label_alt_id_2 
_pdbx_validate_rmsd_angle.auth_atom_id_3 
_pdbx_validate_rmsd_angle.auth_asym_id_3 
_pdbx_validate_rmsd_angle.auth_comp_id_3 
_pdbx_validate_rmsd_angle.auth_seq_id_3 
_pdbx_validate_rmsd_angle.PDB_ins_code_3 
_pdbx_validate_rmsd_angle.label_alt_id_3 
_pdbx_validate_rmsd_angle.angle_value 
_pdbx_validate_rmsd_angle.angle_target_value 
_pdbx_validate_rmsd_angle.angle_deviation 
_pdbx_validate_rmsd_angle.angle_standard_deviation 
_pdbx_validate_rmsd_angle.linker_flag 
1  1 CD1 A TRP 14  ? ? CG  A TRP 14  ? ? CD2 A TRP 14  ? ? 112.04 106.30 5.74  0.80 N 
2  1 CE2 A TRP 14  ? ? CD2 A TRP 14  ? ? CG  A TRP 14  ? ? 101.82 107.30 -5.48 0.80 N 
3  1 NE  A ARG 16  ? ? CZ  A ARG 16  ? ? NH2 A ARG 16  ? ? 116.48 120.30 -3.82 0.50 N 
4  1 CD1 A TRP 45  ? ? CG  A TRP 45  ? ? CD2 A TRP 45  ? ? 112.25 106.30 5.95  0.80 N 
5  1 CE2 A TRP 45  ? ? CD2 A TRP 45  ? ? CG  A TRP 45  ? ? 101.72 107.30 -5.58 0.80 N 
6  1 CD1 A TRP 46  ? ? CG  A TRP 46  ? ? CD2 A TRP 46  ? ? 111.67 106.30 5.37  0.80 N 
7  1 CD1 A TRP 86  ? ? CG  A TRP 86  ? ? CD2 A TRP 86  ? ? 114.70 106.30 8.40  0.80 N 
8  1 CG  A TRP 86  ? ? CD1 A TRP 86  ? ? NE1 A TRP 86  ? ? 103.53 110.10 -6.57 1.00 N 
9  1 CE2 A TRP 86  ? ? CD2 A TRP 86  ? ? CG  A TRP 86  ? ? 100.39 107.30 -6.91 0.80 N 
10 1 NE  A ARG 127 ? ? CZ  A ARG 127 ? ? NH1 A ARG 127 ? ? 125.61 120.30 5.31  0.50 N 
11 1 NE  A ARG 127 ? ? CZ  A ARG 127 ? ? NH2 A ARG 127 ? ? 115.33 120.30 -4.97 0.50 N 
12 1 CA  A CYS 165 ? ? CB  A CYS 165 ? ? SG  A CYS 165 ? ? 121.00 114.20 6.80  1.10 N 
13 1 NE  A ARG 183 ? ? CZ  A ARG 183 ? ? NH2 A ARG 183 ? ? 115.96 120.30 -4.34 0.50 N 
# 
loop_
_pdbx_validate_torsion.id 
_pdbx_validate_torsion.PDB_model_num 
_pdbx_validate_torsion.auth_comp_id 
_pdbx_validate_torsion.auth_asym_id 
_pdbx_validate_torsion.auth_seq_id 
_pdbx_validate_torsion.PDB_ins_code 
_pdbx_validate_torsion.label_alt_id 
_pdbx_validate_torsion.phi 
_pdbx_validate_torsion.psi 
1 1 SER A 184 ? ? -88.44  -150.44 
2 1 SER A 188 ? ? -179.34 61.51   
# 
loop_
_pdbx_unobs_or_zero_occ_residues.id 
_pdbx_unobs_or_zero_occ_residues.PDB_model_num 
_pdbx_unobs_or_zero_occ_residues.polymer_flag 
_pdbx_unobs_or_zero_occ_residues.occupancy_flag 
_pdbx_unobs_or_zero_occ_residues.auth_asym_id 
_pdbx_unobs_or_zero_occ_residues.auth_comp_id 
_pdbx_unobs_or_zero_occ_residues.auth_seq_id 
_pdbx_unobs_or_zero_occ_residues.PDB_ins_code 
_pdbx_unobs_or_zero_occ_residues.label_asym_id 
_pdbx_unobs_or_zero_occ_residues.label_comp_id 
_pdbx_unobs_or_zero_occ_residues.label_seq_id 
1  1 Y 1 A ASP 130 ? A ASP 130 
2  1 Y 1 A GLY 131 ? A GLY 131 
3  1 Y 1 A SER 132 ? A SER 132 
4  1 Y 1 A PRO 133 ? A PRO 133 
5  1 Y 1 A ARG 134 ? A ARG 134 
6  1 Y 1 A THR 135 ? A THR 135 
7  1 Y 1 A GLY 136 ? A GLY 136 
8  1 Y 1 A GLN 137 ? A GLN 137 
9  1 Y 1 A ILE 138 ? A ILE 138 
10 1 Y 1 A PHE 139 ? A PHE 139 
11 1 Y 1 A LYS 140 ? A LYS 140 
12 1 Y 1 A GLN 141 ? A GLN 141 
13 1 Y 1 A THR 142 ? A THR 142 
14 1 Y 1 A TYR 143 ? A TYR 143 
15 1 Y 1 A SER 144 ? A SER 144 
16 1 Y 1 A LYS 145 ? A LYS 145 
17 1 Y 1 A PHE 146 ? A PHE 146 
18 1 Y 1 A ASP 147 ? A ASP 147 
19 1 Y 1 A THR 148 ? A THR 148 
20 1 Y 1 A ASN 149 ? A ASN 149 
21 1 Y 1 A SER 150 ? A SER 150 
22 1 Y 1 A HIS 151 ? A HIS 151 
23 1 Y 1 A ASN 152 ? A ASN 152 
24 1 Y 1 A ASP 153 ? A ASP 153 
25 1 Y 1 A ASP 154 ? A ASP 154 
# 
loop_
_chem_comp_atom.comp_id 
_chem_comp_atom.atom_id 
_chem_comp_atom.type_symbol 
_chem_comp_atom.pdbx_aromatic_flag 
_chem_comp_atom.pdbx_stereo_config 
_chem_comp_atom.pdbx_ordinal 
ALA N    N N N 1   
ALA CA   C N S 2   
ALA C    C N N 3   
ALA O    O N N 4   
ALA CB   C N N 5   
ALA OXT  O N N 6   
ALA H    H N N 7   
ALA H2   H N N 8   
ALA HA   H N N 9   
ALA HB1  H N N 10  
ALA HB2  H N N 11  
ALA HB3  H N N 12  
ALA HXT  H N N 13  
ARG N    N N N 14  
ARG CA   C N S 15  
ARG C    C N N 16  
ARG O    O N N 17  
ARG CB   C N N 18  
ARG CG   C N N 19  
ARG CD   C N N 20  
ARG NE   N N N 21  
ARG CZ   C N N 22  
ARG NH1  N N N 23  
ARG NH2  N N N 24  
ARG OXT  O N N 25  
ARG H    H N N 26  
ARG H2   H N N 27  
ARG HA   H N N 28  
ARG HB2  H N N 29  
ARG HB3  H N N 30  
ARG HG2  H N N 31  
ARG HG3  H N N 32  
ARG HD2  H N N 33  
ARG HD3  H N N 34  
ARG HE   H N N 35  
ARG HH11 H N N 36  
ARG HH12 H N N 37  
ARG HH21 H N N 38  
ARG HH22 H N N 39  
ARG HXT  H N N 40  
ASN N    N N N 41  
ASN CA   C N S 42  
ASN C    C N N 43  
ASN O    O N N 44  
ASN CB   C N N 45  
ASN CG   C N N 46  
ASN OD1  O N N 47  
ASN ND2  N N N 48  
ASN OXT  O N N 49  
ASN H    H N N 50  
ASN H2   H N N 51  
ASN HA   H N N 52  
ASN HB2  H N N 53  
ASN HB3  H N N 54  
ASN HD21 H N N 55  
ASN HD22 H N N 56  
ASN HXT  H N N 57  
ASP N    N N N 58  
ASP CA   C N S 59  
ASP C    C N N 60  
ASP O    O N N 61  
ASP CB   C N N 62  
ASP CG   C N N 63  
ASP OD1  O N N 64  
ASP OD2  O N N 65  
ASP OXT  O N N 66  
ASP H    H N N 67  
ASP H2   H N N 68  
ASP HA   H N N 69  
ASP HB2  H N N 70  
ASP HB3  H N N 71  
ASP HD2  H N N 72  
ASP HXT  H N N 73  
CYS N    N N N 74  
CYS CA   C N R 75  
CYS C    C N N 76  
CYS O    O N N 77  
CYS CB   C N N 78  
CYS SG   S N N 79  
CYS OXT  O N N 80  
CYS H    H N N 81  
CYS H2   H N N 82  
CYS HA   H N N 83  
CYS HB2  H N N 84  
CYS HB3  H N N 85  
CYS HG   H N N 86  
CYS HXT  H N N 87  
GLN N    N N N 88  
GLN CA   C N S 89  
GLN C    C N N 90  
GLN O    O N N 91  
GLN CB   C N N 92  
GLN CG   C N N 93  
GLN CD   C N N 94  
GLN OE1  O N N 95  
GLN NE2  N N N 96  
GLN OXT  O N N 97  
GLN H    H N N 98  
GLN H2   H N N 99  
GLN HA   H N N 100 
GLN HB2  H N N 101 
GLN HB3  H N N 102 
GLN HG2  H N N 103 
GLN HG3  H N N 104 
GLN HE21 H N N 105 
GLN HE22 H N N 106 
GLN HXT  H N N 107 
GLU N    N N N 108 
GLU CA   C N S 109 
GLU C    C N N 110 
GLU O    O N N 111 
GLU CB   C N N 112 
GLU CG   C N N 113 
GLU CD   C N N 114 
GLU OE1  O N N 115 
GLU OE2  O N N 116 
GLU OXT  O N N 117 
GLU H    H N N 118 
GLU H2   H N N 119 
GLU HA   H N N 120 
GLU HB2  H N N 121 
GLU HB3  H N N 122 
GLU HG2  H N N 123 
GLU HG3  H N N 124 
GLU HE2  H N N 125 
GLU HXT  H N N 126 
GLY N    N N N 127 
GLY CA   C N N 128 
GLY C    C N N 129 
GLY O    O N N 130 
GLY OXT  O N N 131 
GLY H    H N N 132 
GLY H2   H N N 133 
GLY HA2  H N N 134 
GLY HA3  H N N 135 
GLY HXT  H N N 136 
HIS N    N N N 137 
HIS CA   C N S 138 
HIS C    C N N 139 
HIS O    O N N 140 
HIS CB   C N N 141 
HIS CG   C Y N 142 
HIS ND1  N Y N 143 
HIS CD2  C Y N 144 
HIS CE1  C Y N 145 
HIS NE2  N Y N 146 
HIS OXT  O N N 147 
HIS H    H N N 148 
HIS H2   H N N 149 
HIS HA   H N N 150 
HIS HB2  H N N 151 
HIS HB3  H N N 152 
HIS HD1  H N N 153 
HIS HD2  H N N 154 
HIS HE1  H N N 155 
HIS HE2  H N N 156 
HIS HXT  H N N 157 
HOH O    O N N 158 
HOH H1   H N N 159 
HOH H2   H N N 160 
ILE N    N N N 161 
ILE CA   C N S 162 
ILE C    C N N 163 
ILE O    O N N 164 
ILE CB   C N S 165 
ILE CG1  C N N 166 
ILE CG2  C N N 167 
ILE CD1  C N N 168 
ILE OXT  O N N 169 
ILE H    H N N 170 
ILE H2   H N N 171 
ILE HA   H N N 172 
ILE HB   H N N 173 
ILE HG12 H N N 174 
ILE HG13 H N N 175 
ILE HG21 H N N 176 
ILE HG22 H N N 177 
ILE HG23 H N N 178 
ILE HD11 H N N 179 
ILE HD12 H N N 180 
ILE HD13 H N N 181 
ILE HXT  H N N 182 
LEU N    N N N 183 
LEU CA   C N S 184 
LEU C    C N N 185 
LEU O    O N N 186 
LEU CB   C N N 187 
LEU CG   C N N 188 
LEU CD1  C N N 189 
LEU CD2  C N N 190 
LEU OXT  O N N 191 
LEU H    H N N 192 
LEU H2   H N N 193 
LEU HA   H N N 194 
LEU HB2  H N N 195 
LEU HB3  H N N 196 
LEU HG   H N N 197 
LEU HD11 H N N 198 
LEU HD12 H N N 199 
LEU HD13 H N N 200 
LEU HD21 H N N 201 
LEU HD22 H N N 202 
LEU HD23 H N N 203 
LEU HXT  H N N 204 
LYS N    N N N 205 
LYS CA   C N S 206 
LYS C    C N N 207 
LYS O    O N N 208 
LYS CB   C N N 209 
LYS CG   C N N 210 
LYS CD   C N N 211 
LYS CE   C N N 212 
LYS NZ   N N N 213 
LYS OXT  O N N 214 
LYS H    H N N 215 
LYS H2   H N N 216 
LYS HA   H N N 217 
LYS HB2  H N N 218 
LYS HB3  H N N 219 
LYS HG2  H N N 220 
LYS HG3  H N N 221 
LYS HD2  H N N 222 
LYS HD3  H N N 223 
LYS HE2  H N N 224 
LYS HE3  H N N 225 
LYS HZ1  H N N 226 
LYS HZ2  H N N 227 
LYS HZ3  H N N 228 
LYS HXT  H N N 229 
MET N    N N N 230 
MET CA   C N S 231 
MET C    C N N 232 
MET O    O N N 233 
MET CB   C N N 234 
MET CG   C N N 235 
MET SD   S N N 236 
MET CE   C N N 237 
MET OXT  O N N 238 
MET H    H N N 239 
MET H2   H N N 240 
MET HA   H N N 241 
MET HB2  H N N 242 
MET HB3  H N N 243 
MET HG2  H N N 244 
MET HG3  H N N 245 
MET HE1  H N N 246 
MET HE2  H N N 247 
MET HE3  H N N 248 
MET HXT  H N N 249 
PHE N    N N N 250 
PHE CA   C N S 251 
PHE C    C N N 252 
PHE O    O N N 253 
PHE CB   C N N 254 
PHE CG   C Y N 255 
PHE CD1  C Y N 256 
PHE CD2  C Y N 257 
PHE CE1  C Y N 258 
PHE CE2  C Y N 259 
PHE CZ   C Y N 260 
PHE OXT  O N N 261 
PHE H    H N N 262 
PHE H2   H N N 263 
PHE HA   H N N 264 
PHE HB2  H N N 265 
PHE HB3  H N N 266 
PHE HD1  H N N 267 
PHE HD2  H N N 268 
PHE HE1  H N N 269 
PHE HE2  H N N 270 
PHE HZ   H N N 271 
PHE HXT  H N N 272 
PRO N    N N N 273 
PRO CA   C N S 274 
PRO C    C N N 275 
PRO O    O N N 276 
PRO CB   C N N 277 
PRO CG   C N N 278 
PRO CD   C N N 279 
PRO OXT  O N N 280 
PRO H    H N N 281 
PRO HA   H N N 282 
PRO HB2  H N N 283 
PRO HB3  H N N 284 
PRO HG2  H N N 285 
PRO HG3  H N N 286 
PRO HD2  H N N 287 
PRO HD3  H N N 288 
PRO HXT  H N N 289 
SER N    N N N 290 
SER CA   C N S 291 
SER C    C N N 292 
SER O    O N N 293 
SER CB   C N N 294 
SER OG   O N N 295 
SER OXT  O N N 296 
SER H    H N N 297 
SER H2   H N N 298 
SER HA   H N N 299 
SER HB2  H N N 300 
SER HB3  H N N 301 
SER HG   H N N 302 
SER HXT  H N N 303 
THR N    N N N 304 
THR CA   C N S 305 
THR C    C N N 306 
THR O    O N N 307 
THR CB   C N R 308 
THR OG1  O N N 309 
THR CG2  C N N 310 
THR OXT  O N N 311 
THR H    H N N 312 
THR H2   H N N 313 
THR HA   H N N 314 
THR HB   H N N 315 
THR HG1  H N N 316 
THR HG21 H N N 317 
THR HG22 H N N 318 
THR HG23 H N N 319 
THR HXT  H N N 320 
TRP N    N N N 321 
TRP CA   C N S 322 
TRP C    C N N 323 
TRP O    O N N 324 
TRP CB   C N N 325 
TRP CG   C Y N 326 
TRP CD1  C Y N 327 
TRP CD2  C Y N 328 
TRP NE1  N Y N 329 
TRP CE2  C Y N 330 
TRP CE3  C Y N 331 
TRP CZ2  C Y N 332 
TRP CZ3  C Y N 333 
TRP CH2  C Y N 334 
TRP OXT  O N N 335 
TRP H    H N N 336 
TRP H2   H N N 337 
TRP HA   H N N 338 
TRP HB2  H N N 339 
TRP HB3  H N N 340 
TRP HD1  H N N 341 
TRP HE1  H N N 342 
TRP HE3  H N N 343 
TRP HZ2  H N N 344 
TRP HZ3  H N N 345 
TRP HH2  H N N 346 
TRP HXT  H N N 347 
TYR N    N N N 348 
TYR CA   C N S 349 
TYR C    C N N 350 
TYR O    O N N 351 
TYR CB   C N N 352 
TYR CG   C Y N 353 
TYR CD1  C Y N 354 
TYR CD2  C Y N 355 
TYR CE1  C Y N 356 
TYR CE2  C Y N 357 
TYR CZ   C Y N 358 
TYR OH   O N N 359 
TYR OXT  O N N 360 
TYR H    H N N 361 
TYR H2   H N N 362 
TYR HA   H N N 363 
TYR HB2  H N N 364 
TYR HB3  H N N 365 
TYR HD1  H N N 366 
TYR HD2  H N N 367 
TYR HE1  H N N 368 
TYR HE2  H N N 369 
TYR HH   H N N 370 
TYR HXT  H N N 371 
VAL N    N N N 372 
VAL CA   C N S 373 
VAL C    C N N 374 
VAL O    O N N 375 
VAL CB   C N N 376 
VAL CG1  C N N 377 
VAL CG2  C N N 378 
VAL OXT  O N N 379 
VAL H    H N N 380 
VAL H2   H N N 381 
VAL HA   H N N 382 
VAL HB   H N N 383 
VAL HG11 H N N 384 
VAL HG12 H N N 385 
VAL HG13 H N N 386 
VAL HG21 H N N 387 
VAL HG22 H N N 388 
VAL HG23 H N N 389 
VAL HXT  H N N 390 
# 
loop_
_chem_comp_bond.comp_id 
_chem_comp_bond.atom_id_1 
_chem_comp_bond.atom_id_2 
_chem_comp_bond.value_order 
_chem_comp_bond.pdbx_aromatic_flag 
_chem_comp_bond.pdbx_stereo_config 
_chem_comp_bond.pdbx_ordinal 
ALA N   CA   sing N N 1   
ALA N   H    sing N N 2   
ALA N   H2   sing N N 3   
ALA CA  C    sing N N 4   
ALA CA  CB   sing N N 5   
ALA CA  HA   sing N N 6   
ALA C   O    doub N N 7   
ALA C   OXT  sing N N 8   
ALA CB  HB1  sing N N 9   
ALA CB  HB2  sing N N 10  
ALA CB  HB3  sing N N 11  
ALA OXT HXT  sing N N 12  
ARG N   CA   sing N N 13  
ARG N   H    sing N N 14  
ARG N   H2   sing N N 15  
ARG CA  C    sing N N 16  
ARG CA  CB   sing N N 17  
ARG CA  HA   sing N N 18  
ARG C   O    doub N N 19  
ARG C   OXT  sing N N 20  
ARG CB  CG   sing N N 21  
ARG CB  HB2  sing N N 22  
ARG CB  HB3  sing N N 23  
ARG CG  CD   sing N N 24  
ARG CG  HG2  sing N N 25  
ARG CG  HG3  sing N N 26  
ARG CD  NE   sing N N 27  
ARG CD  HD2  sing N N 28  
ARG CD  HD3  sing N N 29  
ARG NE  CZ   sing N N 30  
ARG NE  HE   sing N N 31  
ARG CZ  NH1  sing N N 32  
ARG CZ  NH2  doub N N 33  
ARG NH1 HH11 sing N N 34  
ARG NH1 HH12 sing N N 35  
ARG NH2 HH21 sing N N 36  
ARG NH2 HH22 sing N N 37  
ARG OXT HXT  sing N N 38  
ASN N   CA   sing N N 39  
ASN N   H    sing N N 40  
ASN N   H2   sing N N 41  
ASN CA  C    sing N N 42  
ASN CA  CB   sing N N 43  
ASN CA  HA   sing N N 44  
ASN C   O    doub N N 45  
ASN C   OXT  sing N N 46  
ASN CB  CG   sing N N 47  
ASN CB  HB2  sing N N 48  
ASN CB  HB3  sing N N 49  
ASN CG  OD1  doub N N 50  
ASN CG  ND2  sing N N 51  
ASN ND2 HD21 sing N N 52  
ASN ND2 HD22 sing N N 53  
ASN OXT HXT  sing N N 54  
ASP N   CA   sing N N 55  
ASP N   H    sing N N 56  
ASP N   H2   sing N N 57  
ASP CA  C    sing N N 58  
ASP CA  CB   sing N N 59  
ASP CA  HA   sing N N 60  
ASP C   O    doub N N 61  
ASP C   OXT  sing N N 62  
ASP CB  CG   sing N N 63  
ASP CB  HB2  sing N N 64  
ASP CB  HB3  sing N N 65  
ASP CG  OD1  doub N N 66  
ASP CG  OD2  sing N N 67  
ASP OD2 HD2  sing N N 68  
ASP OXT HXT  sing N N 69  
CYS N   CA   sing N N 70  
CYS N   H    sing N N 71  
CYS N   H2   sing N N 72  
CYS CA  C    sing N N 73  
CYS CA  CB   sing N N 74  
CYS CA  HA   sing N N 75  
CYS C   O    doub N N 76  
CYS C   OXT  sing N N 77  
CYS CB  SG   sing N N 78  
CYS CB  HB2  sing N N 79  
CYS CB  HB3  sing N N 80  
CYS SG  HG   sing N N 81  
CYS OXT HXT  sing N N 82  
GLN N   CA   sing N N 83  
GLN N   H    sing N N 84  
GLN N   H2   sing N N 85  
GLN CA  C    sing N N 86  
GLN CA  CB   sing N N 87  
GLN CA  HA   sing N N 88  
GLN C   O    doub N N 89  
GLN C   OXT  sing N N 90  
GLN CB  CG   sing N N 91  
GLN CB  HB2  sing N N 92  
GLN CB  HB3  sing N N 93  
GLN CG  CD   sing N N 94  
GLN CG  HG2  sing N N 95  
GLN CG  HG3  sing N N 96  
GLN CD  OE1  doub N N 97  
GLN CD  NE2  sing N N 98  
GLN NE2 HE21 sing N N 99  
GLN NE2 HE22 sing N N 100 
GLN OXT HXT  sing N N 101 
GLU N   CA   sing N N 102 
GLU N   H    sing N N 103 
GLU N   H2   sing N N 104 
GLU CA  C    sing N N 105 
GLU CA  CB   sing N N 106 
GLU CA  HA   sing N N 107 
GLU C   O    doub N N 108 
GLU C   OXT  sing N N 109 
GLU CB  CG   sing N N 110 
GLU CB  HB2  sing N N 111 
GLU CB  HB3  sing N N 112 
GLU CG  CD   sing N N 113 
GLU CG  HG2  sing N N 114 
GLU CG  HG3  sing N N 115 
GLU CD  OE1  doub N N 116 
GLU CD  OE2  sing N N 117 
GLU OE2 HE2  sing N N 118 
GLU OXT HXT  sing N N 119 
GLY N   CA   sing N N 120 
GLY N   H    sing N N 121 
GLY N   H2   sing N N 122 
GLY CA  C    sing N N 123 
GLY CA  HA2  sing N N 124 
GLY CA  HA3  sing N N 125 
GLY C   O    doub N N 126 
GLY C   OXT  sing N N 127 
GLY OXT HXT  sing N N 128 
HIS N   CA   sing N N 129 
HIS N   H    sing N N 130 
HIS N   H2   sing N N 131 
HIS CA  C    sing N N 132 
HIS CA  CB   sing N N 133 
HIS CA  HA   sing N N 134 
HIS C   O    doub N N 135 
HIS C   OXT  sing N N 136 
HIS CB  CG   sing N N 137 
HIS CB  HB2  sing N N 138 
HIS CB  HB3  sing N N 139 
HIS CG  ND1  sing Y N 140 
HIS CG  CD2  doub Y N 141 
HIS ND1 CE1  doub Y N 142 
HIS ND1 HD1  sing N N 143 
HIS CD2 NE2  sing Y N 144 
HIS CD2 HD2  sing N N 145 
HIS CE1 NE2  sing Y N 146 
HIS CE1 HE1  sing N N 147 
HIS NE2 HE2  sing N N 148 
HIS OXT HXT  sing N N 149 
HOH O   H1   sing N N 150 
HOH O   H2   sing N N 151 
ILE N   CA   sing N N 152 
ILE N   H    sing N N 153 
ILE N   H2   sing N N 154 
ILE CA  C    sing N N 155 
ILE CA  CB   sing N N 156 
ILE CA  HA   sing N N 157 
ILE C   O    doub N N 158 
ILE C   OXT  sing N N 159 
ILE CB  CG1  sing N N 160 
ILE CB  CG2  sing N N 161 
ILE CB  HB   sing N N 162 
ILE CG1 CD1  sing N N 163 
ILE CG1 HG12 sing N N 164 
ILE CG1 HG13 sing N N 165 
ILE CG2 HG21 sing N N 166 
ILE CG2 HG22 sing N N 167 
ILE CG2 HG23 sing N N 168 
ILE CD1 HD11 sing N N 169 
ILE CD1 HD12 sing N N 170 
ILE CD1 HD13 sing N N 171 
ILE OXT HXT  sing N N 172 
LEU N   CA   sing N N 173 
LEU N   H    sing N N 174 
LEU N   H2   sing N N 175 
LEU CA  C    sing N N 176 
LEU CA  CB   sing N N 177 
LEU CA  HA   sing N N 178 
LEU C   O    doub N N 179 
LEU C   OXT  sing N N 180 
LEU CB  CG   sing N N 181 
LEU CB  HB2  sing N N 182 
LEU CB  HB3  sing N N 183 
LEU CG  CD1  sing N N 184 
LEU CG  CD2  sing N N 185 
LEU CG  HG   sing N N 186 
LEU CD1 HD11 sing N N 187 
LEU CD1 HD12 sing N N 188 
LEU CD1 HD13 sing N N 189 
LEU CD2 HD21 sing N N 190 
LEU CD2 HD22 sing N N 191 
LEU CD2 HD23 sing N N 192 
LEU OXT HXT  sing N N 193 
LYS N   CA   sing N N 194 
LYS N   H    sing N N 195 
LYS N   H2   sing N N 196 
LYS CA  C    sing N N 197 
LYS CA  CB   sing N N 198 
LYS CA  HA   sing N N 199 
LYS C   O    doub N N 200 
LYS C   OXT  sing N N 201 
LYS CB  CG   sing N N 202 
LYS CB  HB2  sing N N 203 
LYS CB  HB3  sing N N 204 
LYS CG  CD   sing N N 205 
LYS CG  HG2  sing N N 206 
LYS CG  HG3  sing N N 207 
LYS CD  CE   sing N N 208 
LYS CD  HD2  sing N N 209 
LYS CD  HD3  sing N N 210 
LYS CE  NZ   sing N N 211 
LYS CE  HE2  sing N N 212 
LYS CE  HE3  sing N N 213 
LYS NZ  HZ1  sing N N 214 
LYS NZ  HZ2  sing N N 215 
LYS NZ  HZ3  sing N N 216 
LYS OXT HXT  sing N N 217 
MET N   CA   sing N N 218 
MET N   H    sing N N 219 
MET N   H2   sing N N 220 
MET CA  C    sing N N 221 
MET CA  CB   sing N N 222 
MET CA  HA   sing N N 223 
MET C   O    doub N N 224 
MET C   OXT  sing N N 225 
MET CB  CG   sing N N 226 
MET CB  HB2  sing N N 227 
MET CB  HB3  sing N N 228 
MET CG  SD   sing N N 229 
MET CG  HG2  sing N N 230 
MET CG  HG3  sing N N 231 
MET SD  CE   sing N N 232 
MET CE  HE1  sing N N 233 
MET CE  HE2  sing N N 234 
MET CE  HE3  sing N N 235 
MET OXT HXT  sing N N 236 
PHE N   CA   sing N N 237 
PHE N   H    sing N N 238 
PHE N   H2   sing N N 239 
PHE CA  C    sing N N 240 
PHE CA  CB   sing N N 241 
PHE CA  HA   sing N N 242 
PHE C   O    doub N N 243 
PHE C   OXT  sing N N 244 
PHE CB  CG   sing N N 245 
PHE CB  HB2  sing N N 246 
PHE CB  HB3  sing N N 247 
PHE CG  CD1  doub Y N 248 
PHE CG  CD2  sing Y N 249 
PHE CD1 CE1  sing Y N 250 
PHE CD1 HD1  sing N N 251 
PHE CD2 CE2  doub Y N 252 
PHE CD2 HD2  sing N N 253 
PHE CE1 CZ   doub Y N 254 
PHE CE1 HE1  sing N N 255 
PHE CE2 CZ   sing Y N 256 
PHE CE2 HE2  sing N N 257 
PHE CZ  HZ   sing N N 258 
PHE OXT HXT  sing N N 259 
PRO N   CA   sing N N 260 
PRO N   CD   sing N N 261 
PRO N   H    sing N N 262 
PRO CA  C    sing N N 263 
PRO CA  CB   sing N N 264 
PRO CA  HA   sing N N 265 
PRO C   O    doub N N 266 
PRO C   OXT  sing N N 267 
PRO CB  CG   sing N N 268 
PRO CB  HB2  sing N N 269 
PRO CB  HB3  sing N N 270 
PRO CG  CD   sing N N 271 
PRO CG  HG2  sing N N 272 
PRO CG  HG3  sing N N 273 
PRO CD  HD2  sing N N 274 
PRO CD  HD3  sing N N 275 
PRO OXT HXT  sing N N 276 
SER N   CA   sing N N 277 
SER N   H    sing N N 278 
SER N   H2   sing N N 279 
SER CA  C    sing N N 280 
SER CA  CB   sing N N 281 
SER CA  HA   sing N N 282 
SER C   O    doub N N 283 
SER C   OXT  sing N N 284 
SER CB  OG   sing N N 285 
SER CB  HB2  sing N N 286 
SER CB  HB3  sing N N 287 
SER OG  HG   sing N N 288 
SER OXT HXT  sing N N 289 
THR N   CA   sing N N 290 
THR N   H    sing N N 291 
THR N   H2   sing N N 292 
THR CA  C    sing N N 293 
THR CA  CB   sing N N 294 
THR CA  HA   sing N N 295 
THR C   O    doub N N 296 
THR C   OXT  sing N N 297 
THR CB  OG1  sing N N 298 
THR CB  CG2  sing N N 299 
THR CB  HB   sing N N 300 
THR OG1 HG1  sing N N 301 
THR CG2 HG21 sing N N 302 
THR CG2 HG22 sing N N 303 
THR CG2 HG23 sing N N 304 
THR OXT HXT  sing N N 305 
TRP N   CA   sing N N 306 
TRP N   H    sing N N 307 
TRP N   H2   sing N N 308 
TRP CA  C    sing N N 309 
TRP CA  CB   sing N N 310 
TRP CA  HA   sing N N 311 
TRP C   O    doub N N 312 
TRP C   OXT  sing N N 313 
TRP CB  CG   sing N N 314 
TRP CB  HB2  sing N N 315 
TRP CB  HB3  sing N N 316 
TRP CG  CD1  doub Y N 317 
TRP CG  CD2  sing Y N 318 
TRP CD1 NE1  sing Y N 319 
TRP CD1 HD1  sing N N 320 
TRP CD2 CE2  doub Y N 321 
TRP CD2 CE3  sing Y N 322 
TRP NE1 CE2  sing Y N 323 
TRP NE1 HE1  sing N N 324 
TRP CE2 CZ2  sing Y N 325 
TRP CE3 CZ3  doub Y N 326 
TRP CE3 HE3  sing N N 327 
TRP CZ2 CH2  doub Y N 328 
TRP CZ2 HZ2  sing N N 329 
TRP CZ3 CH2  sing Y N 330 
TRP CZ3 HZ3  sing N N 331 
TRP CH2 HH2  sing N N 332 
TRP OXT HXT  sing N N 333 
TYR N   CA   sing N N 334 
TYR N   H    sing N N 335 
TYR N   H2   sing N N 336 
TYR CA  C    sing N N 337 
TYR CA  CB   sing N N 338 
TYR CA  HA   sing N N 339 
TYR C   O    doub N N 340 
TYR C   OXT  sing N N 341 
TYR CB  CG   sing N N 342 
TYR CB  HB2  sing N N 343 
TYR CB  HB3  sing N N 344 
TYR CG  CD1  doub Y N 345 
TYR CG  CD2  sing Y N 346 
TYR CD1 CE1  sing Y N 347 
TYR CD1 HD1  sing N N 348 
TYR CD2 CE2  doub Y N 349 
TYR CD2 HD2  sing N N 350 
TYR CE1 CZ   doub Y N 351 
TYR CE1 HE1  sing N N 352 
TYR CE2 CZ   sing Y N 353 
TYR CE2 HE2  sing N N 354 
TYR CZ  OH   sing N N 355 
TYR OH  HH   sing N N 356 
TYR OXT HXT  sing N N 357 
VAL N   CA   sing N N 358 
VAL N   H    sing N N 359 
VAL N   H2   sing N N 360 
VAL CA  C    sing N N 361 
VAL CA  CB   sing N N 362 
VAL CA  HA   sing N N 363 
VAL C   O    doub N N 364 
VAL C   OXT  sing N N 365 
VAL CB  CG1  sing N N 366 
VAL CB  CG2  sing N N 367 
VAL CB  HB   sing N N 368 
VAL CG1 HG11 sing N N 369 
VAL CG1 HG12 sing N N 370 
VAL CG1 HG13 sing N N 371 
VAL CG2 HG21 sing N N 372 
VAL CG2 HG22 sing N N 373 
VAL CG2 HG23 sing N N 374 
VAL OXT HXT  sing N N 375 
# 
_atom_sites.entry_id                    1HUW 
_atom_sites.fract_transf_matrix[1][1]   -0.00962782 
_atom_sites.fract_transf_matrix[1][2]   -0.01097652 
_atom_sites.fract_transf_matrix[1][3]   -0.00608387 
_atom_sites.fract_transf_matrix[2][1]   0.00059161 
_atom_sites.fract_transf_matrix[2][2]   -0.00855845 
_atom_sites.fract_transf_matrix[2][3]   0.01450493 
_atom_sites.fract_transf_matrix[3][1]   -0.02499782 
_atom_sites.fract_transf_matrix[3][2]   -0.00070198 
_atom_sites.fract_transf_matrix[3][3]   0.00060538 
_atom_sites.fract_transf_vector[1]      -0.716148 
_atom_sites.fract_transf_vector[2]      -0.322940 
_atom_sites.fract_transf_vector[3]      -0.697725 
# 
loop_
_atom_type.symbol 
C 
N 
O 
S 
# 
loop_
_atom_site.group_PDB 
_atom_site.id 
_atom_site.type_symbol 
_atom_site.label_atom_id 
_atom_site.label_alt_id 
_atom_site.label_comp_id 
_atom_site.label_asym_id 
_atom_site.label_entity_id 
_atom_site.label_seq_id 
_atom_site.pdbx_PDB_ins_code 
_atom_site.Cartn_x 
_atom_site.Cartn_y 
_atom_site.Cartn_z 
_atom_site.occupancy 
_atom_site.B_iso_or_equiv 
_atom_site.pdbx_formal_charge 
_atom_site.auth_seq_id 
_atom_site.auth_comp_id 
_atom_site.auth_asym_id 
_atom_site.auth_atom_id 
_atom_site.pdbx_PDB_model_num 
ATOM   1    N N   . PHE A 1 1   ? 21.275  -22.703 -1.093  1.00 33.37  ? 1   PHE A N   1 
ATOM   2    C CA  . PHE A 1 1   ? 20.851  -21.871 -2.216  1.00 36.67  ? 1   PHE A CA  1 
ATOM   3    C C   . PHE A 1 1   ? 19.340  -21.621 -2.278  1.00 38.01  ? 1   PHE A C   1 
ATOM   4    O O   . PHE A 1 1   ? 18.548  -22.547 -2.043  1.00 38.40  ? 1   PHE A O   1 
ATOM   5    C CB  . PHE A 1 1   ? 21.284  -22.485 -3.574  1.00 32.77  ? 1   PHE A CB  1 
ATOM   6    C CG  . PHE A 1 1   ? 22.792  -22.534 -3.771  1.00 32.71  ? 1   PHE A CG  1 
ATOM   7    C CD1 . PHE A 1 1   ? 23.565  -21.409 -3.550  1.00 30.88  ? 1   PHE A CD1 1 
ATOM   8    C CD2 . PHE A 1 1   ? 23.391  -23.727 -4.106  1.00 32.69  ? 1   PHE A CD2 1 
ATOM   9    C CE1 . PHE A 1 1   ? 24.933  -21.484 -3.655  1.00 34.78  ? 1   PHE A CE1 1 
ATOM   10   C CE2 . PHE A 1 1   ? 24.763  -23.793 -4.208  1.00 33.27  ? 1   PHE A CE2 1 
ATOM   11   C CZ  . PHE A 1 1   ? 25.534  -22.679 -3.982  1.00 33.19  ? 1   PHE A CZ  1 
ATOM   12   N N   . PRO A 1 2   ? 18.898  -20.380 -2.595  1.00 38.94  ? 2   PRO A N   1 
ATOM   13   C CA  . PRO A 1 2   ? 17.497  -20.006 -2.705  1.00 39.11  ? 2   PRO A CA  1 
ATOM   14   C C   . PRO A 1 2   ? 16.746  -20.778 -3.766  1.00 38.69  ? 2   PRO A C   1 
ATOM   15   O O   . PRO A 1 2   ? 17.075  -20.838 -4.940  1.00 40.06  ? 2   PRO A O   1 
ATOM   16   C CB  . PRO A 1 2   ? 17.558  -18.534 -2.946  1.00 38.09  ? 2   PRO A CB  1 
ATOM   17   C CG  . PRO A 1 2   ? 18.872  -18.327 -3.631  1.00 38.93  ? 2   PRO A CG  1 
ATOM   18   C CD  . PRO A 1 2   ? 19.724  -19.188 -2.728  1.00 39.54  ? 2   PRO A CD  1 
ATOM   19   N N   . THR A 1 3   ? 15.686  -21.385 -3.297  1.00 40.39  ? 3   THR A N   1 
ATOM   20   C CA  . THR A 1 3   ? 14.888  -22.231 -4.146  1.00 44.89  ? 3   THR A CA  1 
ATOM   21   C C   . THR A 1 3   ? 13.544  -21.659 -4.676  1.00 41.76  ? 3   THR A C   1 
ATOM   22   O O   . THR A 1 3   ? 12.718  -22.405 -5.212  1.00 46.76  ? 3   THR A O   1 
ATOM   23   C CB  . THR A 1 3   ? 14.821  -23.534 -3.287  1.00 50.97  ? 3   THR A CB  1 
ATOM   24   O OG1 . THR A 1 3   ? 14.005  -24.446 -4.013  1.00 60.62  ? 3   THR A OG1 1 
ATOM   25   C CG2 . THR A 1 3   ? 14.298  -23.314 -1.861  1.00 56.60  ? 3   THR A CG2 1 
ATOM   26   N N   . ILE A 1 4   ? 13.216  -20.358 -4.573  1.00 34.05  ? 4   ILE A N   1 
ATOM   27   C CA  . ILE A 1 4   ? 12.028  -19.829 -5.239  1.00 27.32  ? 4   ILE A CA  1 
ATOM   28   C C   . ILE A 1 4   ? 12.555  -18.850 -6.267  1.00 21.01  ? 4   ILE A C   1 
ATOM   29   O O   . ILE A 1 4   ? 13.383  -18.006 -5.959  1.00 22.47  ? 4   ILE A O   1 
ATOM   30   C CB  . ILE A 1 4   ? 11.057  -19.127 -4.232  1.00 28.35  ? 4   ILE A CB  1 
ATOM   31   C CG1 . ILE A 1 4   ? 10.421  -20.225 -3.418  1.00 27.27  ? 4   ILE A CG1 1 
ATOM   32   C CG2 . ILE A 1 4   ? 9.863   -18.419 -4.894  1.00 25.69  ? 4   ILE A CG2 1 
ATOM   33   C CD1 . ILE A 1 4   ? 10.031  -19.623 -2.078  1.00 28.19  ? 4   ILE A CD1 1 
ATOM   34   N N   . PRO A 1 5   ? 12.151  -18.924 -7.536  1.00 21.17  ? 5   PRO A N   1 
ATOM   35   C CA  . PRO A 1 5   ? 12.658  -18.051 -8.585  1.00 19.91  ? 5   PRO A CA  1 
ATOM   36   C C   . PRO A 1 5   ? 12.231  -16.637 -8.342  1.00 19.50  ? 5   PRO A C   1 
ATOM   37   O O   . PRO A 1 5   ? 11.162  -16.381 -7.774  1.00 18.01  ? 5   PRO A O   1 
ATOM   38   C CB  . PRO A 1 5   ? 12.109  -18.648 -9.858  1.00 19.46  ? 5   PRO A CB  1 
ATOM   39   C CG  . PRO A 1 5   ? 10.849  -19.343 -9.432  1.00 23.47  ? 5   PRO A CG  1 
ATOM   40   C CD  . PRO A 1 5   ? 11.191  -19.899 -8.069  1.00 18.05  ? 5   PRO A CD  1 
ATOM   41   N N   . LEU A 1 6   ? 13.129  -15.750 -8.733  1.00 19.02  ? 6   LEU A N   1 
ATOM   42   C CA  . LEU A 1 6   ? 12.870  -14.323 -8.626  1.00 20.93  ? 6   LEU A CA  1 
ATOM   43   C C   . LEU A 1 6   ? 11.507  -13.900 -9.193  1.00 17.99  ? 6   LEU A C   1 
ATOM   44   O O   . LEU A 1 6   ? 10.838  -13.143 -8.515  1.00 15.65  ? 6   LEU A O   1 
ATOM   45   C CB  . LEU A 1 6   ? 13.973  -13.551 -9.349  1.00 22.48  ? 6   LEU A CB  1 
ATOM   46   C CG  . LEU A 1 6   ? 14.093  -12.068 -9.080  1.00 25.95  ? 6   LEU A CG  1 
ATOM   47   C CD1 . LEU A 1 6   ? 15.040  -11.824 -7.917  1.00 29.34  ? 6   LEU A CD1 1 
ATOM   48   C CD2 . LEU A 1 6   ? 14.662  -11.382 -10.297 1.00 33.09  ? 6   LEU A CD2 1 
ATOM   49   N N   . SER A 1 7   ? 11.007  -14.390 -10.330 1.00 15.43  ? 7   SER A N   1 
ATOM   50   C CA  . SER A 1 7   ? 9.747   -13.930 -10.863 1.00 17.88  ? 7   SER A CA  1 
ATOM   51   C C   . SER A 1 7   ? 8.522   -14.253 -10.020 1.00 19.01  ? 7   SER A C   1 
ATOM   52   O O   . SER A 1 7   ? 7.525   -13.512 -10.015 1.00 16.23  ? 7   SER A O   1 
ATOM   53   C CB  . SER A 1 7   ? 9.526   -14.500 -12.247 1.00 13.30  ? 7   SER A CB  1 
ATOM   54   O OG  . SER A 1 7   ? 9.525   -15.901 -12.193 1.00 22.09  ? 7   SER A OG  1 
ATOM   55   N N   . ARG A 1 8   ? 8.602   -15.398 -9.322  1.00 19.49  ? 8   ARG A N   1 
ATOM   56   C CA  . ARG A 1 8   ? 7.540   -15.799 -8.420  1.00 18.57  ? 8   ARG A CA  1 
ATOM   57   C C   . ARG A 1 8   ? 7.554   -14.906 -7.197  1.00 15.92  ? 8   ARG A C   1 
ATOM   58   O O   . ARG A 1 8   ? 6.498   -14.543 -6.725  1.00 15.96  ? 8   ARG A O   1 
ATOM   59   C CB  . ARG A 1 8   ? 7.698   -17.247 -7.961  1.00 19.02  ? 8   ARG A CB  1 
ATOM   60   C CG  . ARG A 1 8   ? 6.611   -17.734 -6.957  1.00 18.13  ? 8   ARG A CG  1 
ATOM   61   C CD  . ARG A 1 8   ? 5.174   -17.563 -7.489  1.00 17.06  ? 8   ARG A CD  1 
ATOM   62   N NE  . ARG A 1 8   ? 5.057   -18.282 -8.727  1.00 22.61  ? 8   ARG A NE  1 
ATOM   63   C CZ  . ARG A 1 8   ? 4.092   -18.106 -9.617  1.00 25.39  ? 8   ARG A CZ  1 
ATOM   64   N NH1 . ARG A 1 8   ? 3.156   -17.206 -9.407  1.00 25.40  ? 8   ARG A NH1 1 
ATOM   65   N NH2 . ARG A 1 8   ? 4.053   -18.896 -10.696 1.00 30.03  ? 8   ARG A NH2 1 
ATOM   66   N N   . LEU A 1 9   ? 8.730   -14.595 -6.662  1.00 17.43  ? 9   LEU A N   1 
ATOM   67   C CA  . LEU A 1 9   ? 8.852   -13.699 -5.560  1.00 17.83  ? 9   LEU A CA  1 
ATOM   68   C C   . LEU A 1 9   ? 8.294   -12.323 -5.959  1.00 18.68  ? 9   LEU A C   1 
ATOM   69   O O   . LEU A 1 9   ? 7.661   -11.684 -5.123  1.00 17.16  ? 9   LEU A O   1 
ATOM   70   C CB  . LEU A 1 9   ? 10.323  -13.532 -5.147  1.00 17.56  ? 9   LEU A CB  1 
ATOM   71   C CG  . LEU A 1 9   ? 11.193  -14.582 -4.486  1.00 20.42  ? 9   LEU A CG  1 
ATOM   72   C CD1 . LEU A 1 9   ? 12.524  -13.948 -4.191  1.00 16.76  ? 9   LEU A CD1 1 
ATOM   73   C CD2 . LEU A 1 9   ? 10.616  -15.028 -3.150  1.00 19.90  ? 9   LEU A CD2 1 
ATOM   74   N N   . ALA A 1 10  ? 8.543   -11.787 -7.169  1.00 15.66  ? 10  ALA A N   1 
ATOM   75   C CA  . ALA A 1 10  ? 8.019   -10.476 -7.565  1.00 16.58  ? 10  ALA A CA  1 
ATOM   76   C C   . ALA A 1 10  ? 6.498   -10.534 -7.761  1.00 14.03  ? 10  ALA A C   1 
ATOM   77   O O   . ALA A 1 10  ? 5.776   -9.598  -7.476  1.00 15.42  ? 10  ALA A O   1 
ATOM   78   C CB  . ALA A 1 10  ? 8.627   -10.017 -8.891  1.00 16.09  ? 10  ALA A CB  1 
ATOM   79   N N   . ASP A 1 11  ? 5.984   -11.653 -8.229  1.00 12.78  ? 11  ASP A N   1 
ATOM   80   C CA  . ASP A 1 11  ? 4.579   -11.854 -8.430  1.00 14.22  ? 11  ASP A CA  1 
ATOM   81   C C   . ASP A 1 11  ? 3.814   -11.894 -7.150  1.00 13.86  ? 11  ASP A C   1 
ATOM   82   O O   . ASP A 1 11  ? 2.768   -11.296 -7.050  1.00 14.57  ? 11  ASP A O   1 
ATOM   83   C CB  . ASP A 1 11  ? 4.368   -13.129 -9.092  1.00 20.90  ? 11  ASP A CB  1 
ATOM   84   C CG  . ASP A 1 11  ? 3.421   -12.912 -10.217 1.00 37.56  ? 11  ASP A CG  1 
ATOM   85   O OD1 . ASP A 1 11  ? 2.227   -12.647 -9.954  1.00 43.44  ? 11  ASP A OD1 1 
ATOM   86   O OD2 . ASP A 1 11  ? 3.930   -12.994 -11.347 1.00 42.73  ? 11  ASP A OD2 1 
ATOM   87   N N   . ASN A 1 12  ? 4.354   -12.641 -6.194  1.00 14.43  ? 12  ASN A N   1 
ATOM   88   C CA  . ASN A 1 12  ? 3.742   -12.820 -4.910  1.00 15.71  ? 12  ASN A CA  1 
ATOM   89   C C   . ASN A 1 12  ? 3.738   -11.568 -4.092  1.00 14.17  ? 12  ASN A C   1 
ATOM   90   O O   . ASN A 1 12  ? 2.762   -11.382 -3.367  1.00 13.76  ? 12  ASN A O   1 
ATOM   91   C CB  . ASN A 1 12  ? 4.449   -13.896 -4.134  1.00 12.17  ? 12  ASN A CB  1 
ATOM   92   C CG  . ASN A 1 12  ? 3.997   -15.259 -4.554  1.00 14.65  ? 12  ASN A CG  1 
ATOM   93   O OD1 . ASN A 1 12  ? 3.061   -15.415 -5.331  1.00 15.52  ? 12  ASN A OD1 1 
ATOM   94   N ND2 . ASN A 1 12  ? 4.599   -16.323 -4.030  1.00 16.47  ? 12  ASN A ND2 1 
ATOM   95   N N   . ALA A 1 13  ? 4.816   -10.786 -4.240  1.00 12.87  ? 13  ALA A N   1 
ATOM   96   C CA  . ALA A 1 13  ? 4.955   -9.504  -3.585  1.00 13.73  ? 13  ALA A CA  1 
ATOM   97   C C   . ALA A 1 13  ? 3.940   -8.558  -4.187  1.00 16.78  ? 13  ALA A C   1 
ATOM   98   O O   . ALA A 1 13  ? 3.263   -7.890  -3.417  1.00 18.46  ? 13  ALA A O   1 
ATOM   99   C CB  . ALA A 1 13  ? 6.323   -8.882  -3.792  1.00 13.89  ? 13  ALA A CB  1 
ATOM   100  N N   . TRP A 1 14  ? 3.777   -8.467  -5.514  1.00 15.07  ? 14  TRP A N   1 
ATOM   101  C CA  . TRP A 1 14  ? 2.698   -7.695  -6.121  1.00 14.43  ? 14  TRP A CA  1 
ATOM   102  C C   . TRP A 1 14  ? 1.314   -8.232  -5.715  1.00 13.31  ? 14  TRP A C   1 
ATOM   103  O O   . TRP A 1 14  ? 0.448   -7.407  -5.449  1.00 16.37  ? 14  TRP A O   1 
ATOM   104  C CB  . TRP A 1 14  ? 2.744   -7.716  -7.668  1.00 12.97  ? 14  TRP A CB  1 
ATOM   105  C CG  . TRP A 1 14  ? 1.600   -6.828  -8.156  1.00 16.59  ? 14  TRP A CG  1 
ATOM   106  C CD1 . TRP A 1 14  ? 1.622   -5.461  -7.950  1.00 14.76  ? 14  TRP A CD1 1 
ATOM   107  C CD2 . TRP A 1 14  ? 0.416   -7.248  -8.712  1.00 14.42  ? 14  TRP A CD2 1 
ATOM   108  N NE1 . TRP A 1 14  ? 0.445   -5.038  -8.360  1.00 15.64  ? 14  TRP A NE1 1 
ATOM   109  C CE2 . TRP A 1 14  ? -0.288  -6.053  -8.818  1.00 15.92  ? 14  TRP A CE2 1 
ATOM   110  C CE3 . TRP A 1 14  ? -0.147  -8.428  -9.109  1.00 18.82  ? 14  TRP A CE3 1 
ATOM   111  C CZ2 . TRP A 1 14  ? -1.559  -6.011  -9.323  1.00 18.22  ? 14  TRP A CZ2 1 
ATOM   112  C CZ3 . TRP A 1 14  ? -1.437  -8.401  -9.619  1.00 23.71  ? 14  TRP A CZ3 1 
ATOM   113  C CH2 . TRP A 1 14  ? -2.129  -7.208  -9.723  1.00 22.05  ? 14  TRP A CH2 1 
ATOM   114  N N   . LEU A 1 15  ? 0.986   -9.521  -5.664  1.00 9.75   ? 15  LEU A N   1 
ATOM   115  C CA  . LEU A 1 15  ? -0.342  -9.950  -5.269  1.00 14.11  ? 15  LEU A CA  1 
ATOM   116  C C   . LEU A 1 15  ? -0.766  -9.528  -3.849  1.00 14.35  ? 15  LEU A C   1 
ATOM   117  O O   . LEU A 1 15  ? -1.925  -9.222  -3.583  1.00 11.21  ? 15  LEU A O   1 
ATOM   118  C CB  . LEU A 1 15  ? -0.460  -11.477 -5.377  1.00 14.72  ? 15  LEU A CB  1 
ATOM   119  C CG  . LEU A 1 15  ? -0.594  -12.109 -6.769  1.00 18.60  ? 15  LEU A CG  1 
ATOM   120  C CD1 . LEU A 1 15  ? -0.471  -13.627 -6.716  1.00 19.78  ? 15  LEU A CD1 1 
ATOM   121  C CD2 . LEU A 1 15  ? -1.935  -11.751 -7.326  1.00 19.25  ? 15  LEU A CD2 1 
ATOM   122  N N   . ARG A 1 16  ? 0.199   -9.505  -2.938  1.00 12.89  ? 16  ARG A N   1 
ATOM   123  C CA  . ARG A 1 16  ? -0.048  -9.137  -1.578  1.00 12.41  ? 16  ARG A CA  1 
ATOM   124  C C   . ARG A 1 16  ? -0.369  -7.671  -1.520  1.00 12.67  ? 16  ARG A C   1 
ATOM   125  O O   . ARG A 1 16  ? -1.258  -7.303  -0.791  1.00 12.27  ? 16  ARG A O   1 
ATOM   126  C CB  . ARG A 1 16  ? 1.172   -9.413  -0.751  1.00 13.66  ? 16  ARG A CB  1 
ATOM   127  C CG  . ARG A 1 16  ? 1.300   -10.869 -0.422  1.00 15.17  ? 16  ARG A CG  1 
ATOM   128  C CD  . ARG A 1 16  ? 2.596   -10.933 0.356   1.00 21.29  ? 16  ARG A CD  1 
ATOM   129  N NE  . ARG A 1 16  ? 2.737   -12.320 0.706   1.00 33.18  ? 16  ARG A NE  1 
ATOM   130  C CZ  . ARG A 1 16  ? 3.804   -13.045 0.383   1.00 39.40  ? 16  ARG A CZ  1 
ATOM   131  N NH1 . ARG A 1 16  ? 4.854   -12.541 -0.280  1.00 41.48  ? 16  ARG A NH1 1 
ATOM   132  N NH2 . ARG A 1 16  ? 3.767   -14.335 0.713   1.00 46.02  ? 16  ARG A NH2 1 
ATOM   133  N N   . ALA A 1 17  ? 0.390   -6.853  -2.260  1.00 10.88  ? 17  ALA A N   1 
ATOM   134  C CA  . ALA A 1 17  ? 0.167   -5.423  -2.313  1.00 13.18  ? 17  ALA A CA  1 
ATOM   135  C C   . ALA A 1 17  ? -1.148  -5.083  -2.967  1.00 14.22  ? 17  ALA A C   1 
ATOM   136  O O   . ALA A 1 17  ? -1.824  -4.186  -2.508  1.00 16.33  ? 17  ALA A O   1 
ATOM   137  C CB  . ALA A 1 17  ? 1.258   -4.688  -3.117  1.00 9.06   ? 17  ALA A CB  1 
ATOM   138  N N   . ASP A 1 18  ? -1.548  -5.753  -4.034  1.00 15.01  ? 18  ASP A N   1 
ATOM   139  C CA  . ASP A 1 18  ? -2.830  -5.539  -4.708  1.00 18.65  ? 18  ASP A CA  1 
ATOM   140  C C   . ASP A 1 18  ? -4.045  -5.820  -3.803  1.00 19.81  ? 18  ASP A C   1 
ATOM   141  O O   . ASP A 1 18  ? -5.064  -5.133  -3.890  1.00 18.04  ? 18  ASP A O   1 
ATOM   142  C CB  . ASP A 1 18  ? -2.846  -6.453  -5.926  1.00 16.30  ? 18  ASP A CB  1 
ATOM   143  C CG  . ASP A 1 18  ? -4.113  -6.415  -6.734  1.00 21.93  ? 18  ASP A CG  1 
ATOM   144  O OD1 . ASP A 1 18  ? -4.375  -5.360  -7.279  1.00 19.79  ? 18  ASP A OD1 1 
ATOM   145  O OD2 . ASP A 1 18  ? -4.820  -7.420  -6.836  1.00 26.50  ? 18  ASP A OD2 1 
ATOM   146  N N   . ARG A 1 19  ? -3.954  -6.886  -2.990  1.00 20.14  ? 19  ARG A N   1 
ATOM   147  C CA  . ARG A 1 19  ? -4.972  -7.270  -2.017  1.00 22.45  ? 19  ARG A CA  1 
ATOM   148  C C   . ARG A 1 19  ? -5.109  -6.203  -0.943  1.00 16.58  ? 19  ARG A C   1 
ATOM   149  O O   . ARG A 1 19  ? -6.206  -5.846  -0.583  1.00 18.47  ? 19  ARG A O   1 
ATOM   150  C CB  . ARG A 1 19  ? -4.608  -8.571  -1.329  1.00 29.76  ? 19  ARG A CB  1 
ATOM   151  C CG  . ARG A 1 19  ? -5.654  -9.053  -0.336  1.00 45.66  ? 19  ARG A CG  1 
ATOM   152  C CD  . ARG A 1 19  ? -5.064  -10.087 0.610   1.00 60.95  ? 19  ARG A CD  1 
ATOM   153  N NE  . ARG A 1 19  ? -6.091  -10.635 1.492   1.00 73.16  ? 19  ARG A NE  1 
ATOM   154  C CZ  . ARG A 1 19  ? -5.861  -11.672 2.319   1.00 78.35  ? 19  ARG A CZ  1 
ATOM   155  N NH1 . ARG A 1 19  ? -4.667  -12.284 2.391   1.00 80.28  ? 19  ARG A NH1 1 
ATOM   156  N NH2 . ARG A 1 19  ? -6.851  -12.093 3.113   1.00 81.46  ? 19  ARG A NH2 1 
ATOM   157  N N   . LEU A 1 20  ? -4.006  -5.707  -0.414  1.00 12.13  ? 20  LEU A N   1 
ATOM   158  C CA  . LEU A 1 20  ? -4.007  -4.680  0.565   1.00 11.35  ? 20  LEU A CA  1 
ATOM   159  C C   . LEU A 1 20  ? -4.564  -3.439  -0.089  1.00 12.58  ? 20  LEU A C   1 
ATOM   160  O O   . LEU A 1 20  ? -5.370  -2.790  0.539   1.00 13.36  ? 20  LEU A O   1 
ATOM   161  C CB  . LEU A 1 20  ? -2.584  -4.494  1.037   1.00 13.17  ? 20  LEU A CB  1 
ATOM   162  C CG  . LEU A 1 20  ? -2.139  -5.330  2.224   1.00 18.23  ? 20  LEU A CG  1 
ATOM   163  C CD1 . LEU A 1 20  ? -0.635  -5.201  2.420   1.00 15.40  ? 20  LEU A CD1 1 
ATOM   164  C CD2 . LEU A 1 20  ? -2.901  -4.864  3.468   1.00 19.42  ? 20  LEU A CD2 1 
ATOM   165  N N   . ASN A 1 21  ? -4.220  -3.100  -1.332  1.00 11.08  ? 21  ASN A N   1 
ATOM   166  C CA  . ASN A 1 21  ? -4.801  -1.951  -1.995  1.00 13.89  ? 21  ASN A CA  1 
ATOM   167  C C   . ASN A 1 21  ? -6.304  -2.120  -2.223  1.00 13.67  ? 21  ASN A C   1 
ATOM   168  O O   . ASN A 1 21  ? -7.036  -1.163  -2.044  1.00 12.81  ? 21  ASN A O   1 
ATOM   169  C CB  . ASN A 1 21  ? -4.090  -1.731  -3.314  1.00 16.86  ? 21  ASN A CB  1 
ATOM   170  C CG  . ASN A 1 21  ? -4.512  -0.436  -4.010  1.00 23.97  ? 21  ASN A CG  1 
ATOM   171  O OD1 . ASN A 1 21  ? -4.702  -0.447  -5.212  1.00 27.17  ? 21  ASN A OD1 1 
ATOM   172  N ND2 . ASN A 1 21  ? -4.725  0.697   -3.349  1.00 29.53  ? 21  ASN A ND2 1 
ATOM   173  N N   . GLN A 1 22  ? -6.844  -3.287  -2.574  1.00 12.92  ? 22  GLN A N   1 
ATOM   174  C CA  . GLN A 1 22  ? -8.284  -3.463  -2.701  1.00 16.31  ? 22  GLN A CA  1 
ATOM   175  C C   . GLN A 1 22  ? -8.949  -3.237  -1.348  1.00 16.93  ? 22  GLN A C   1 
ATOM   176  O O   . GLN A 1 22  ? -9.936  -2.520  -1.248  1.00 16.61  ? 22  GLN A O   1 
ATOM   177  C CB  . GLN A 1 22  ? -8.642  -4.893  -3.206  1.00 16.41  ? 22  GLN A CB  1 
ATOM   178  C CG  . GLN A 1 22  ? -10.142 -5.373  -3.159  1.00 22.50  ? 22  GLN A CG  1 
ATOM   179  C CD  . GLN A 1 22  ? -10.728 -5.962  -1.852  1.00 27.42  ? 22  GLN A CD  1 
ATOM   180  O OE1 . GLN A 1 22  ? -11.760 -5.556  -1.275  1.00 23.64  ? 22  GLN A OE1 1 
ATOM   181  N NE2 . GLN A 1 22  ? -10.068 -6.992  -1.337  1.00 31.15  ? 22  GLN A NE2 1 
ATOM   182  N N   . LEU A 1 23  ? -8.373  -3.812  -0.287  1.00 16.76  ? 23  LEU A N   1 
ATOM   183  C CA  . LEU A 1 23  ? -8.928  -3.724  1.043   1.00 15.90  ? 23  LEU A CA  1 
ATOM   184  C C   . LEU A 1 23  ? -8.902  -2.285  1.453   1.00 12.94  ? 23  LEU A C   1 
ATOM   185  O O   . LEU A 1 23  ? -9.917  -1.792  1.880   1.00 11.57  ? 23  LEU A O   1 
ATOM   186  C CB  . LEU A 1 23  ? -8.105  -4.566  2.000   1.00 18.88  ? 23  LEU A CB  1 
ATOM   187  C CG  . LEU A 1 23  ? -8.791  -5.143  3.231   1.00 29.30  ? 23  LEU A CG  1 
ATOM   188  C CD1 . LEU A 1 23  ? -10.062 -5.909  2.814   1.00 25.69  ? 23  LEU A CD1 1 
ATOM   189  C CD2 . LEU A 1 23  ? -7.811  -6.089  3.952   1.00 33.37  ? 23  LEU A CD2 1 
ATOM   190  N N   . ALA A 1 24  ? -7.815  -1.572  1.224   1.00 9.84   ? 24  ALA A N   1 
ATOM   191  C CA  . ALA A 1 24  ? -7.724  -0.186  1.623   1.00 12.40  ? 24  ALA A CA  1 
ATOM   192  C C   . ALA A 1 24  ? -8.732  0.673   0.863   1.00 14.90  ? 24  ALA A C   1 
ATOM   193  O O   . ALA A 1 24  ? -9.369  1.518   1.468   1.00 13.27  ? 24  ALA A O   1 
ATOM   194  C CB  . ALA A 1 24  ? -6.316  0.327   1.354   1.00 7.69   ? 24  ALA A CB  1 
ATOM   195  N N   . PHE A 1 25  ? -8.973  0.417   -0.426  1.00 15.53  ? 25  PHE A N   1 
ATOM   196  C CA  . PHE A 1 25  ? -9.850  1.217   -1.265  1.00 14.61  ? 25  PHE A CA  1 
ATOM   197  C C   . PHE A 1 25  ? -11.333 1.032   -0.956  1.00 14.80  ? 25  PHE A C   1 
ATOM   198  O O   . PHE A 1 25  ? -12.125 1.975   -0.847  1.00 16.14  ? 25  PHE A O   1 
ATOM   199  C CB  . PHE A 1 25  ? -9.577  0.874   -2.750  1.00 15.66  ? 25  PHE A CB  1 
ATOM   200  C CG  . PHE A 1 25  ? -10.453 1.717   -3.670  1.00 17.57  ? 25  PHE A CG  1 
ATOM   201  C CD1 . PHE A 1 25  ? -10.218 3.069   -3.812  1.00 24.00  ? 25  PHE A CD1 1 
ATOM   202  C CD2 . PHE A 1 25  ? -11.528 1.145   -4.299  1.00 21.10  ? 25  PHE A CD2 1 
ATOM   203  C CE1 . PHE A 1 25  ? -11.058 3.857   -4.573  1.00 30.01  ? 25  PHE A CE1 1 
ATOM   204  C CE2 . PHE A 1 25  ? -12.376 1.929   -5.064  1.00 26.44  ? 25  PHE A CE2 1 
ATOM   205  C CZ  . PHE A 1 25  ? -12.143 3.283   -5.201  1.00 30.07  ? 25  PHE A CZ  1 
ATOM   206  N N   . ASP A 1 26  ? -11.731 -0.217  -0.880  1.00 14.01  ? 26  ASP A N   1 
ATOM   207  C CA  . ASP A 1 26  ? -13.098 -0.540  -0.582  1.00 12.40  ? 26  ASP A CA  1 
ATOM   208  C C   . ASP A 1 26  ? -13.518 -0.166  0.820   1.00 10.84  ? 26  ASP A C   1 
ATOM   209  O O   . ASP A 1 26  ? -14.649 0.278   0.975   1.00 12.68  ? 26  ASP A O   1 
ATOM   210  C CB  . ASP A 1 26  ? -13.305 -2.018  -0.822  1.00 14.62  ? 26  ASP A CB  1 
ATOM   211  C CG  . ASP A 1 26  ? -13.308 -2.431  -2.295  1.00 17.22  ? 26  ASP A CG  1 
ATOM   212  O OD1 . ASP A 1 26  ? -13.385 -1.574  -3.170  1.00 21.60  ? 26  ASP A OD1 1 
ATOM   213  O OD2 . ASP A 1 26  ? -13.269 -3.618  -2.581  1.00 15.60  ? 26  ASP A OD2 1 
ATOM   214  N N   . THR A 1 27  ? -12.675 -0.253  1.841   1.00 12.48  ? 27  THR A N   1 
ATOM   215  C CA  . THR A 1 27  ? -13.123 0.128   3.184   1.00 13.60  ? 27  THR A CA  1 
ATOM   216  C C   . THR A 1 27  ? -13.112 1.627   3.276   1.00 12.07  ? 27  THR A C   1 
ATOM   217  O O   . THR A 1 27  ? -13.933 2.152   3.998   1.00 11.83  ? 27  THR A O   1 
ATOM   218  C CB  . THR A 1 27  ? -12.250 -0.438  4.355   1.00 14.42  ? 27  THR A CB  1 
ATOM   219  O OG1 . THR A 1 27  ? -10.894 -0.028  4.249   1.00 22.27  ? 27  THR A OG1 1 
ATOM   220  C CG2 . THR A 1 27  ? -12.314 -1.957  4.306   1.00 11.02  ? 27  THR A CG2 1 
ATOM   221  N N   . TYR A 1 28  ? -12.219 2.309   2.555   1.00 11.49  ? 28  TYR A N   1 
ATOM   222  C CA  . TYR A 1 28  ? -12.238 3.759   2.426   1.00 12.56  ? 28  TYR A CA  1 
ATOM   223  C C   . TYR A 1 28  ? -13.551 4.233   1.741   1.00 14.62  ? 28  TYR A C   1 
ATOM   224  O O   . TYR A 1 28  ? -14.174 5.186   2.228   1.00 15.57  ? 28  TYR A O   1 
ATOM   225  C CB  . TYR A 1 28  ? -11.024 4.171   1.604   1.00 16.36  ? 28  TYR A CB  1 
ATOM   226  C CG  . TYR A 1 28  ? -10.919 5.646   1.294   1.00 18.34  ? 28  TYR A CG  1 
ATOM   227  C CD1 . TYR A 1 28  ? -10.703 6.521   2.334   1.00 19.47  ? 28  TYR A CD1 1 
ATOM   228  C CD2 . TYR A 1 28  ? -11.089 6.081   0.002   1.00 21.69  ? 28  TYR A CD2 1 
ATOM   229  C CE1 . TYR A 1 28  ? -10.666 7.862   2.101   1.00 24.96  ? 28  TYR A CE1 1 
ATOM   230  C CE2 . TYR A 1 28  ? -11.061 7.438   -0.229  1.00 26.88  ? 28  TYR A CE2 1 
ATOM   231  C CZ  . TYR A 1 28  ? -10.847 8.299   0.824   1.00 24.82  ? 28  TYR A CZ  1 
ATOM   232  O OH  . TYR A 1 28  ? -10.808 9.655   0.615   1.00 36.86  ? 28  TYR A OH  1 
ATOM   233  N N   . GLN A 1 29  ? -14.036 3.622   0.641   1.00 14.47  ? 29  GLN A N   1 
ATOM   234  C CA  . GLN A 1 29  ? -15.298 4.044   0.047   1.00 17.48  ? 29  GLN A CA  1 
ATOM   235  C C   . GLN A 1 29  ? -16.544 3.727   0.891   1.00 18.21  ? 29  GLN A C   1 
ATOM   236  O O   . GLN A 1 29  ? -17.488 4.518   0.937   1.00 16.43  ? 29  GLN A O   1 
ATOM   237  C CB  A GLN A 1 29  ? -15.559 3.378   -1.286  0.50 18.02  ? 29  GLN A CB  1 
ATOM   238  C CB  B GLN A 1 29  ? -15.405 3.407   -1.324  0.50 17.08  ? 29  GLN A CB  1 
ATOM   239  C CG  A GLN A 1 29  ? -14.906 3.908   -2.544  0.50 24.07  ? 29  GLN A CG  1 
ATOM   240  C CG  B GLN A 1 29  ? -14.293 3.881   -2.268  0.50 20.73  ? 29  GLN A CG  1 
ATOM   241  C CD  A GLN A 1 29  ? -15.734 3.455   -3.741  0.50 24.26  ? 29  GLN A CD  1 
ATOM   242  C CD  B GLN A 1 29  ? -14.355 5.333   -2.713  0.50 22.06  ? 29  GLN A CD  1 
ATOM   243  O OE1 A GLN A 1 29  ? -15.609 2.353   -4.264  0.50 22.86  ? 29  GLN A OE1 1 
ATOM   244  O OE1 B GLN A 1 29  ? -15.269 5.749   -3.419  0.50 23.49  ? 29  GLN A OE1 1 
ATOM   245  N NE2 A GLN A 1 29  ? -16.672 4.290   -4.171  0.50 32.23  ? 29  GLN A NE2 1 
ATOM   246  N NE2 B GLN A 1 29  ? -13.382 6.143   -2.326  0.50 22.17  ? 29  GLN A NE2 1 
ATOM   247  N N   . GLU A 1 30  ? -16.590 2.561   1.565   1.00 14.01  ? 30  GLU A N   1 
ATOM   248  C CA  . GLU A 1 30  ? -17.728 2.185   2.374   1.00 12.28  ? 30  GLU A CA  1 
ATOM   249  C C   . GLU A 1 30  ? -17.837 3.144   3.554   1.00 12.32  ? 30  GLU A C   1 
ATOM   250  O O   . GLU A 1 30  ? -18.935 3.584   3.862   1.00 14.38  ? 30  GLU A O   1 
ATOM   251  C CB  . GLU A 1 30  ? -17.504 0.775   2.808   1.00 12.92  ? 30  GLU A CB  1 
ATOM   252  C CG  . GLU A 1 30  ? -18.429 0.373   3.935   1.00 12.73  ? 30  GLU A CG  1 
ATOM   253  C CD  . GLU A 1 30  ? -17.991 -0.907  4.606   1.00 12.71  ? 30  GLU A CD  1 
ATOM   254  O OE1 . GLU A 1 30  ? -16.819 -1.068  4.925   1.00 13.75  ? 30  GLU A OE1 1 
ATOM   255  O OE2 . GLU A 1 30  ? -18.841 -1.760  4.767   1.00 13.05  ? 30  GLU A OE2 1 
ATOM   256  N N   . PHE A 1 31  ? -16.709 3.504   4.190   1.00 10.71  ? 31  PHE A N   1 
ATOM   257  C CA  . PHE A 1 31  ? -16.634 4.438   5.303   1.00 13.13  ? 31  PHE A CA  1 
ATOM   258  C C   . PHE A 1 31  ? -17.098 5.848   4.905   1.00 18.14  ? 31  PHE A C   1 
ATOM   259  O O   . PHE A 1 31  ? -17.892 6.507   5.578   1.00 17.12  ? 31  PHE A O   1 
ATOM   260  C CB  . PHE A 1 31  ? -15.181 4.517   5.827   1.00 9.36   ? 31  PHE A CB  1 
ATOM   261  C CG  . PHE A 1 31  ? -14.974 5.179   7.179   1.00 14.05  ? 31  PHE A CG  1 
ATOM   262  C CD1 . PHE A 1 31  ? -15.135 4.432   8.349   1.00 18.30  ? 31  PHE A CD1 1 
ATOM   263  C CD2 . PHE A 1 31  ? -14.627 6.512   7.260   1.00 16.47  ? 31  PHE A CD2 1 
ATOM   264  C CE1 . PHE A 1 31  ? -14.954 5.013   9.595   1.00 17.27  ? 31  PHE A CE1 1 
ATOM   265  C CE2 . PHE A 1 31  ? -14.447 7.085   8.512   1.00 20.02  ? 31  PHE A CE2 1 
ATOM   266  C CZ  . PHE A 1 31  ? -14.608 6.349   9.669   1.00 19.59  ? 31  PHE A CZ  1 
ATOM   267  N N   . GLU A 1 32  ? -16.538 6.339   3.796   1.00 17.26  ? 32  GLU A N   1 
ATOM   268  C CA  . GLU A 1 32  ? -16.877 7.624   3.282   1.00 17.22  ? 32  GLU A CA  1 
ATOM   269  C C   . GLU A 1 32  ? -18.368 7.636   2.984   1.00 17.73  ? 32  GLU A C   1 
ATOM   270  O O   . GLU A 1 32  ? -19.057 8.519   3.451   1.00 21.49  ? 32  GLU A O   1 
ATOM   271  C CB  . GLU A 1 32  ? -16.061 7.844   2.039   1.00 18.13  ? 32  GLU A CB  1 
ATOM   272  C CG  . GLU A 1 32  ? -16.308 9.207   1.473   1.00 19.20  ? 32  GLU A CG  1 
ATOM   273  C CD  . GLU A 1 32  ? -15.620 9.437   0.136   1.00 18.91  ? 32  GLU A CD  1 
ATOM   274  O OE1 . GLU A 1 32  ? -16.192 9.055   -0.865  1.00 21.54  ? 32  GLU A OE1 1 
ATOM   275  O OE2 . GLU A 1 32  ? -14.544 10.021  0.097   1.00 21.57  ? 32  GLU A OE2 1 
ATOM   276  N N   . GLU A 1 33  ? -18.920 6.635   2.326   1.00 20.28  ? 33  GLU A N   1 
ATOM   277  C CA  . GLU A 1 33  ? -20.311 6.647   1.947   1.00 24.82  ? 33  GLU A CA  1 
ATOM   278  C C   . GLU A 1 33  ? -21.202 6.448   3.159   1.00 25.65  ? 33  GLU A C   1 
ATOM   279  O O   . GLU A 1 33  ? -22.219 7.116   3.264   1.00 28.34  ? 33  GLU A O   1 
ATOM   280  C CB  . GLU A 1 33  ? -20.532 5.566   0.946   1.00 29.59  ? 33  GLU A CB  1 
ATOM   281  C CG  . GLU A 1 33  ? -21.876 5.648   0.231   1.00 48.31  ? 33  GLU A CG  1 
ATOM   282  C CD  . GLU A 1 33  ? -22.335 4.337   -0.423  1.00 54.14  ? 33  GLU A CD  1 
ATOM   283  O OE1 . GLU A 1 33  ? -21.525 3.670   -1.072  1.00 58.86  ? 33  GLU A OE1 1 
ATOM   284  O OE2 . GLU A 1 33  ? -23.511 3.985   -0.281  1.00 58.50  ? 33  GLU A OE2 1 
ATOM   285  N N   . ALA A 1 34  ? -20.834 5.637   4.140   1.00 23.51  ? 34  ALA A N   1 
ATOM   286  C CA  . ALA A 1 34  ? -21.654 5.420   5.310   1.00 19.87  ? 34  ALA A CA  1 
ATOM   287  C C   . ALA A 1 34  ? -21.660 6.589   6.254   1.00 18.48  ? 34  ALA A C   1 
ATOM   288  O O   . ALA A 1 34  ? -22.710 6.944   6.754   1.00 22.98  ? 34  ALA A O   1 
ATOM   289  C CB  . ALA A 1 34  ? -21.172 4.237   6.136   1.00 15.98  ? 34  ALA A CB  1 
ATOM   290  N N   . TYR A 1 35  ? -20.519 7.223   6.473   1.00 17.39  ? 35  TYR A N   1 
ATOM   291  C CA  . TYR A 1 35  ? -20.365 8.183   7.543   1.00 18.25  ? 35  TYR A CA  1 
ATOM   292  C C   . TYR A 1 35  ? -19.983 9.616   7.235   1.00 21.73  ? 35  TYR A C   1 
ATOM   293  O O   . TYR A 1 35  ? -20.241 10.414  8.134   1.00 24.24  ? 35  TYR A O   1 
ATOM   294  C CB  . TYR A 1 35  ? -19.319 7.714   8.562   1.00 18.42  ? 35  TYR A CB  1 
ATOM   295  C CG  . TYR A 1 35  ? -19.512 6.292   9.006   1.00 19.97  ? 35  TYR A CG  1 
ATOM   296  C CD1 . TYR A 1 35  ? -20.693 5.951   9.610   1.00 22.17  ? 35  TYR A CD1 1 
ATOM   297  C CD2 . TYR A 1 35  ? -18.549 5.351   8.751   1.00 17.84  ? 35  TYR A CD2 1 
ATOM   298  C CE1 . TYR A 1 35  ? -20.933 4.647   9.956   1.00 22.15  ? 35  TYR A CE1 1 
ATOM   299  C CE2 . TYR A 1 35  ? -18.781 4.045   9.096   1.00 22.69  ? 35  TYR A CE2 1 
ATOM   300  C CZ  . TYR A 1 35  ? -19.977 3.704   9.695   1.00 23.75  ? 35  TYR A CZ  1 
ATOM   301  O OH  . TYR A 1 35  ? -20.270 2.390   10.026  1.00 27.45  ? 35  TYR A OH  1 
ATOM   302  N N   . ILE A 1 36  ? -19.338 9.985   6.094   1.00 21.04  ? 36  ILE A N   1 
ATOM   303  C CA  . ILE A 1 36  ? -18.840 11.351  5.865   1.00 19.95  ? 36  ILE A CA  1 
ATOM   304  C C   . ILE A 1 36  ? -19.875 12.112  5.080   1.00 18.96  ? 36  ILE A C   1 
ATOM   305  O O   . ILE A 1 36  ? -20.323 11.645  4.045   1.00 21.14  ? 36  ILE A O   1 
ATOM   306  C CB  . ILE A 1 36  ? -17.500 11.316  5.099   1.00 18.54  ? 36  ILE A CB  1 
ATOM   307  C CG1 . ILE A 1 36  ? -16.583 10.393  5.895   1.00 17.45  ? 36  ILE A CG1 1 
ATOM   308  C CG2 . ILE A 1 36  ? -16.840 12.700  4.952   1.00 17.53  ? 36  ILE A CG2 1 
ATOM   309  C CD1 . ILE A 1 36  ? -16.225 10.761  7.357   1.00 19.86  ? 36  ILE A CD1 1 
ATOM   310  N N   . PRO A 1 37  ? -20.386 13.245  5.554   1.00 21.75  ? 37  PRO A N   1 
ATOM   311  C CA  . PRO A 1 37  ? -21.389 13.982  4.814   1.00 21.17  ? 37  PRO A CA  1 
ATOM   312  C C   . PRO A 1 37  ? -20.666 14.618  3.632   1.00 20.63  ? 37  PRO A C   1 
ATOM   313  O O   . PRO A 1 37  ? -19.491 14.966  3.754   1.00 24.54  ? 37  PRO A O   1 
ATOM   314  C CB  . PRO A 1 37  ? -21.930 14.904  5.883   1.00 19.10  ? 37  PRO A CB  1 
ATOM   315  C CG  . PRO A 1 37  ? -20.783 15.174  6.805   1.00 23.27  ? 37  PRO A CG  1 
ATOM   316  C CD  . PRO A 1 37  ? -20.076 13.835  6.850   1.00 19.70  ? 37  PRO A CD  1 
ATOM   317  N N   . LYS A 1 38  ? -21.364 14.691  2.495   1.00 23.53  ? 38  LYS A N   1 
ATOM   318  C CA  . LYS A 1 38  ? -20.903 15.216  1.215   1.00 28.20  ? 38  LYS A CA  1 
ATOM   319  C C   . LYS A 1 38  ? -20.117 16.526  1.281   1.00 29.90  ? 38  LYS A C   1 
ATOM   320  O O   . LYS A 1 38  ? -19.141 16.791  0.588   1.00 29.59  ? 38  LYS A O   1 
ATOM   321  C CB  . LYS A 1 38  ? -22.110 15.394  0.356   1.00 33.85  ? 38  LYS A CB  1 
ATOM   322  C CG  . LYS A 1 38  ? -21.642 15.591  -1.072  1.00 46.68  ? 38  LYS A CG  1 
ATOM   323  C CD  . LYS A 1 38  ? -22.711 16.142  -2.004  1.00 52.64  ? 38  LYS A CD  1 
ATOM   324  C CE  . LYS A 1 38  ? -22.301 15.914  -3.454  1.00 54.54  ? 38  LYS A CE  1 
ATOM   325  N NZ  . LYS A 1 38  ? -23.374 16.394  -4.296  1.00 62.22  ? 38  LYS A NZ  1 
ATOM   326  N N   . GLU A 1 39  ? -20.576 17.330  2.216   1.00 30.36  ? 39  GLU A N   1 
ATOM   327  C CA  . GLU A 1 39  ? -19.994 18.598  2.559   1.00 29.97  ? 39  GLU A CA  1 
ATOM   328  C C   . GLU A 1 39  ? -18.536 18.367  2.910   1.00 28.42  ? 39  GLU A C   1 
ATOM   329  O O   . GLU A 1 39  ? -17.653 19.026  2.367   1.00 28.49  ? 39  GLU A O   1 
ATOM   330  C CB  A GLU A 1 39  ? -20.607 19.247  3.795   0.50 32.20  ? 39  GLU A CB  1 
ATOM   331  C CB  B GLU A 1 39  ? -20.844 19.138  3.724   0.50 32.58  ? 39  GLU A CB  1 
ATOM   332  C CG  A GLU A 1 39  ? -22.050 19.724  3.721   0.50 34.70  ? 39  GLU A CG  1 
ATOM   333  C CG  B GLU A 1 39  ? -22.378 19.399  3.535   0.50 33.99  ? 39  GLU A CG  1 
ATOM   334  C CD  A GLU A 1 39  ? -22.670 20.121  5.056   0.50 32.90  ? 39  GLU A CD  1 
ATOM   335  C CD  B GLU A 1 39  ? -23.373 18.268  3.193   0.50 33.01  ? 39  GLU A CD  1 
ATOM   336  O OE1 A GLU A 1 39  ? -22.048 20.814  5.856   0.50 31.95  ? 39  GLU A OE1 1 
ATOM   337  O OE1 B GLU A 1 39  ? -23.779 17.526  4.088   0.50 32.07  ? 39  GLU A OE1 1 
ATOM   338  O OE2 A GLU A 1 39  ? -23.802 19.718  5.293   0.50 38.69  ? 39  GLU A OE2 1 
ATOM   339  O OE2 B GLU A 1 39  ? -23.778 18.156  2.031   0.50 34.75  ? 39  GLU A OE2 1 
ATOM   340  N N   . GLN A 1 40  ? -18.271 17.398  3.789   1.00 27.22  ? 40  GLN A N   1 
ATOM   341  C CA  . GLN A 1 40  ? -16.910 17.149  4.237   1.00 27.66  ? 40  GLN A CA  1 
ATOM   342  C C   . GLN A 1 40  ? -16.007 16.387  3.264   1.00 26.99  ? 40  GLN A C   1 
ATOM   343  O O   . GLN A 1 40  ? -14.785 16.469  3.388   1.00 25.92  ? 40  GLN A O   1 
ATOM   344  C CB  . GLN A 1 40  ? -16.960 16.417  5.551   1.00 29.60  ? 40  GLN A CB  1 
ATOM   345  C CG  . GLN A 1 40  ? -17.703 17.283  6.540   1.00 39.75  ? 40  GLN A CG  1 
ATOM   346  C CD  . GLN A 1 40  ? -17.456 17.000  8.012   1.00 45.02  ? 40  GLN A CD  1 
ATOM   347  O OE1 . GLN A 1 40  ? -16.947 17.860  8.735   1.00 49.30  ? 40  GLN A OE1 1 
ATOM   348  N NE2 . GLN A 1 40  ? -17.807 15.820  8.513   1.00 46.56  ? 40  GLN A NE2 1 
ATOM   349  N N   . ILE A 1 41  ? -16.614 15.679  2.298   1.00 22.91  ? 41  ILE A N   1 
ATOM   350  C CA  . ILE A 1 41  ? -15.926 14.947  1.255   1.00 21.97  ? 41  ILE A CA  1 
ATOM   351  C C   . ILE A 1 41  ? -15.257 15.932  0.310   1.00 25.74  ? 41  ILE A C   1 
ATOM   352  O O   . ILE A 1 41  ? -14.077 15.748  0.008   1.00 26.32  ? 41  ILE A O   1 
ATOM   353  C CB  . ILE A 1 41  ? -16.905 14.068  0.443   1.00 20.78  ? 41  ILE A CB  1 
ATOM   354  C CG1 . ILE A 1 41  ? -17.569 13.053  1.358   1.00 19.00  ? 41  ILE A CG1 1 
ATOM   355  C CG2 . ILE A 1 41  ? -16.147 13.353  -0.689  1.00 20.03  ? 41  ILE A CG2 1 
ATOM   356  C CD1 . ILE A 1 41  ? -18.560 12.123  0.662   1.00 15.62  ? 41  ILE A CD1 1 
ATOM   357  N N   . HIS A 1 42  ? -15.952 16.992  -0.137  1.00 24.42  ? 42  HIS A N   1 
ATOM   358  C CA  . HIS A 1 42  ? -15.354 17.958  -1.058  1.00 25.30  ? 42  HIS A CA  1 
ATOM   359  C C   . HIS A 1 42  ? -14.284 18.811  -0.433  1.00 24.94  ? 42  HIS A C   1 
ATOM   360  O O   . HIS A 1 42  ? -13.288 19.160  -1.044  1.00 26.14  ? 42  HIS A O   1 
ATOM   361  C CB  . HIS A 1 42  ? -16.396 18.874  -1.596  1.00 27.71  ? 42  HIS A CB  1 
ATOM   362  C CG  . HIS A 1 42  ? -17.390 18.121  -2.427  1.00 28.78  ? 42  HIS A CG  1 
ATOM   363  N ND1 . HIS A 1 42  ? -18.704 18.095  -2.259  1.00 32.32  ? 42  HIS A ND1 1 
ATOM   364  C CD2 . HIS A 1 42  ? -17.062 17.341  -3.503  1.00 34.22  ? 42  HIS A CD2 1 
ATOM   365  C CE1 . HIS A 1 42  ? -19.179 17.323  -3.202  1.00 34.91  ? 42  HIS A CE1 1 
ATOM   366  N NE2 . HIS A 1 42  ? -18.199 16.872  -3.945  1.00 36.42  ? 42  HIS A NE2 1 
ATOM   367  N N   . SER A 1 43  ? -14.488 19.121  0.835   1.00 24.88  ? 43  SER A N   1 
ATOM   368  C CA  . SER A 1 43  ? -13.543 19.890  1.591   1.00 26.40  ? 43  SER A CA  1 
ATOM   369  C C   . SER A 1 43  ? -12.178 19.215  1.726   1.00 27.73  ? 43  SER A C   1 
ATOM   370  O O   . SER A 1 43  ? -11.128 19.821  1.469   1.00 28.99  ? 43  SER A O   1 
ATOM   371  C CB  . SER A 1 43  ? -14.220 20.142  2.923   1.00 27.41  ? 43  SER A CB  1 
ATOM   372  O OG  . SER A 1 43  ? -13.362 20.702  3.900   1.00 38.65  ? 43  SER A OG  1 
ATOM   373  N N   . PHE A 1 44  ? -12.222 17.930  2.124   1.00 30.08  ? 44  PHE A N   1 
ATOM   374  C CA  . PHE A 1 44  ? -11.010 17.142  2.338   1.00 29.19  ? 44  PHE A CA  1 
ATOM   375  C C   . PHE A 1 44  ? -10.350 16.886  0.989   1.00 24.73  ? 44  PHE A C   1 
ATOM   376  O O   . PHE A 1 44  ? -9.126  16.912  0.923   1.00 24.23  ? 44  PHE A O   1 
ATOM   377  C CB  . PHE A 1 44  ? -11.375 15.808  3.077   1.00 33.39  ? 44  PHE A CB  1 
ATOM   378  C CG  . PHE A 1 44  ? -10.211 14.801  3.243   1.00 39.21  ? 44  PHE A CG  1 
ATOM   379  C CD1 . PHE A 1 44  ? -9.875  13.917  2.204   1.00 37.87  ? 44  PHE A CD1 1 
ATOM   380  C CD2 . PHE A 1 44  ? -9.454  14.806  4.404   1.00 35.57  ? 44  PHE A CD2 1 
ATOM   381  C CE1 . PHE A 1 44  ? -8.802  13.082  2.338   1.00 35.38  ? 44  PHE A CE1 1 
ATOM   382  C CE2 . PHE A 1 44  ? -8.375  13.944  4.502   1.00 32.86  ? 44  PHE A CE2 1 
ATOM   383  C CZ  . PHE A 1 44  ? -8.050  13.099  3.488   1.00 31.31  ? 44  PHE A CZ  1 
ATOM   384  N N   . TRP A 1 45  ? -11.130 16.667  -0.079  1.00 22.78  ? 45  TRP A N   1 
ATOM   385  C CA  . TRP A 1 45  ? -10.587 16.478  -1.405  1.00 22.99  ? 45  TRP A CA  1 
ATOM   386  C C   . TRP A 1 45  ? -9.644  17.624  -1.783  1.00 23.07  ? 45  TRP A C   1 
ATOM   387  O O   . TRP A 1 45  ? -8.515  17.408  -2.236  1.00 22.61  ? 45  TRP A O   1 
ATOM   388  C CB  . TRP A 1 45  ? -11.757 16.389  -2.384  1.00 24.76  ? 45  TRP A CB  1 
ATOM   389  C CG  . TRP A 1 45  ? -11.278 16.217  -3.813  1.00 31.91  ? 45  TRP A CG  1 
ATOM   390  C CD1 . TRP A 1 45  ? -11.246 17.265  -4.692  1.00 35.95  ? 45  TRP A CD1 1 
ATOM   391  C CD2 . TRP A 1 45  ? -10.794 15.064  -4.363  1.00 39.53  ? 45  TRP A CD2 1 
ATOM   392  N NE1 . TRP A 1 45  ? -10.734 16.780  -5.786  1.00 34.27  ? 45  TRP A NE1 1 
ATOM   393  C CE2 . TRP A 1 45  ? -10.456 15.481  -5.638  1.00 38.42  ? 45  TRP A CE2 1 
ATOM   394  C CE3 . TRP A 1 45  ? -10.600 13.751  -3.975  1.00 47.61  ? 45  TRP A CE3 1 
ATOM   395  C CZ2 . TRP A 1 45  ? -9.921  14.601  -6.553  1.00 44.20  ? 45  TRP A CZ2 1 
ATOM   396  C CZ3 . TRP A 1 45  ? -10.063 12.865  -4.895  1.00 48.83  ? 45  TRP A CZ3 1 
ATOM   397  C CH2 . TRP A 1 45  ? -9.729  13.289  -6.170  1.00 46.65  ? 45  TRP A CH2 1 
ATOM   398  N N   . TRP A 1 46  ? -10.087 18.857  -1.495  1.00 19.88  ? 46  TRP A N   1 
ATOM   399  C CA  . TRP A 1 46  ? -9.322  20.006  -1.905  1.00 24.29  ? 46  TRP A CA  1 
ATOM   400  C C   . TRP A 1 46  ? -8.241  20.344  -0.918  1.00 30.94  ? 46  TRP A C   1 
ATOM   401  O O   . TRP A 1 46  ? -7.312  21.058  -1.282  1.00 34.59  ? 46  TRP A O   1 
ATOM   402  C CB  . TRP A 1 46  ? -10.286 21.197  -2.146  1.00 18.96  ? 46  TRP A CB  1 
ATOM   403  C CG  . TRP A 1 46  ? -11.063 21.007  -3.464  1.00 14.56  ? 46  TRP A CG  1 
ATOM   404  C CD1 . TRP A 1 46  ? -12.266 20.351  -3.523  1.00 11.11  ? 46  TRP A CD1 1 
ATOM   405  C CD2 . TRP A 1 46  ? -10.632 21.390  -4.714  1.00 14.58  ? 46  TRP A CD2 1 
ATOM   406  N NE1 . TRP A 1 46  ? -12.584 20.298  -4.796  1.00 12.76  ? 46  TRP A NE1 1 
ATOM   407  C CE2 . TRP A 1 46  ? -11.632 20.911  -5.535  1.00 15.18  ? 46  TRP A CE2 1 
ATOM   408  C CE3 . TRP A 1 46  ? -9.542  22.068  -5.241  1.00 16.62  ? 46  TRP A CE3 1 
ATOM   409  C CZ2 . TRP A 1 46  ? -11.560 21.102  -6.904  1.00 16.96  ? 46  TRP A CZ2 1 
ATOM   410  C CZ3 . TRP A 1 46  ? -9.481  22.262  -6.618  1.00 20.20  ? 46  TRP A CZ3 1 
ATOM   411  C CH2 . TRP A 1 46  ? -10.484 21.783  -7.438  1.00 16.88  ? 46  TRP A CH2 1 
ATOM   412  N N   . ASN A 1 47  ? -8.312  19.830  0.320   1.00 38.22  ? 47  ASN A N   1 
ATOM   413  C CA  . ASN A 1 47  ? -7.251  19.982  1.308   1.00 45.36  ? 47  ASN A CA  1 
ATOM   414  C C   . ASN A 1 47  ? -7.083  18.693  2.108   1.00 47.23  ? 47  ASN A C   1 
ATOM   415  O O   . ASN A 1 47  ? -7.651  18.557  3.201   1.00 44.63  ? 47  ASN A O   1 
ATOM   416  C CB  . ASN A 1 47  ? -7.550  21.104  2.285   1.00 53.77  ? 47  ASN A CB  1 
ATOM   417  C CG  . ASN A 1 47  ? -7.567  22.436  1.572   1.00 65.24  ? 47  ASN A CG  1 
ATOM   418  O OD1 . ASN A 1 47  ? -6.533  22.937  1.110   1.00 71.40  ? 47  ASN A OD1 1 
ATOM   419  N ND2 . ASN A 1 47  ? -8.786  22.980  1.444   1.00 70.33  ? 47  ASN A ND2 1 
ATOM   420  N N   . PRO A 1 48  ? -6.338  17.695  1.577   1.00 50.15  ? 48  PRO A N   1 
ATOM   421  C CA  . PRO A 1 48  ? -6.007  16.455  2.290   1.00 54.36  ? 48  PRO A CA  1 
ATOM   422  C C   . PRO A 1 48  ? -5.210  16.566  3.611   1.00 57.03  ? 48  PRO A C   1 
ATOM   423  O O   . PRO A 1 48  ? -4.308  17.404  3.719   1.00 59.25  ? 48  PRO A O   1 
ATOM   424  C CB  . PRO A 1 48  ? -5.315  15.636  1.194   1.00 52.65  ? 48  PRO A CB  1 
ATOM   425  C CG  . PRO A 1 48  ? -4.741  16.636  0.232   1.00 49.69  ? 48  PRO A CG  1 
ATOM   426  C CD  . PRO A 1 48  ? -5.885  17.627  0.180   1.00 48.94  ? 48  PRO A CD  1 
ATOM   427  N N   . GLN A 1 49  ? -5.541  15.758  4.643   1.00 61.00  ? 49  GLN A N   1 
ATOM   428  C CA  . GLN A 1 49  ? -4.835  15.792  5.928   1.00 64.61  ? 49  GLN A CA  1 
ATOM   429  C C   . GLN A 1 49  ? -3.750  14.734  5.971   1.00 62.76  ? 49  GLN A C   1 
ATOM   430  O O   . GLN A 1 49  ? -3.785  13.682  6.603   1.00 59.79  ? 49  GLN A O   1 
ATOM   431  C CB  . GLN A 1 49  ? -5.850  15.623  7.102   1.00 72.25  ? 49  GLN A CB  1 
ATOM   432  C CG  . GLN A 1 49  ? -6.729  14.359  7.290   1.00 84.07  ? 49  GLN A CG  1 
ATOM   433  C CD  . GLN A 1 49  ? -8.066  14.511  8.068   1.00 88.62  ? 49  GLN A CD  1 
ATOM   434  O OE1 . GLN A 1 49  ? -9.132  14.790  7.503   1.00 91.30  ? 49  GLN A OE1 1 
ATOM   435  N NE2 . GLN A 1 49  ? -8.104  14.295  9.385   1.00 93.17  ? 49  GLN A NE2 1 
ATOM   436  N N   . THR A 1 50  ? -2.750  15.166  5.208   1.00 62.79  ? 50  THR A N   1 
ATOM   437  C CA  . THR A 1 50  ? -1.523  14.429  4.956   1.00 66.79  ? 50  THR A CA  1 
ATOM   438  C C   . THR A 1 50  ? -0.576  14.421  6.164   1.00 67.94  ? 50  THR A C   1 
ATOM   439  O O   . THR A 1 50  ? 0.445   13.718  6.206   1.00 68.37  ? 50  THR A O   1 
ATOM   440  C CB  . THR A 1 50  ? -0.846  15.050  3.715   1.00 67.06  ? 50  THR A CB  1 
ATOM   441  O OG1 . THR A 1 50  ? -1.854  15.117  2.711   1.00 72.16  ? 50  THR A OG1 1 
ATOM   442  C CG2 . THR A 1 50  ? 0.327   14.226  3.176   1.00 68.80  ? 50  THR A CG2 1 
ATOM   443  N N   . SER A 1 51  ? -0.939  15.229  7.172   1.00 68.10  ? 51  SER A N   1 
ATOM   444  C CA  . SER A 1 51  ? -0.267  15.245  8.462   1.00 66.87  ? 51  SER A CA  1 
ATOM   445  C C   . SER A 1 51  ? -0.484  13.898  9.125   1.00 63.41  ? 51  SER A C   1 
ATOM   446  O O   . SER A 1 51  ? 0.420   13.385  9.781   1.00 63.83  ? 51  SER A O   1 
ATOM   447  C CB  . SER A 1 51  ? -0.850  16.342  9.350   1.00 69.92  ? 51  SER A CB  1 
ATOM   448  O OG  . SER A 1 51  ? -0.657  17.626  8.772   1.00 75.22  ? 51  SER A OG  1 
ATOM   449  N N   . LEU A 1 52  ? -1.697  13.352  8.890   1.00 60.66  ? 52  LEU A N   1 
ATOM   450  C CA  . LEU A 1 52  ? -2.093  12.033  9.356   1.00 56.99  ? 52  LEU A CA  1 
ATOM   451  C C   . LEU A 1 52  ? -1.252  10.958  8.697   1.00 53.58  ? 52  LEU A C   1 
ATOM   452  O O   . LEU A 1 52  ? -1.039  9.930   9.333   1.00 56.32  ? 52  LEU A O   1 
ATOM   453  C CB  . LEU A 1 52  ? -3.573  11.687  9.049   1.00 55.31  ? 52  LEU A CB  1 
ATOM   454  C CG  . LEU A 1 52  ? -4.733  12.476  9.647   1.00 55.00  ? 52  LEU A CG  1 
ATOM   455  C CD1 . LEU A 1 52  ? -5.883  11.538  9.917   1.00 54.53  ? 52  LEU A CD1 1 
ATOM   456  C CD2 . LEU A 1 52  ? -4.395  13.016  11.008  1.00 57.58  ? 52  LEU A CD2 1 
ATOM   457  N N   . CYS A 1 53  ? -0.747  11.174  7.466   1.00 47.75  ? 53  CYS A N   1 
ATOM   458  C CA  . CYS A 1 53  ? 0.063   10.185  6.778   1.00 39.98  ? 53  CYS A CA  1 
ATOM   459  C C   . CYS A 1 53  ? 1.412   9.949   7.449   1.00 38.20  ? 53  CYS A C   1 
ATOM   460  O O   . CYS A 1 53  ? 2.189   10.883  7.602   1.00 35.57  ? 53  CYS A O   1 
ATOM   461  C CB  . CYS A 1 53  ? 0.262   10.618  5.333   1.00 37.09  ? 53  CYS A CB  1 
ATOM   462  S SG  . CYS A 1 53  ? -1.297  10.786  4.396   1.00 33.71  ? 53  CYS A SG  1 
ATOM   463  N N   . PRO A 1 54  ? 1.705   8.706   7.894   1.00 38.21  ? 54  PRO A N   1 
ATOM   464  C CA  . PRO A 1 54  ? 2.969   8.291   8.518   1.00 37.36  ? 54  PRO A CA  1 
ATOM   465  C C   . PRO A 1 54  ? 4.184   8.389   7.602   1.00 36.01  ? 54  PRO A C   1 
ATOM   466  O O   . PRO A 1 54  ? 5.325   8.533   8.035   1.00 38.57  ? 54  PRO A O   1 
ATOM   467  C CB  . PRO A 1 54  ? 2.747   6.868   8.961   1.00 37.03  ? 54  PRO A CB  1 
ATOM   468  C CG  . PRO A 1 54  ? 1.262   6.615   8.798   1.00 38.10  ? 54  PRO A CG  1 
ATOM   469  C CD  . PRO A 1 54  ? 0.860   7.530   7.673   1.00 35.77  ? 54  PRO A CD  1 
ATOM   470  N N   . SER A 1 55  ? 3.878   8.323   6.310   1.00 36.43  ? 55  SER A N   1 
ATOM   471  C CA  . SER A 1 55  ? 4.826   8.291   5.220   1.00 40.00  ? 55  SER A CA  1 
ATOM   472  C C   . SER A 1 55  ? 5.179   9.620   4.574   1.00 42.20  ? 55  SER A C   1 
ATOM   473  O O   . SER A 1 55  ? 5.914   9.598   3.583   1.00 40.73  ? 55  SER A O   1 
ATOM   474  C CB  . SER A 1 55  ? 4.269   7.391   4.147   1.00 41.01  ? 55  SER A CB  1 
ATOM   475  O OG  . SER A 1 55  ? 3.173   8.053   3.500   1.00 39.06  ? 55  SER A OG  1 
ATOM   476  N N   . GLU A 1 56  ? 4.600   10.730  5.055   1.00 46.21  ? 56  GLU A N   1 
ATOM   477  C CA  . GLU A 1 56  ? 4.793   12.082  4.527   1.00 53.74  ? 56  GLU A CA  1 
ATOM   478  C C   . GLU A 1 56  ? 6.247   12.383  4.095   1.00 54.96  ? 56  GLU A C   1 
ATOM   479  O O   . GLU A 1 56  ? 6.532   12.832  2.973   1.00 56.23  ? 56  GLU A O   1 
ATOM   480  C CB  . GLU A 1 56  ? 4.278   13.045  5.638   1.00 59.20  ? 56  GLU A CB  1 
ATOM   481  C CG  . GLU A 1 56  ? 4.125   14.564  5.356   1.00 68.08  ? 56  GLU A CG  1 
ATOM   482  C CD  . GLU A 1 56  ? 3.617   15.492  6.491   1.00 73.34  ? 56  GLU A CD  1 
ATOM   483  O OE1 . GLU A 1 56  ? 3.730   15.161  7.682   1.00 75.95  ? 56  GLU A OE1 1 
ATOM   484  O OE2 . GLU A 1 56  ? 3.111   16.580  6.172   1.00 75.07  ? 56  GLU A OE2 1 
ATOM   485  N N   . SER A 1 57  ? 7.152   11.977  5.006   1.00 55.34  ? 57  SER A N   1 
ATOM   486  C CA  . SER A 1 57  ? 8.616   12.108  4.927   1.00 55.16  ? 57  SER A CA  1 
ATOM   487  C C   . SER A 1 57  ? 9.409   11.324  3.876   1.00 52.21  ? 57  SER A C   1 
ATOM   488  O O   . SER A 1 57  ? 10.516  11.726  3.495   1.00 53.54  ? 57  SER A O   1 
ATOM   489  C CB  . SER A 1 57  ? 9.203   11.765  6.308   1.00 58.65  ? 57  SER A CB  1 
ATOM   490  O OG  . SER A 1 57  ? 8.748   10.496  6.808   1.00 65.45  ? 57  SER A OG  1 
ATOM   491  N N   . ILE A 1 58  ? 8.885   10.165  3.455   1.00 46.07  ? 58  ILE A N   1 
ATOM   492  C CA  . ILE A 1 58  ? 9.547   9.332   2.482   1.00 41.33  ? 58  ILE A CA  1 
ATOM   493  C C   . ILE A 1 58  ? 9.348   9.911   1.088   1.00 43.10  ? 58  ILE A C   1 
ATOM   494  O O   . ILE A 1 58  ? 8.233   10.151  0.635   1.00 43.85  ? 58  ILE A O   1 
ATOM   495  C CB  . ILE A 1 58  ? 8.987   7.922   2.633   1.00 37.72  ? 58  ILE A CB  1 
ATOM   496  C CG1 . ILE A 1 58  ? 9.446   7.420   3.991   1.00 36.23  ? 58  ILE A CG1 1 
ATOM   497  C CG2 . ILE A 1 58  ? 9.479   6.984   1.527   1.00 35.37  ? 58  ILE A CG2 1 
ATOM   498  C CD1 . ILE A 1 58  ? 8.537   6.399   4.681   1.00 37.69  ? 58  ILE A CD1 1 
ATOM   499  N N   . PRO A 1 59  ? 10.440  10.223  0.379   1.00 45.46  ? 59  PRO A N   1 
ATOM   500  C CA  . PRO A 1 59  ? 10.385  10.710  -0.993  1.00 43.71  ? 59  PRO A CA  1 
ATOM   501  C C   . PRO A 1 59  ? 10.087  9.614   -2.002  1.00 41.06  ? 59  PRO A C   1 
ATOM   502  O O   . PRO A 1 59  ? 10.820  8.631   -2.117  1.00 40.94  ? 59  PRO A O   1 
ATOM   503  C CB  . PRO A 1 59  ? 11.738  11.385  -1.144  1.00 45.89  ? 59  PRO A CB  1 
ATOM   504  C CG  . PRO A 1 59  ? 12.657  10.529  -0.300  1.00 46.79  ? 59  PRO A CG  1 
ATOM   505  C CD  . PRO A 1 59  ? 11.800  10.327  0.934   1.00 46.59  ? 59  PRO A CD  1 
ATOM   506  N N   . THR A 1 60  ? 8.969   9.801   -2.697  1.00 37.38  ? 60  THR A N   1 
ATOM   507  C CA  . THR A 1 60  ? 8.544   8.875   -3.722  1.00 39.37  ? 60  THR A CA  1 
ATOM   508  C C   . THR A 1 60  ? 8.469   9.514   -5.129  1.00 40.07  ? 60  THR A C   1 
ATOM   509  O O   . THR A 1 60  ? 8.352   10.732  -5.244  1.00 42.21  ? 60  THR A O   1 
ATOM   510  C CB  . THR A 1 60  ? 7.145   8.230   -3.287  1.00 37.62  ? 60  THR A CB  1 
ATOM   511  O OG1 . THR A 1 60  ? 6.107   9.206   -3.335  1.00 36.49  ? 60  THR A OG1 1 
ATOM   512  C CG2 . THR A 1 60  ? 7.240   7.622   -1.894  1.00 32.45  ? 60  THR A CG2 1 
ATOM   513  N N   . PRO A 1 61  ? 8.561   8.781   -6.250  1.00 42.18  ? 61  PRO A N   1 
ATOM   514  C CA  . PRO A 1 61  ? 8.268   9.303   -7.573  1.00 44.88  ? 61  PRO A CA  1 
ATOM   515  C C   . PRO A 1 61  ? 6.838   9.775   -7.761  1.00 50.20  ? 61  PRO A C   1 
ATOM   516  O O   . PRO A 1 61  ? 5.828   9.098   -7.519  1.00 51.30  ? 61  PRO A O   1 
ATOM   517  C CB  . PRO A 1 61  ? 8.657   8.194   -8.521  1.00 41.56  ? 61  PRO A CB  1 
ATOM   518  C CG  . PRO A 1 61  ? 8.647   6.959   -7.681  1.00 40.65  ? 61  PRO A CG  1 
ATOM   519  C CD  . PRO A 1 61  ? 9.121   7.438   -6.331  1.00 40.68  ? 61  PRO A CD  1 
ATOM   520  N N   . SER A 1 62  ? 6.869   11.052  -8.157  1.00 57.33  ? 62  SER A N   1 
ATOM   521  C CA  . SER A 1 62  ? 5.691   11.871  -8.440  1.00 62.27  ? 62  SER A CA  1 
ATOM   522  C C   . SER A 1 62  ? 4.820   11.478  -9.637  1.00 63.01  ? 62  SER A C   1 
ATOM   523  O O   . SER A 1 62  ? 3.593   11.581  -9.543  1.00 66.97  ? 62  SER A O   1 
ATOM   524  C CB  . SER A 1 62  ? 6.157   13.332  -8.598  1.00 64.53  ? 62  SER A CB  1 
ATOM   525  O OG  . SER A 1 62  ? 7.331   13.477  -9.402  1.00 70.34  ? 62  SER A OG  1 
ATOM   526  N N   . ASN A 1 63  ? 5.378   10.998  -10.758 1.00 60.16  ? 63  ASN A N   1 
ATOM   527  C CA  . ASN A 1 63  ? 4.611   10.625  -11.950 1.00 55.68  ? 63  ASN A CA  1 
ATOM   528  C C   . ASN A 1 63  ? 5.085   9.286   -12.486 1.00 53.69  ? 63  ASN A C   1 
ATOM   529  O O   . ASN A 1 63  ? 6.140   8.829   -12.036 1.00 52.54  ? 63  ASN A O   1 
ATOM   530  C CB  . ASN A 1 63  ? 4.786   11.731  -12.995 1.00 57.21  ? 63  ASN A CB  1 
ATOM   531  C CG  . ASN A 1 63  ? 6.228   12.153  -13.216 1.00 59.07  ? 63  ASN A CG  1 
ATOM   532  O OD1 . ASN A 1 63  ? 6.782   11.846  -14.263 1.00 65.06  ? 63  ASN A OD1 1 
ATOM   533  N ND2 . ASN A 1 63  ? 6.908   12.845  -12.296 1.00 61.28  ? 63  ASN A ND2 1 
ATOM   534  N N   . LYS A 1 64  ? 4.406   8.629   -13.447 1.00 52.41  ? 64  LYS A N   1 
ATOM   535  C CA  . LYS A 1 64  ? 4.890   7.323   -13.916 1.00 54.48  ? 64  LYS A CA  1 
ATOM   536  C C   . LYS A 1 64  ? 6.246   7.376   -14.577 1.00 51.43  ? 64  LYS A C   1 
ATOM   537  O O   . LYS A 1 64  ? 6.978   6.389   -14.510 1.00 51.87  ? 64  LYS A O   1 
ATOM   538  C CB  . LYS A 1 64  ? 4.023   6.632   -14.961 1.00 59.99  ? 64  LYS A CB  1 
ATOM   539  C CG  . LYS A 1 64  ? 2.624   6.220   -14.519 1.00 74.44  ? 64  LYS A CG  1 
ATOM   540  C CD  . LYS A 1 64  ? 2.463   5.277   -13.298 1.00 81.15  ? 64  LYS A CD  1 
ATOM   541  C CE  . LYS A 1 64  ? 0.949   5.033   -13.013 1.00 85.24  ? 64  LYS A CE  1 
ATOM   542  N NZ  . LYS A 1 64  ? 0.200   6.248   -12.671 1.00 87.30  ? 64  LYS A NZ  1 
ATOM   543  N N   . GLU A 1 65  ? 6.615   8.508   -15.190 1.00 45.96  ? 65  GLU A N   1 
ATOM   544  C CA  . GLU A 1 65  ? 7.901   8.572   -15.825 1.00 40.87  ? 65  GLU A CA  1 
ATOM   545  C C   . GLU A 1 65  ? 9.001   8.803   -14.797 1.00 41.11  ? 65  GLU A C   1 
ATOM   546  O O   . GLU A 1 65  ? 10.132  8.380   -15.053 1.00 41.79  ? 65  GLU A O   1 
ATOM   547  C CB  . GLU A 1 65  ? 7.808   9.647   -16.914 1.00 37.46  ? 65  GLU A CB  1 
ATOM   548  C CG  . GLU A 1 65  ? 8.418   10.977  -16.658 1.00 27.80  ? 65  GLU A CG  1 
ATOM   549  C CD  . GLU A 1 65  ? 8.456   11.903  -17.857 1.00 28.68  ? 65  GLU A CD  1 
ATOM   550  O OE1 . GLU A 1 65  ? 7.619   11.846  -18.771 1.00 25.61  ? 65  GLU A OE1 1 
ATOM   551  O OE2 . GLU A 1 65  ? 9.368   12.710  -17.855 1.00 25.69  ? 65  GLU A OE2 1 
ATOM   552  N N   . GLU A 1 66  ? 8.742   9.389   -13.617 1.00 40.07  ? 66  GLU A N   1 
ATOM   553  C CA  . GLU A 1 66  ? 9.787   9.414   -12.593 1.00 43.27  ? 66  GLU A CA  1 
ATOM   554  C C   . GLU A 1 66  ? 9.973   8.036   -11.917 1.00 41.30  ? 66  GLU A C   1 
ATOM   555  O O   . GLU A 1 66  ? 11.043  7.688   -11.413 1.00 39.08  ? 66  GLU A O   1 
ATOM   556  C CB  . GLU A 1 66  ? 9.477   10.415  -11.514 1.00 49.93  ? 66  GLU A CB  1 
ATOM   557  C CG  . GLU A 1 66  ? 10.848  10.689  -10.905 1.00 62.50  ? 66  GLU A CG  1 
ATOM   558  C CD  . GLU A 1 66  ? 10.895  11.312  -9.519  1.00 71.07  ? 66  GLU A CD  1 
ATOM   559  O OE1 . GLU A 1 66  ? 10.032  12.144  -9.188  1.00 74.01  ? 66  GLU A OE1 1 
ATOM   560  O OE2 . GLU A 1 66  ? 11.824  10.942  -8.785  1.00 74.51  ? 66  GLU A OE2 1 
ATOM   561  N N   . THR A 1 67  ? 8.881   7.269   -11.922 1.00 38.41  ? 67  THR A N   1 
ATOM   562  C CA  . THR A 1 67  ? 8.842   5.893   -11.489 1.00 40.54  ? 67  THR A CA  1 
ATOM   563  C C   . THR A 1 67  ? 9.696   5.039   -12.452 1.00 42.76  ? 67  THR A C   1 
ATOM   564  O O   . THR A 1 67  ? 10.587  4.320   -11.998 1.00 42.28  ? 67  THR A O   1 
ATOM   565  C CB  . THR A 1 67  ? 7.342   5.478   -11.460 1.00 40.04  ? 67  THR A CB  1 
ATOM   566  O OG1 . THR A 1 67  ? 6.734   6.307   -10.479 1.00 37.58  ? 67  THR A OG1 1 
ATOM   567  C CG2 . THR A 1 67  ? 7.092   4.020   -11.131 1.00 40.20  ? 67  THR A CG2 1 
ATOM   568  N N   . GLN A 1 68  ? 9.514   5.126   -13.783 1.00 45.85  ? 68  GLN A N   1 
ATOM   569  C CA  . GLN A 1 68  ? 10.314  4.384   -14.772 1.00 49.08  ? 68  GLN A CA  1 
ATOM   570  C C   . GLN A 1 68  ? 11.829  4.618   -14.733 1.00 47.90  ? 68  GLN A C   1 
ATOM   571  O O   . GLN A 1 68  ? 12.620  3.741   -15.079 1.00 48.09  ? 68  GLN A O   1 
ATOM   572  C CB  . GLN A 1 68  ? 9.849   4.714   -16.173 1.00 54.04  ? 68  GLN A CB  1 
ATOM   573  C CG  . GLN A 1 68  ? 8.389   4.333   -16.424 1.00 67.13  ? 68  GLN A CG  1 
ATOM   574  C CD  . GLN A 1 68  ? 7.836   4.788   -17.791 1.00 78.50  ? 68  GLN A CD  1 
ATOM   575  O OE1 . GLN A 1 68  ? 7.854   5.965   -18.195 1.00 81.67  ? 68  GLN A OE1 1 
ATOM   576  N NE2 . GLN A 1 68  ? 7.309   3.814   -18.550 1.00 84.42  ? 68  GLN A NE2 1 
ATOM   577  N N   . GLN A 1 69  ? 12.265  5.794   -14.277 1.00 48.76  ? 69  GLN A N   1 
ATOM   578  C CA  . GLN A 1 69  ? 13.677  6.150   -14.158 1.00 48.77  ? 69  GLN A CA  1 
ATOM   579  C C   . GLN A 1 69  ? 14.358  5.449   -13.006 1.00 46.15  ? 69  GLN A C   1 
ATOM   580  O O   . GLN A 1 69  ? 15.583  5.398   -12.940 1.00 47.66  ? 69  GLN A O   1 
ATOM   581  C CB  . GLN A 1 69  ? 13.895  7.631   -13.881 1.00 54.79  ? 69  GLN A CB  1 
ATOM   582  C CG  . GLN A 1 69  ? 13.363  8.761   -14.780 1.00 63.68  ? 69  GLN A CG  1 
ATOM   583  C CD  . GLN A 1 69  ? 13.411  10.101  -14.022 1.00 70.73  ? 69  GLN A CD  1 
ATOM   584  O OE1 . GLN A 1 69  ? 13.857  10.181  -12.861 1.00 73.27  ? 69  GLN A OE1 1 
ATOM   585  N NE2 . GLN A 1 69  ? 12.936  11.199  -14.630 1.00 72.53  ? 69  GLN A NE2 1 
ATOM   586  N N   . LYS A 1 70  ? 13.558  4.985   -12.044 1.00 43.87  ? 70  LYS A N   1 
ATOM   587  C CA  . LYS A 1 70  ? 14.069  4.366   -10.824 1.00 39.76  ? 70  LYS A CA  1 
ATOM   588  C C   . LYS A 1 70  ? 14.459  2.937   -11.065 1.00 33.68  ? 70  LYS A C   1 
ATOM   589  O O   . LYS A 1 70  ? 13.751  2.248   -11.790 1.00 31.86  ? 70  LYS A O   1 
ATOM   590  C CB  . LYS A 1 70  ? 13.015  4.388   -9.742  1.00 43.69  ? 70  LYS A CB  1 
ATOM   591  C CG  . LYS A 1 70  ? 12.604  5.756   -9.242  1.00 47.89  ? 70  LYS A CG  1 
ATOM   592  C CD  . LYS A 1 70  ? 13.659  6.225   -8.277  1.00 53.67  ? 70  LYS A CD  1 
ATOM   593  C CE  . LYS A 1 70  ? 13.302  7.605   -7.778  1.00 57.73  ? 70  LYS A CE  1 
ATOM   594  N NZ  . LYS A 1 70  ? 14.192  7.935   -6.683  1.00 62.89  ? 70  LYS A NZ  1 
ATOM   595  N N   . SER A 1 71  ? 15.565  2.475   -10.483 1.00 30.66  ? 71  SER A N   1 
ATOM   596  C CA  . SER A 1 71  ? 15.924  1.079   -10.658 1.00 31.71  ? 71  SER A CA  1 
ATOM   597  C C   . SER A 1 71  ? 15.011  0.204   -9.826  1.00 30.03  ? 71  SER A C   1 
ATOM   598  O O   . SER A 1 71  ? 14.240  0.706   -9.018  1.00 29.73  ? 71  SER A O   1 
ATOM   599  C CB  . SER A 1 71  ? 17.389  0.832   -10.257 1.00 28.32  ? 71  SER A CB  1 
ATOM   600  O OG  . SER A 1 71  ? 17.772  1.229   -8.956  1.00 30.69  ? 71  SER A OG  1 
ATOM   601  N N   . ASN A 1 72  ? 15.001  -1.094  -10.116 1.00 29.30  ? 72  ASN A N   1 
ATOM   602  C CA  . ASN A 1 72  ? 14.262  -2.029  -9.312  1.00 30.08  ? 72  ASN A CA  1 
ATOM   603  C C   . ASN A 1 72  ? 14.679  -2.000  -7.856  1.00 28.84  ? 72  ASN A C   1 
ATOM   604  O O   . ASN A 1 72  ? 13.789  -1.921  -7.024  1.00 29.27  ? 72  ASN A O   1 
ATOM   605  C CB  . ASN A 1 72  ? 14.443  -3.413  -9.857  1.00 31.87  ? 72  ASN A CB  1 
ATOM   606  C CG  . ASN A 1 72  ? 13.605  -3.633  -11.093 1.00 34.93  ? 72  ASN A CG  1 
ATOM   607  O OD1 . ASN A 1 72  ? 12.623  -2.950  -11.338 1.00 36.04  ? 72  ASN A OD1 1 
ATOM   608  N ND2 . ASN A 1 72  ? 13.926  -4.630  -11.899 1.00 40.82  ? 72  ASN A ND2 1 
ATOM   609  N N   . LEU A 1 73  ? 15.963  -1.940  -7.495  1.00 25.66  ? 73  LEU A N   1 
ATOM   610  C CA  . LEU A 1 73  ? 16.384  -1.921  -6.113  1.00 27.08  ? 73  LEU A CA  1 
ATOM   611  C C   . LEU A 1 73  ? 15.982  -0.655  -5.396  1.00 28.43  ? 73  LEU A C   1 
ATOM   612  O O   . LEU A 1 73  ? 15.747  -0.659  -4.191  1.00 29.42  ? 73  LEU A O   1 
ATOM   613  C CB  . LEU A 1 73  ? 17.882  -2.061  -6.036  1.00 26.38  ? 73  LEU A CB  1 
ATOM   614  C CG  . LEU A 1 73  ? 18.474  -2.616  -4.761  1.00 31.05  ? 73  LEU A CG  1 
ATOM   615  C CD1 . LEU A 1 73  ? 17.675  -3.822  -4.294  1.00 22.53  ? 73  LEU A CD1 1 
ATOM   616  C CD2 . LEU A 1 73  ? 19.935  -2.962  -5.026  1.00 30.61  ? 73  LEU A CD2 1 
ATOM   617  N N   . GLU A 1 74  ? 15.919  0.434   -6.161  1.00 29.14  ? 74  GLU A N   1 
ATOM   618  C CA  . GLU A 1 74  ? 15.486  1.722   -5.651  1.00 29.55  ? 74  GLU A CA  1 
ATOM   619  C C   . GLU A 1 74  ? 13.997  1.716   -5.373  1.00 26.45  ? 74  GLU A C   1 
ATOM   620  O O   . GLU A 1 74  ? 13.605  2.168   -4.305  1.00 28.49  ? 74  GLU A O   1 
ATOM   621  C CB  . GLU A 1 74  ? 15.776  2.826   -6.652  1.00 36.24  ? 74  GLU A CB  1 
ATOM   622  C CG  . GLU A 1 74  ? 17.240  3.280   -6.615  1.00 43.88  ? 74  GLU A CG  1 
ATOM   623  C CD  . GLU A 1 74  ? 17.515  4.518   -7.466  1.00 46.49  ? 74  GLU A CD  1 
ATOM   624  O OE1 . GLU A 1 74  ? 17.258  4.509   -8.675  1.00 46.85  ? 74  GLU A OE1 1 
ATOM   625  O OE2 . GLU A 1 74  ? 17.980  5.504   -6.898  1.00 49.81  ? 74  GLU A OE2 1 
ATOM   626  N N   . LEU A 1 75  ? 13.182  1.207   -6.308  1.00 20.84  ? 75  LEU A N   1 
ATOM   627  C CA  . LEU A 1 75  ? 11.759  1.074   -6.117  1.00 22.33  ? 75  LEU A CA  1 
ATOM   628  C C   . LEU A 1 75  ? 11.390  0.118   -4.972  1.00 24.85  ? 75  LEU A C   1 
ATOM   629  O O   . LEU A 1 75  ? 10.382  0.340   -4.305  1.00 23.35  ? 75  LEU A O   1 
ATOM   630  C CB  . LEU A 1 75  ? 11.116  0.586   -7.391  1.00 19.17  ? 75  LEU A CB  1 
ATOM   631  C CG  . LEU A 1 75  ? 11.070  1.573   -8.554  1.00 22.40  ? 75  LEU A CG  1 
ATOM   632  C CD1 . LEU A 1 75  ? 10.471  0.901   -9.766  1.00 17.89  ? 75  LEU A CD1 1 
ATOM   633  C CD2 . LEU A 1 75  ? 10.276  2.819   -8.128  1.00 19.82  ? 75  LEU A CD2 1 
ATOM   634  N N   . LEU A 1 76  ? 12.221  -0.910  -4.702  1.00 23.05  ? 76  LEU A N   1 
ATOM   635  C CA  . LEU A 1 76  ? 12.054  -1.881  -3.619  1.00 19.39  ? 76  LEU A CA  1 
ATOM   636  C C   . LEU A 1 76  ? 12.383  -1.251  -2.304  1.00 18.78  ? 76  LEU A C   1 
ATOM   637  O O   . LEU A 1 76  ? 11.743  -1.494  -1.283  1.00 25.48  ? 76  LEU A O   1 
ATOM   638  C CB  . LEU A 1 76  ? 12.981  -3.101  -3.803  1.00 16.98  ? 76  LEU A CB  1 
ATOM   639  C CG  . LEU A 1 76  ? 12.522  -4.110  -4.857  1.00 18.46  ? 76  LEU A CG  1 
ATOM   640  C CD1 . LEU A 1 76  ? 13.579  -5.180  -5.018  1.00 16.76  ? 76  LEU A CD1 1 
ATOM   641  C CD2 . LEU A 1 76  ? 11.175  -4.723  -4.463  1.00 19.76  ? 76  LEU A CD2 1 
ATOM   642  N N   . ARG A 1 77  ? 13.399  -0.423  -2.331  1.00 18.19  ? 77  ARG A N   1 
ATOM   643  C CA  . ARG A 1 77  ? 13.799  0.262   -1.133  1.00 23.54  ? 77  ARG A CA  1 
ATOM   644  C C   . ARG A 1 77  ? 12.718  1.256   -0.667  1.00 23.97  ? 77  ARG A C   1 
ATOM   645  O O   . ARG A 1 77  ? 12.382  1.287   0.522   1.00 21.44  ? 77  ARG A O   1 
ATOM   646  C CB  . ARG A 1 77  ? 15.088  0.903   -1.501  1.00 29.56  ? 77  ARG A CB  1 
ATOM   647  C CG  . ARG A 1 77  ? 16.055  1.315   -0.419  1.00 43.81  ? 77  ARG A CG  1 
ATOM   648  C CD  . ARG A 1 77  ? 17.406  0.668   -0.766  1.00 56.59  ? 77  ARG A CD  1 
ATOM   649  N NE  . ARG A 1 77  ? 17.810  0.819   -2.171  1.00 65.58  ? 77  ARG A NE  1 
ATOM   650  C CZ  . ARG A 1 77  ? 19.052  0.554   -2.600  1.00 70.25  ? 77  ARG A CZ  1 
ATOM   651  N NH1 . ARG A 1 77  ? 20.012  0.125   -1.765  1.00 72.82  ? 77  ARG A NH1 1 
ATOM   652  N NH2 . ARG A 1 77  ? 19.330  0.722   -3.899  1.00 71.75  ? 77  ARG A NH2 1 
ATOM   653  N N   . ILE A 1 78  ? 12.177  2.057   -1.619  1.00 26.10  ? 78  ILE A N   1 
ATOM   654  C CA  . ILE A 1 78  ? 11.068  2.996   -1.390  1.00 25.97  ? 78  ILE A CA  1 
ATOM   655  C C   . ILE A 1 78  ? 9.794   2.235   -0.904  1.00 24.75  ? 78  ILE A C   1 
ATOM   656  O O   . ILE A 1 78  ? 9.176   2.633   0.084   1.00 23.88  ? 78  ILE A O   1 
ATOM   657  C CB  . ILE A 1 78  ? 10.801  3.773   -2.729  1.00 25.75  ? 78  ILE A CB  1 
ATOM   658  C CG1 . ILE A 1 78  ? 11.962  4.662   -3.106  1.00 26.03  ? 78  ILE A CG1 1 
ATOM   659  C CG2 . ILE A 1 78  ? 9.578   4.666   -2.569  1.00 27.04  ? 78  ILE A CG2 1 
ATOM   660  C CD1 . ILE A 1 78  ? 11.826  5.062   -4.615  1.00 26.31  ? 78  ILE A CD1 1 
ATOM   661  N N   . SER A 1 79  ? 9.358   1.150   -1.571  1.00 21.84  ? 79  SER A N   1 
ATOM   662  C CA  . SER A 1 79  ? 8.247   0.324   -1.133  1.00 20.25  ? 79  SER A CA  1 
ATOM   663  C C   . SER A 1 79  ? 8.500   -0.179  0.286   1.00 19.87  ? 79  SER A C   1 
ATOM   664  O O   . SER A 1 79  ? 7.601   -0.090  1.123   1.00 21.19  ? 79  SER A O   1 
ATOM   665  C CB  . SER A 1 79  ? 8.062   -0.870  -2.080  1.00 15.60  ? 79  SER A CB  1 
ATOM   666  O OG  . SER A 1 79  ? 7.609   -0.396  -3.338  1.00 21.15  ? 79  SER A OG  1 
ATOM   667  N N   . LEU A 1 80  ? 9.715   -0.600  0.651   1.00 19.48  ? 80  LEU A N   1 
ATOM   668  C CA  . LEU A 1 80  ? 9.958   -1.100  2.004   1.00 21.77  ? 80  LEU A CA  1 
ATOM   669  C C   . LEU A 1 80  ? 9.759   -0.031  3.095   1.00 21.13  ? 80  LEU A C   1 
ATOM   670  O O   . LEU A 1 80  ? 9.200   -0.254  4.169   1.00 18.25  ? 80  LEU A O   1 
ATOM   671  C CB  . LEU A 1 80  ? 11.380  -1.662  2.062   1.00 21.20  ? 80  LEU A CB  1 
ATOM   672  C CG  . LEU A 1 80  ? 11.859  -2.249  3.390   1.00 22.50  ? 80  LEU A CG  1 
ATOM   673  C CD1 . LEU A 1 80  ? 11.053  -3.497  3.698   1.00 22.08  ? 80  LEU A CD1 1 
ATOM   674  C CD2 . LEU A 1 80  ? 13.324  -2.613  3.312   1.00 24.43  ? 80  LEU A CD2 1 
ATOM   675  N N   . LEU A 1 81  ? 10.230  1.176   2.807   1.00 21.54  ? 81  LEU A N   1 
ATOM   676  C CA  . LEU A 1 81  ? 10.117  2.276   3.740   1.00 22.13  ? 81  LEU A CA  1 
ATOM   677  C C   . LEU A 1 81  ? 8.666   2.678   3.903   1.00 19.74  ? 81  LEU A C   1 
ATOM   678  O O   . LEU A 1 81  ? 8.306   3.031   5.016   1.00 21.55  ? 81  LEU A O   1 
ATOM   679  C CB  . LEU A 1 81  ? 10.937  3.463   3.241   1.00 21.41  ? 81  LEU A CB  1 
ATOM   680  C CG  . LEU A 1 81  ? 12.428  3.242   2.990   1.00 27.42  ? 81  LEU A CG  1 
ATOM   681  C CD1 . LEU A 1 81  ? 13.013  4.483   2.371   1.00 28.09  ? 81  LEU A CD1 1 
ATOM   682  C CD2 . LEU A 1 81  ? 13.133  2.894   4.280   1.00 26.63  ? 81  LEU A CD2 1 
ATOM   683  N N   . LEU A 1 82  ? 7.831   2.601   2.855   1.00 20.50  ? 82  LEU A N   1 
ATOM   684  C CA  . LEU A 1 82  ? 6.412   2.917   2.964   1.00 20.04  ? 82  LEU A CA  1 
ATOM   685  C C   . LEU A 1 82  ? 5.686   1.825   3.744   1.00 20.80  ? 82  LEU A C   1 
ATOM   686  O O   . LEU A 1 82  ? 4.810   2.130   4.536   1.00 23.16  ? 82  LEU A O   1 
ATOM   687  C CB  . LEU A 1 82  ? 5.778   3.089   1.551   1.00 20.08  ? 82  LEU A CB  1 
ATOM   688  C CG  . LEU A 1 82  ? 6.125   4.283   0.602   1.00 18.39  ? 82  LEU A CG  1 
ATOM   689  C CD1 . LEU A 1 82  ? 5.391   4.120   -0.721  1.00 15.52  ? 82  LEU A CD1 1 
ATOM   690  C CD2 . LEU A 1 82  ? 5.687   5.598   1.206   1.00 18.04  ? 82  LEU A CD2 1 
ATOM   691  N N   . ILE A 1 83  ? 5.989   0.541   3.607   1.00 19.22  ? 83  ILE A N   1 
ATOM   692  C CA  . ILE A 1 83  ? 5.399   -0.498  4.442   1.00 22.63  ? 83  ILE A CA  1 
ATOM   693  C C   . ILE A 1 83  ? 5.882   -0.377  5.887   1.00 21.92  ? 83  ILE A C   1 
ATOM   694  O O   . ILE A 1 83  ? 5.083   -0.497  6.803   1.00 21.95  ? 83  ILE A O   1 
ATOM   695  C CB  . ILE A 1 83  ? 5.764   -1.896  3.868   1.00 23.38  ? 83  ILE A CB  1 
ATOM   696  C CG1 . ILE A 1 83  ? 5.067   -2.093  2.509   1.00 26.07  ? 83  ILE A CG1 1 
ATOM   697  C CG2 . ILE A 1 83  ? 5.328   -2.999  4.817   1.00 22.85  ? 83  ILE A CG2 1 
ATOM   698  C CD1 . ILE A 1 83  ? 3.518   -1.925  2.529   1.00 28.00  ? 83  ILE A CD1 1 
ATOM   699  N N   . GLN A 1 84  ? 7.163   -0.080  6.118   1.00 22.07  ? 84  GLN A N   1 
ATOM   700  C CA  . GLN A 1 84  ? 7.700   0.030   7.448   1.00 21.09  ? 84  GLN A CA  1 
ATOM   701  C C   . GLN A 1 84  ? 7.112   1.209   8.185   1.00 23.37  ? 84  GLN A C   1 
ATOM   702  O O   . GLN A 1 84  ? 6.962   1.127   9.400   1.00 25.98  ? 84  GLN A O   1 
ATOM   703  C CB  . GLN A 1 84  ? 9.225   0.159   7.389   1.00 20.22  ? 84  GLN A CB  1 
ATOM   704  C CG  . GLN A 1 84  ? 9.827   -1.197  7.128   1.00 22.46  ? 84  GLN A CG  1 
ATOM   705  C CD  . GLN A 1 84  ? 11.336  -1.266  7.112   1.00 24.35  ? 84  GLN A CD  1 
ATOM   706  O OE1 . GLN A 1 84  ? 11.909  -2.340  7.321   1.00 28.65  ? 84  GLN A OE1 1 
ATOM   707  N NE2 . GLN A 1 84  ? 12.035  -0.174  6.827   1.00 26.47  ? 84  GLN A NE2 1 
ATOM   708  N N   . SER A 1 85  ? 6.715   2.304   7.530   1.00 23.06  ? 85  SER A N   1 
ATOM   709  C CA  . SER A 1 85  ? 6.111   3.427   8.248   1.00 22.38  ? 85  SER A CA  1 
ATOM   710  C C   . SER A 1 85  ? 4.662   3.114   8.643   1.00 20.09  ? 85  SER A C   1 
ATOM   711  O O   . SER A 1 85  ? 4.058   3.824   9.429   1.00 22.32  ? 85  SER A O   1 
ATOM   712  C CB  . SER A 1 85  ? 6.179   4.667   7.353   1.00 24.98  ? 85  SER A CB  1 
ATOM   713  O OG  . SER A 1 85  ? 5.291   4.550   6.256   1.00 27.16  ? 85  SER A OG  1 
ATOM   714  N N   . TRP A 1 86  ? 4.036   2.060   8.122   1.00 18.64  ? 86  TRP A N   1 
ATOM   715  C CA  . TRP A 1 86  ? 2.699   1.707   8.535   1.00 16.99  ? 86  TRP A CA  1 
ATOM   716  C C   . TRP A 1 86  ? 2.604   0.666   9.631   1.00 18.60  ? 86  TRP A C   1 
ATOM   717  O O   . TRP A 1 86  ? 1.524   0.432   10.161  1.00 17.23  ? 86  TRP A O   1 
ATOM   718  C CB  . TRP A 1 86  ? 1.928   1.193   7.360   1.00 17.82  ? 86  TRP A CB  1 
ATOM   719  C CG  . TRP A 1 86  ? 1.273   2.337   6.652   1.00 20.73  ? 86  TRP A CG  1 
ATOM   720  C CD1 . TRP A 1 86  ? 1.833   2.882   5.536   1.00 18.13  ? 86  TRP A CD1 1 
ATOM   721  C CD2 . TRP A 1 86  ? 0.118   2.950   7.072   1.00 20.86  ? 86  TRP A CD2 1 
ATOM   722  N NE1 . TRP A 1 86  ? 1.037   3.862   5.245   1.00 18.79  ? 86  TRP A NE1 1 
ATOM   723  C CE2 . TRP A 1 86  ? 0.006   3.954   6.118   1.00 21.82  ? 86  TRP A CE2 1 
ATOM   724  C CE3 . TRP A 1 86  ? -0.810  2.812   8.097   1.00 20.04  ? 86  TRP A CE3 1 
ATOM   725  C CZ2 . TRP A 1 86  ? -1.059  4.860   6.176   1.00 24.65  ? 86  TRP A CZ2 1 
ATOM   726  C CZ3 . TRP A 1 86  ? -1.862  3.710   8.154   1.00 21.53  ? 86  TRP A CZ3 1 
ATOM   727  C CH2 . TRP A 1 86  ? -1.984  4.723   7.206   1.00 22.35  ? 86  TRP A CH2 1 
ATOM   728  N N   . LEU A 1 87  ? 3.704   0.002   9.993   1.00 20.58  ? 87  LEU A N   1 
ATOM   729  C CA  . LEU A 1 87  ? 3.649   -1.111  10.940  1.00 22.24  ? 87  LEU A CA  1 
ATOM   730  C C   . LEU A 1 87  ? 3.059   -0.790  12.318  1.00 20.54  ? 87  LEU A C   1 
ATOM   731  O O   . LEU A 1 87  ? 2.285   -1.598  12.851  1.00 17.63  ? 87  LEU A O   1 
ATOM   732  C CB  . LEU A 1 87  ? 5.084   -1.714  11.067  1.00 20.13  ? 87  LEU A CB  1 
ATOM   733  C CG  . LEU A 1 87  ? 5.519   -2.522  9.864   1.00 16.32  ? 87  LEU A CG  1 
ATOM   734  C CD1 . LEU A 1 87  ? 6.905   -3.022  10.144  1.00 18.67  ? 87  LEU A CD1 1 
ATOM   735  C CD2 . LEU A 1 87  ? 4.548   -3.652  9.576   1.00 16.15  ? 87  LEU A CD2 1 
ATOM   736  N N   . GLU A 1 88  ? 3.403   0.389   12.864  1.00 21.18  ? 88  GLU A N   1 
ATOM   737  C CA  . GLU A 1 88  ? 2.804   0.805   14.116  1.00 24.65  ? 88  GLU A CA  1 
ATOM   738  C C   . GLU A 1 88  ? 1.472   1.540   13.899  1.00 22.41  ? 88  GLU A C   1 
ATOM   739  O O   . GLU A 1 88  ? 0.486   1.117   14.523  1.00 24.86  ? 88  GLU A O   1 
ATOM   740  C CB  . GLU A 1 88  ? 3.831   1.659   14.889  1.00 28.14  ? 88  GLU A CB  1 
ATOM   741  C CG  . GLU A 1 88  ? 5.089   0.879   15.343  1.00 39.42  ? 88  GLU A CG  1 
ATOM   742  C CD  . GLU A 1 88  ? 4.861   -0.452  16.107  1.00 49.79  ? 88  GLU A CD  1 
ATOM   743  O OE1 . GLU A 1 88  ? 4.586   -0.438  17.321  1.00 51.65  ? 88  GLU A OE1 1 
ATOM   744  O OE2 . GLU A 1 88  ? 4.980   -1.520  15.484  1.00 51.64  ? 88  GLU A OE2 1 
ATOM   745  N N   . PRO A 1 89  ? 1.317   2.543   12.997  1.00 21.79  ? 89  PRO A N   1 
ATOM   746  C CA  . PRO A 1 89  ? 0.053   3.164   12.600  1.00 20.25  ? 89  PRO A CA  1 
ATOM   747  C C   . PRO A 1 89  ? -1.169  2.307   12.315  1.00 20.08  ? 89  PRO A C   1 
ATOM   748  O O   . PRO A 1 89  ? -2.244  2.655   12.776  1.00 21.12  ? 89  PRO A O   1 
ATOM   749  C CB  . PRO A 1 89  ? 0.406   3.992   11.392  1.00 20.65  ? 89  PRO A CB  1 
ATOM   750  C CG  . PRO A 1 89  ? 1.779   4.460   11.707  1.00 18.24  ? 89  PRO A CG  1 
ATOM   751  C CD  . PRO A 1 89  ? 2.382   3.194   12.226  1.00 20.70  ? 89  PRO A CD  1 
ATOM   752  N N   . VAL A 1 90  ? -1.053  1.172   11.612  1.00 16.66  ? 90  VAL A N   1 
ATOM   753  C CA  . VAL A 1 90  ? -2.205  0.417   11.193  1.00 14.75  ? 90  VAL A CA  1 
ATOM   754  C C   . VAL A 1 90  ? -3.063  -0.126  12.320  1.00 18.61  ? 90  VAL A C   1 
ATOM   755  O O   . VAL A 1 90  ? -4.242  -0.421  12.088  1.00 18.47  ? 90  VAL A O   1 
ATOM   756  C CB  . VAL A 1 90  ? -1.698  -0.709  10.253  1.00 16.10  ? 90  VAL A CB  1 
ATOM   757  C CG1 . VAL A 1 90  ? -0.976  -1.828  10.998  1.00 14.44  ? 90  VAL A CG1 1 
ATOM   758  C CG2 . VAL A 1 90  ? -2.896  -1.240  9.503   1.00 18.37  ? 90  VAL A CG2 1 
ATOM   759  N N   . GLN A 1 91  ? -2.520  -0.216  13.556  1.00 21.75  ? 91  GLN A N   1 
ATOM   760  C CA  . GLN A 1 91  ? -3.314  -0.714  14.685  1.00 24.77  ? 91  GLN A CA  1 
ATOM   761  C C   . GLN A 1 91  ? -4.529  0.186   14.937  1.00 23.03  ? 91  GLN A C   1 
ATOM   762  O O   . GLN A 1 91  ? -5.595  -0.300  15.301  1.00 21.16  ? 91  GLN A O   1 
ATOM   763  C CB  . GLN A 1 91  ? -2.505  -0.785  16.026  1.00 28.42  ? 91  GLN A CB  1 
ATOM   764  C CG  . GLN A 1 91  ? -1.085  -1.330  16.056  1.00 33.60  ? 91  GLN A CG  1 
ATOM   765  C CD  . GLN A 1 91  ? -0.682  -2.507  15.165  1.00 35.34  ? 91  GLN A CD  1 
ATOM   766  O OE1 . GLN A 1 91  ? -1.266  -3.593  15.077  1.00 31.97  ? 91  GLN A OE1 1 
ATOM   767  N NE2 . GLN A 1 91  ? 0.435   -2.249  14.497  1.00 37.83  ? 91  GLN A NE2 1 
ATOM   768  N N   . PHE A 1 92  ? -4.388  1.484   14.651  1.00 22.79  ? 92  PHE A N   1 
ATOM   769  C CA  . PHE A 1 92  ? -5.481  2.443   14.787  1.00 27.82  ? 92  PHE A CA  1 
ATOM   770  C C   . PHE A 1 92  ? -6.662  2.209   13.842  1.00 28.01  ? 92  PHE A C   1 
ATOM   771  O O   . PHE A 1 92  ? -7.779  2.701   14.081  1.00 27.65  ? 92  PHE A O   1 
ATOM   772  C CB  . PHE A 1 92  ? -4.956  3.868   14.569  1.00 31.15  ? 92  PHE A CB  1 
ATOM   773  C CG  . PHE A 1 92  ? -3.764  4.193   15.453  1.00 42.13  ? 92  PHE A CG  1 
ATOM   774  C CD1 . PHE A 1 92  ? -3.712  3.743   16.774  1.00 46.72  ? 92  PHE A CD1 1 
ATOM   775  C CD2 . PHE A 1 92  ? -2.704  4.911   14.917  1.00 46.77  ? 92  PHE A CD2 1 
ATOM   776  C CE1 . PHE A 1 92  ? -2.601  4.005   17.552  1.00 47.25  ? 92  PHE A CE1 1 
ATOM   777  C CE2 . PHE A 1 92  ? -1.597  5.169   15.704  1.00 50.15  ? 92  PHE A CE2 1 
ATOM   778  C CZ  . PHE A 1 92  ? -1.551  4.714   17.014  1.00 49.74  ? 92  PHE A CZ  1 
ATOM   779  N N   . LEU A 1 93  ? -6.430  1.427   12.770  1.00 23.98  ? 93  LEU A N   1 
ATOM   780  C CA  . LEU A 1 93  ? -7.490  1.187   11.821  1.00 21.17  ? 93  LEU A CA  1 
ATOM   781  C C   . LEU A 1 93  ? -8.234  -0.076  12.127  1.00 19.18  ? 93  LEU A C   1 
ATOM   782  O O   . LEU A 1 93  ? -9.176  -0.405  11.427  1.00 18.93  ? 93  LEU A O   1 
ATOM   783  C CB  . LEU A 1 93  ? -6.902  1.148   10.397  1.00 19.89  ? 93  LEU A CB  1 
ATOM   784  C CG  . LEU A 1 93  ? -6.257  2.432   9.883   1.00 21.05  ? 93  LEU A CG  1 
ATOM   785  C CD1 . LEU A 1 93  ? -5.865  2.268   8.435   1.00 24.59  ? 93  LEU A CD1 1 
ATOM   786  C CD2 . LEU A 1 93  ? -7.243  3.578   9.950   1.00 21.66  ? 93  LEU A CD2 1 
ATOM   787  N N   . ARG A 1 94  ? -7.869  -0.787  13.192  1.00 19.88  ? 94  ARG A N   1 
ATOM   788  C CA  . ARG A 1 94  ? -8.533  -2.003  13.617  1.00 21.12  ? 94  ARG A CA  1 
ATOM   789  C C   . ARG A 1 94  ? -10.057 -1.908  13.699  1.00 18.56  ? 94  ARG A C   1 
ATOM   790  O O   . ARG A 1 94  ? -10.781 -2.778  13.220  1.00 17.02  ? 94  ARG A O   1 
ATOM   791  C CB  . ARG A 1 94  ? -7.944  -2.379  14.983  1.00 30.13  ? 94  ARG A CB  1 
ATOM   792  C CG  . ARG A 1 94  ? -8.228  -3.789  15.429  1.00 35.39  ? 94  ARG A CG  1 
ATOM   793  C CD  . ARG A 1 94  ? -9.240  -3.792  16.536  1.00 44.50  ? 94  ARG A CD  1 
ATOM   794  N NE  . ARG A 1 94  ? -9.926  -5.069  16.461  1.00 57.20  ? 94  ARG A NE  1 
ATOM   795  C CZ  . ARG A 1 94  ? -11.144 -5.270  16.995  1.00 64.00  ? 94  ARG A CZ  1 
ATOM   796  N NH1 . ARG A 1 94  ? -11.799 -4.299  17.652  1.00 66.62  ? 94  ARG A NH1 1 
ATOM   797  N NH2 . ARG A 1 94  ? -11.722 -6.473  16.873  1.00 65.01  ? 94  ARG A NH2 1 
ATOM   798  N N   . SER A 1 95  ? -10.605 -0.854  14.302  1.00 20.61  ? 95  SER A N   1 
ATOM   799  C CA  . SER A 1 95  ? -12.063 -0.765  14.413  1.00 25.07  ? 95  SER A CA  1 
ATOM   800  C C   . SER A 1 95  ? -12.834 -0.545  13.139  1.00 20.11  ? 95  SER A C   1 
ATOM   801  O O   . SER A 1 95  ? -13.973 -0.996  13.017  1.00 17.84  ? 95  SER A O   1 
ATOM   802  C CB  . SER A 1 95  ? -12.435 0.334   15.390  1.00 32.06  ? 95  SER A CB  1 
ATOM   803  O OG  . SER A 1 95  ? -11.935 -0.103  16.656  1.00 49.26  ? 95  SER A OG  1 
ATOM   804  N N   . VAL A 1 96  ? -12.180 0.162   12.205  1.00 18.85  ? 96  VAL A N   1 
ATOM   805  C CA  . VAL A 1 96  ? -12.727 0.323   10.861  1.00 18.78  ? 96  VAL A CA  1 
ATOM   806  C C   . VAL A 1 96  ? -12.959 -1.026  10.192  1.00 17.10  ? 96  VAL A C   1 
ATOM   807  O O   . VAL A 1 96  ? -14.063 -1.338  9.728   1.00 18.13  ? 96  VAL A O   1 
ATOM   808  C CB  . VAL A 1 96  ? -11.759 1.142   9.980   1.00 21.84  ? 96  VAL A CB  1 
ATOM   809  C CG1 . VAL A 1 96  ? -12.242 1.245   8.529   1.00 19.57  ? 96  VAL A CG1 1 
ATOM   810  C CG2 . VAL A 1 96  ? -11.651 2.504   10.587  1.00 22.98  ? 96  VAL A CG2 1 
ATOM   811  N N   . PHE A 1 97  ? -11.891 -1.847  10.167  1.00 15.65  ? 97  PHE A N   1 
ATOM   812  C CA  . PHE A 1 97  ? -11.938 -3.128  9.479   1.00 13.14  ? 97  PHE A CA  1 
ATOM   813  C C   . PHE A 1 97  ? -12.867 -4.061  10.234  1.00 13.81  ? 97  PHE A C   1 
ATOM   814  O O   . PHE A 1 97  ? -13.617 -4.811  9.608   1.00 13.57  ? 97  PHE A O   1 
ATOM   815  C CB  . PHE A 1 97  ? -10.515 -3.725  9.395   1.00 15.66  ? 97  PHE A CB  1 
ATOM   816  C CG  . PHE A 1 97  ? -9.547  -2.902  8.540   1.00 20.01  ? 97  PHE A CG  1 
ATOM   817  C CD1 . PHE A 1 97  ? -9.672  -2.859  7.172   1.00 23.53  ? 97  PHE A CD1 1 
ATOM   818  C CD2 . PHE A 1 97  ? -8.538  -2.167  9.125   1.00 21.40  ? 97  PHE A CD2 1 
ATOM   819  C CE1 . PHE A 1 97  ? -8.808  -2.090  6.406   1.00 21.71  ? 97  PHE A CE1 1 
ATOM   820  C CE2 . PHE A 1 97  ? -7.683  -1.401  8.360   1.00 24.42  ? 97  PHE A CE2 1 
ATOM   821  C CZ  . PHE A 1 97  ? -7.809  -1.354  6.994   1.00 21.95  ? 97  PHE A CZ  1 
ATOM   822  N N   . ALA A 1 98  ? -12.897 -4.011  11.591  1.00 14.27  ? 98  ALA A N   1 
ATOM   823  C CA  . ALA A 1 98  ? -13.795 -4.874  12.367  1.00 14.29  ? 98  ALA A CA  1 
ATOM   824  C C   . ALA A 1 98  ? -15.269 -4.526  12.073  1.00 16.17  ? 98  ALA A C   1 
ATOM   825  O O   . ALA A 1 98  ? -16.169 -5.371  11.999  1.00 19.82  ? 98  ALA A O   1 
ATOM   826  C CB  . ALA A 1 98  ? -13.503 -4.688  13.849  1.00 12.15  ? 98  ALA A CB  1 
ATOM   827  N N   . ASN A 1 99  ? -15.557 -3.261  11.792  1.00 18.89  ? 99  ASN A N   1 
ATOM   828  C CA  . ASN A 1 99  ? -16.914 -2.870  11.441  1.00 20.31  ? 99  ASN A CA  1 
ATOM   829  C C   . ASN A 1 99  ? -17.344 -2.984  9.988   1.00 21.00  ? 99  ASN A C   1 
ATOM   830  O O   . ASN A 1 99  ? -18.520 -2.872  9.631   1.00 17.56  ? 99  ASN A O   1 
ATOM   831  C CB  . ASN A 1 99  ? -17.078 -1.477  11.896  1.00 27.40  ? 99  ASN A CB  1 
ATOM   832  C CG  . ASN A 1 99  ? -17.532 -1.516  13.331  1.00 35.17  ? 99  ASN A CG  1 
ATOM   833  O OD1 . ASN A 1 99  ? -18.742 -1.490  13.576  1.00 44.56  ? 99  ASN A OD1 1 
ATOM   834  N ND2 . ASN A 1 99  ? -16.599 -1.602  14.282  1.00 32.83  ? 99  ASN A ND2 1 
ATOM   835  N N   . SER A 1 100 ? -16.357 -3.193  9.117   1.00 19.90  ? 100 SER A N   1 
ATOM   836  C CA  . SER A 1 100 ? -16.618 -3.197  7.698   1.00 17.02  ? 100 SER A CA  1 
ATOM   837  C C   . SER A 1 100 ? -17.434 -4.381  7.248   1.00 15.25  ? 100 SER A C   1 
ATOM   838  O O   . SER A 1 100 ? -17.310 -5.460  7.810   1.00 18.02  ? 100 SER A O   1 
ATOM   839  C CB  . SER A 1 100 ? -15.249 -3.135  7.023   1.00 15.44  ? 100 SER A CB  1 
ATOM   840  O OG  . SER A 1 100 ? -15.396 -3.225  5.626   1.00 17.52  ? 100 SER A OG  1 
ATOM   841  N N   . LEU A 1 101 ? -18.345 -4.216  6.288   1.00 12.33  ? 101 LEU A N   1 
ATOM   842  C CA  . LEU A 1 101 ? -19.041 -5.334  5.675   1.00 12.12  ? 101 LEU A CA  1 
ATOM   843  C C   . LEU A 1 101 ? -18.336 -5.827  4.407   1.00 11.23  ? 101 LEU A C   1 
ATOM   844  O O   . LEU A 1 101 ? -18.855 -6.714  3.756   1.00 11.87  ? 101 LEU A O   1 
ATOM   845  C CB  . LEU A 1 101 ? -20.454 -4.924  5.309   1.00 14.34  ? 101 LEU A CB  1 
ATOM   846  C CG  . LEU A 1 101 ? -21.376 -4.400  6.395   1.00 18.15  ? 101 LEU A CG  1 
ATOM   847  C CD1 . LEU A 1 101 ? -22.760 -4.099  5.842   1.00 23.11  ? 101 LEU A CD1 1 
ATOM   848  C CD2 . LEU A 1 101 ? -21.522 -5.476  7.442   1.00 22.01  ? 101 LEU A CD2 1 
ATOM   849  N N   . VAL A 1 102 ? -17.202 -5.247  3.999   1.00 13.54  ? 102 VAL A N   1 
ATOM   850  C CA  . VAL A 1 102 ? -16.444 -5.600  2.795   1.00 15.62  ? 102 VAL A CA  1 
ATOM   851  C C   . VAL A 1 102 ? -15.815 -6.937  3.083   1.00 15.08  ? 102 VAL A C   1 
ATOM   852  O O   . VAL A 1 102 ? -15.184 -7.143  4.121   1.00 15.62  ? 102 VAL A O   1 
ATOM   853  C CB  . VAL A 1 102 ? -15.293 -4.577  2.485   1.00 15.72  ? 102 VAL A CB  1 
ATOM   854  C CG1 . VAL A 1 102 ? -14.322 -5.070  1.376   1.00 11.54  ? 102 VAL A CG1 1 
ATOM   855  C CG2 . VAL A 1 102 ? -15.964 -3.268  2.065   1.00 10.75  ? 102 VAL A CG2 1 
ATOM   856  N N   . TYR A 1 103 ? -15.991 -7.825  2.113   1.00 17.68  ? 103 TYR A N   1 
ATOM   857  C CA  . TYR A 1 103 ? -15.499 -9.183  2.221   1.00 18.62  ? 103 TYR A CA  1 
ATOM   858  C C   . TYR A 1 103 ? -14.027 -9.182  2.614   1.00 19.26  ? 103 TYR A C   1 
ATOM   859  O O   . TYR A 1 103 ? -13.195 -8.488  2.030   1.00 22.85  ? 103 TYR A O   1 
ATOM   860  C CB  . TYR A 1 103 ? -15.715 -9.895  0.880   1.00 17.79  ? 103 TYR A CB  1 
ATOM   861  C CG  . TYR A 1 103 ? -15.005 -11.236 0.862   1.00 22.48  ? 103 TYR A CG  1 
ATOM   862  C CD1 . TYR A 1 103 ? -15.470 -12.247 1.677   1.00 24.83  ? 103 TYR A CD1 1 
ATOM   863  C CD2 . TYR A 1 103 ? -13.875 -11.410 0.076   1.00 26.03  ? 103 TYR A CD2 1 
ATOM   864  C CE1 . TYR A 1 103 ? -14.796 -13.448 1.711   1.00 27.69  ? 103 TYR A CE1 1 
ATOM   865  C CE2 . TYR A 1 103 ? -13.197 -12.619 0.104   1.00 31.56  ? 103 TYR A CE2 1 
ATOM   866  C CZ  . TYR A 1 103 ? -13.668 -13.633 0.931   1.00 31.93  ? 103 TYR A CZ  1 
ATOM   867  O OH  . TYR A 1 103 ? -13.009 -14.863 0.979   1.00 36.08  ? 103 TYR A OH  1 
ATOM   868  N N   . GLY A 1 104 ? -13.808 -9.877  3.735   1.00 22.35  ? 104 GLY A N   1 
ATOM   869  C CA  . GLY A 1 104 ? -12.490 -10.092 4.289   1.00 20.72  ? 104 GLY A CA  1 
ATOM   870  C C   . GLY A 1 104 ? -11.912 -8.998  5.136   1.00 22.72  ? 104 GLY A C   1 
ATOM   871  O O   . GLY A 1 104 ? -10.823 -9.189  5.662   1.00 26.14  ? 104 GLY A O   1 
ATOM   872  N N   . ALA A 1 105 ? -12.553 -7.848  5.311   1.00 20.14  ? 105 ALA A N   1 
ATOM   873  C CA  . ALA A 1 105 ? -11.991 -6.780  6.111   1.00 20.20  ? 105 ALA A CA  1 
ATOM   874  C C   . ALA A 1 105 ? -12.034 -7.089  7.594   1.00 19.89  ? 105 ALA A C   1 
ATOM   875  O O   . ALA A 1 105 ? -11.032 -6.962  8.287   1.00 19.82  ? 105 ALA A O   1 
ATOM   876  C CB  . ALA A 1 105 ? -12.769 -5.506  5.838   1.00 15.82  ? 105 ALA A CB  1 
ATOM   877  N N   . SER A 1 106 ? -13.194 -7.545  8.073   1.00 24.40  ? 106 SER A N   1 
ATOM   878  C CA  . SER A 1 106 ? -13.416 -7.766  9.500   1.00 28.81  ? 106 SER A CA  1 
ATOM   879  C C   . SER A 1 106 ? -12.612 -8.902  10.117  1.00 29.84  ? 106 SER A C   1 
ATOM   880  O O   . SER A 1 106 ? -12.301 -8.853  11.312  1.00 31.73  ? 106 SER A O   1 
ATOM   881  C CB  . SER A 1 106 ? -14.921 -8.006  9.797   1.00 24.85  ? 106 SER A CB  1 
ATOM   882  O OG  . SER A 1 106 ? -15.453 -9.225  9.283   1.00 30.55  ? 106 SER A OG  1 
ATOM   883  N N   . ASP A 1 107 ? -12.254 -9.934  9.362   1.00 28.73  ? 107 ASP A N   1 
ATOM   884  C CA  . ASP A 1 107 ? -11.430 -10.929 9.992   1.00 30.97  ? 107 ASP A CA  1 
ATOM   885  C C   . ASP A 1 107 ? -10.005 -10.924 9.496   1.00 30.67  ? 107 ASP A C   1 
ATOM   886  O O   . ASP A 1 107 ? -9.311  -11.926 9.638   1.00 31.61  ? 107 ASP A O   1 
ATOM   887  C CB  . ASP A 1 107 ? -12.083 -12.278 9.796   1.00 36.23  ? 107 ASP A CB  1 
ATOM   888  C CG  . ASP A 1 107 ? -12.576 -12.559 8.394   1.00 42.55  ? 107 ASP A CG  1 
ATOM   889  O OD1 . ASP A 1 107 ? -11.985 -12.080 7.415   1.00 43.20  ? 107 ASP A OD1 1 
ATOM   890  O OD2 . ASP A 1 107 ? -13.572 -13.276 8.311   1.00 46.02  ? 107 ASP A OD2 1 
ATOM   891  N N   . SER A 1 108 ? -9.553  -9.809  8.890   1.00 30.04  ? 108 SER A N   1 
ATOM   892  C CA  . SER A 1 108 ? -8.147  -9.623  8.504   1.00 26.91  ? 108 SER A CA  1 
ATOM   893  C C   . SER A 1 108 ? -7.277  -9.029  9.606   1.00 25.11  ? 108 SER A C   1 
ATOM   894  O O   . SER A 1 108 ? -7.692  -8.086  10.276  1.00 26.01  ? 108 SER A O   1 
ATOM   895  C CB  . SER A 1 108 ? -8.008  -8.696  7.313   1.00 30.11  ? 108 SER A CB  1 
ATOM   896  O OG  . SER A 1 108 ? -8.162  -9.415  6.107   1.00 30.11  ? 108 SER A OG  1 
ATOM   897  N N   . ASN A 1 109 ? -6.076  -9.570  9.848   1.00 18.74  ? 109 ASN A N   1 
ATOM   898  C CA  . ASN A 1 109 ? -5.150  -8.971  10.783  1.00 19.30  ? 109 ASN A CA  1 
ATOM   899  C C   . ASN A 1 109 ? -4.286  -8.232  9.792   1.00 19.10  ? 109 ASN A C   1 
ATOM   900  O O   . ASN A 1 109 ? -3.425  -8.804  9.129   1.00 23.60  ? 109 ASN A O   1 
ATOM   901  C CB  . ASN A 1 109 ? -4.354  -10.037 11.552  1.00 15.21  ? 109 ASN A CB  1 
ATOM   902  C CG  . ASN A 1 109 ? -3.283  -9.489  12.473  1.00 19.15  ? 109 ASN A CG  1 
ATOM   903  O OD1 . ASN A 1 109 ? -2.586  -8.513  12.190  1.00 22.88  ? 109 ASN A OD1 1 
ATOM   904  N ND2 . ASN A 1 109 ? -3.116  -10.080 13.646  1.00 24.42  ? 109 ASN A ND2 1 
ATOM   905  N N   . VAL A 1 110 ? -4.555  -6.939  9.662   1.00 18.13  ? 110 VAL A N   1 
ATOM   906  C CA  . VAL A 1 110 ? -3.877  -6.174  8.652   1.00 17.03  ? 110 VAL A CA  1 
ATOM   907  C C   . VAL A 1 110 ? -2.445  -5.926  9.102   1.00 17.37  ? 110 VAL A C   1 
ATOM   908  O O   . VAL A 1 110 ? -1.590  -5.734  8.252   1.00 21.35  ? 110 VAL A O   1 
ATOM   909  C CB  . VAL A 1 110 ? -4.727  -4.895  8.412   1.00 14.91  ? 110 VAL A CB  1 
ATOM   910  C CG1 . VAL A 1 110 ? -4.153  -4.048  7.290   1.00 14.49  ? 110 VAL A CG1 1 
ATOM   911  C CG2 . VAL A 1 110 ? -6.105  -5.302  7.892   1.00 13.49  ? 110 VAL A CG2 1 
ATOM   912  N N   . TYR A 1 111 ? -2.068  -6.003  10.369  1.00 17.40  ? 111 TYR A N   1 
ATOM   913  C CA  . TYR A 1 111 ? -0.664  -5.841  10.737  1.00 18.88  ? 111 TYR A CA  1 
ATOM   914  C C   . TYR A 1 111 ? 0.200   -6.955  10.148  1.00 19.08  ? 111 TYR A C   1 
ATOM   915  O O   . TYR A 1 111 ? 1.328   -6.713  9.724   1.00 18.82  ? 111 TYR A O   1 
ATOM   916  C CB  . TYR A 1 111 ? -0.528  -5.853  12.257  1.00 19.47  ? 111 TYR A CB  1 
ATOM   917  C CG  . TYR A 1 111 ? 0.912   -5.960  12.733  1.00 17.28  ? 111 TYR A CG  1 
ATOM   918  C CD1 . TYR A 1 111 ? 1.719   -4.852  12.711  1.00 16.72  ? 111 TYR A CD1 1 
ATOM   919  C CD2 . TYR A 1 111 ? 1.384   -7.185  13.194  1.00 17.16  ? 111 TYR A CD2 1 
ATOM   920  C CE1 . TYR A 1 111 ? 3.020   -4.971  13.161  1.00 17.66  ? 111 TYR A CE1 1 
ATOM   921  C CE2 . TYR A 1 111 ? 2.679   -7.295  13.641  1.00 16.56  ? 111 TYR A CE2 1 
ATOM   922  C CZ  . TYR A 1 111 ? 3.488   -6.177  13.628  1.00 19.99  ? 111 TYR A CZ  1 
ATOM   923  O OH  . TYR A 1 111 ? 4.789   -6.254  14.121  1.00 25.00  ? 111 TYR A OH  1 
ATOM   924  N N   . ASP A 1 112 ? -0.333  -8.176  10.181  1.00 17.66  ? 112 ASP A N   1 
ATOM   925  C CA  . ASP A 1 112 ? 0.318   -9.354  9.646   1.00 21.49  ? 112 ASP A CA  1 
ATOM   926  C C   . ASP A 1 112 ? 0.476   -9.328  8.137   1.00 21.40  ? 112 ASP A C   1 
ATOM   927  O O   . ASP A 1 112 ? 1.481   -9.819  7.614   1.00 19.95  ? 112 ASP A O   1 
ATOM   928  C CB  . ASP A 1 112 ? -0.459  -10.645 9.994   1.00 21.93  ? 112 ASP A CB  1 
ATOM   929  C CG  . ASP A 1 112 ? -0.325  -11.158 11.429  1.00 26.77  ? 112 ASP A CG  1 
ATOM   930  O OD1 . ASP A 1 112 ? 0.523   -10.675 12.185  1.00 26.15  ? 112 ASP A OD1 1 
ATOM   931  O OD2 . ASP A 1 112 ? -1.074  -12.067 11.785  1.00 28.90  ? 112 ASP A OD2 1 
ATOM   932  N N   . LEU A 1 113 ? -0.531  -8.789  7.455   1.00 14.80  ? 113 LEU A N   1 
ATOM   933  C CA  . LEU A 1 113 ? -0.478  -8.675  6.014   1.00 16.57  ? 113 LEU A CA  1 
ATOM   934  C C   . LEU A 1 113 ? 0.642   -7.744  5.639   1.00 15.31  ? 113 LEU A C   1 
ATOM   935  O O   . LEU A 1 113 ? 1.353   -8.010  4.690   1.00 18.28  ? 113 LEU A O   1 
ATOM   936  C CB  . LEU A 1 113 ? -1.819  -8.154  5.493   1.00 18.53  ? 113 LEU A CB  1 
ATOM   937  C CG  . LEU A 1 113 ? -3.051  -9.044  5.737   1.00 19.08  ? 113 LEU A CG  1 
ATOM   938  C CD1 . LEU A 1 113 ? -4.378  -8.437  5.241   1.00 19.00  ? 113 LEU A CD1 1 
ATOM   939  C CD2 . LEU A 1 113 ? -2.775  -10.325 5.004   1.00 18.86  ? 113 LEU A CD2 1 
ATOM   940  N N   . LEU A 1 114 ? 0.904   -6.685  6.390   1.00 14.33  ? 114 LEU A N   1 
ATOM   941  C CA  . LEU A 1 114 ? 2.004   -5.803  6.110   1.00 15.37  ? 114 LEU A CA  1 
ATOM   942  C C   . LEU A 1 114 ? 3.370   -6.423  6.485   1.00 17.80  ? 114 LEU A C   1 
ATOM   943  O O   . LEU A 1 114 ? 4.385   -6.184  5.812   1.00 14.17  ? 114 LEU A O   1 
ATOM   944  C CB  . LEU A 1 114 ? 1.754   -4.476  6.861   1.00 14.17  ? 114 LEU A CB  1 
ATOM   945  C CG  . LEU A 1 114 ? 0.589   -3.551  6.411   1.00 14.94  ? 114 LEU A CG  1 
ATOM   946  C CD1 . LEU A 1 114 ? 0.338   -2.570  7.535   1.00 15.53  ? 114 LEU A CD1 1 
ATOM   947  C CD2 . LEU A 1 114 ? 0.907   -2.780  5.125   1.00 9.66   ? 114 LEU A CD2 1 
ATOM   948  N N   . LYS A 1 115 ? 3.468   -7.209  7.566   1.00 16.12  ? 115 LYS A N   1 
ATOM   949  C CA  . LYS A 1 115 ? 4.734   -7.830  7.932   1.00 18.61  ? 115 LYS A CA  1 
ATOM   950  C C   . LYS A 1 115 ? 5.170   -8.871  6.908   1.00 14.89  ? 115 LYS A C   1 
ATOM   951  O O   . LYS A 1 115 ? 6.359   -9.013  6.635   1.00 15.25  ? 115 LYS A O   1 
ATOM   952  C CB  . LYS A 1 115 ? 4.623   -8.504  9.301   1.00 19.21  ? 115 LYS A CB  1 
ATOM   953  C CG  . LYS A 1 115 ? 4.727   -7.465  10.418  1.00 26.66  ? 115 LYS A CG  1 
ATOM   954  C CD  . LYS A 1 115 ? 6.047   -6.682  10.552  1.00 28.61  ? 115 LYS A CD  1 
ATOM   955  C CE  . LYS A 1 115 ? 7.238   -7.480  11.098  1.00 31.18  ? 115 LYS A CE  1 
ATOM   956  N NZ  . LYS A 1 115 ? 8.415   -6.629  11.262  1.00 33.58  ? 115 LYS A NZ  1 
ATOM   957  N N   . ASP A 1 116 ? 4.185   -9.582  6.366   1.00 12.48  ? 116 ASP A N   1 
ATOM   958  C CA  . ASP A 1 116 ? 4.426   -10.511 5.307   1.00 14.62  ? 116 ASP A CA  1 
ATOM   959  C C   . ASP A 1 116 ? 4.937   -9.799  4.046   1.00 18.33  ? 116 ASP A C   1 
ATOM   960  O O   . ASP A 1 116 ? 5.846   -10.290 3.362   1.00 17.29  ? 116 ASP A O   1 
ATOM   961  C CB  A ASP A 1 116 ? 3.162   -11.248 4.998   0.50 17.27  ? 116 ASP A CB  1 
ATOM   962  C CB  B ASP A 1 116 ? 3.105   -11.232 5.070   0.50 16.43  ? 116 ASP A CB  1 
ATOM   963  C CG  A ASP A 1 116 ? 2.801   -12.304 6.033   0.50 23.44  ? 116 ASP A CG  1 
ATOM   964  C CG  B ASP A 1 116 ? 3.038   -12.455 4.143   0.50 21.03  ? 116 ASP A CG  1 
ATOM   965  O OD1 A ASP A 1 116 ? 3.681   -12.743 6.782   0.50 27.14  ? 116 ASP A OD1 1 
ATOM   966  O OD1 B ASP A 1 116 ? 3.958   -13.272 4.139   0.50 22.35  ? 116 ASP A OD1 1 
ATOM   967  O OD2 A ASP A 1 116 ? 1.628   -12.693 6.075   0.50 22.62  ? 116 ASP A OD2 1 
ATOM   968  O OD2 B ASP A 1 116 ? 2.024   -12.618 3.449   0.50 24.08  ? 116 ASP A OD2 1 
ATOM   969  N N   . LEU A 1 117 ? 4.409   -8.602  3.717   1.00 19.07  ? 117 LEU A N   1 
ATOM   970  C CA  . LEU A 1 117 ? 4.851   -7.893  2.521   1.00 17.58  ? 117 LEU A CA  1 
ATOM   971  C C   . LEU A 1 117 ? 6.233   -7.308  2.763   1.00 17.97  ? 117 LEU A C   1 
ATOM   972  O O   . LEU A 1 117 ? 7.105   -7.444  1.909   1.00 19.16  ? 117 LEU A O   1 
ATOM   973  C CB  . LEU A 1 117 ? 3.845   -6.822  2.183   1.00 13.50  ? 117 LEU A CB  1 
ATOM   974  C CG  . LEU A 1 117 ? 4.061   -6.027  0.901   1.00 14.15  ? 117 LEU A CG  1 
ATOM   975  C CD1 . LEU A 1 117 ? 4.225   -6.974  -0.297  1.00 10.78  ? 117 LEU A CD1 1 
ATOM   976  C CD2 . LEU A 1 117 ? 2.842   -5.153  0.657   1.00 11.66  ? 117 LEU A CD2 1 
ATOM   977  N N   . GLU A 1 118 ? 6.515   -6.756  3.938   1.00 15.99  ? 118 GLU A N   1 
ATOM   978  C CA  . GLU A 1 118 ? 7.844   -6.272  4.258   1.00 17.47  ? 118 GLU A CA  1 
ATOM   979  C C   . GLU A 1 118 ? 8.900   -7.383  4.117   1.00 18.20  ? 118 GLU A C   1 
ATOM   980  O O   . GLU A 1 118 ? 9.979   -7.122  3.623   1.00 18.72  ? 118 GLU A O   1 
ATOM   981  C CB  . GLU A 1 118 ? 7.832   -5.747  5.679   1.00 16.61  ? 118 GLU A CB  1 
ATOM   982  C CG  . GLU A 1 118 ? 9.223   -5.397  6.141   1.00 18.36  ? 118 GLU A CG  1 
ATOM   983  C CD  . GLU A 1 118 ? 9.397   -5.260  7.628   1.00 22.76  ? 118 GLU A CD  1 
ATOM   984  O OE1 . GLU A 1 118 ? 8.758   -5.989  8.388   1.00 28.53  ? 118 GLU A OE1 1 
ATOM   985  O OE2 . GLU A 1 118 ? 10.201  -4.418  8.008   1.00 26.79  ? 118 GLU A OE2 1 
ATOM   986  N N   . GLU A 1 119 ? 8.648   -8.618  4.552   1.00 20.94  ? 119 GLU A N   1 
ATOM   987  C CA  . GLU A 1 119 ? 9.585   -9.723  4.450   1.00 22.08  ? 119 GLU A CA  1 
ATOM   988  C C   . GLU A 1 119 ? 9.692   -10.081 2.979   1.00 20.17  ? 119 GLU A C   1 
ATOM   989  O O   . GLU A 1 119 ? 10.791  -10.407 2.534   1.00 19.40  ? 119 GLU A O   1 
ATOM   990  C CB  . GLU A 1 119 ? 9.045   -10.891 5.272   1.00 24.31  ? 119 GLU A CB  1 
ATOM   991  C CG  . GLU A 1 119 ? 9.712   -12.273 5.224   1.00 40.27  ? 119 GLU A CG  1 
ATOM   992  C CD  . GLU A 1 119 ? 8.831   -13.347 5.906   1.00 49.98  ? 119 GLU A CD  1 
ATOM   993  O OE1 . GLU A 1 119 ? 8.923   -13.503 7.133   1.00 56.69  ? 119 GLU A OE1 1 
ATOM   994  O OE2 . GLU A 1 119 ? 8.035   -14.018 5.230   1.00 53.27  ? 119 GLU A OE2 1 
ATOM   995  N N   . GLY A 1 120 ? 8.596   -9.997  2.216   1.00 15.85  ? 120 GLY A N   1 
ATOM   996  C CA  . GLY A 1 120 ? 8.625   -10.267 0.788   1.00 17.67  ? 120 GLY A CA  1 
ATOM   997  C C   . GLY A 1 120 ? 9.576   -9.333  0.057   1.00 18.02  ? 120 GLY A C   1 
ATOM   998  O O   . GLY A 1 120 ? 10.403  -9.760  -0.750  1.00 23.40  ? 120 GLY A O   1 
ATOM   999  N N   . ILE A 1 121 ? 9.500   -8.048  0.370   1.00 16.96  ? 121 ILE A N   1 
ATOM   1000 C CA  . ILE A 1 121 ? 10.365  -7.060  -0.226  1.00 16.76  ? 121 ILE A CA  1 
ATOM   1001 C C   . ILE A 1 121 ? 11.831  -7.224  0.190   1.00 21.62  ? 121 ILE A C   1 
ATOM   1002 O O   . ILE A 1 121 ? 12.714  -7.022  -0.640  1.00 19.65  ? 121 ILE A O   1 
ATOM   1003 C CB  . ILE A 1 121 ? 9.788   -5.695  0.171   1.00 14.53  ? 121 ILE A CB  1 
ATOM   1004 C CG1 . ILE A 1 121 ? 8.426   -5.558  -0.521  1.00 17.01  ? 121 ILE A CG1 1 
ATOM   1005 C CG2 . ILE A 1 121 ? 10.720  -4.561  -0.229  1.00 15.44  ? 121 ILE A CG2 1 
ATOM   1006 C CD1 . ILE A 1 121 ? 7.597   -4.325  -0.113  1.00 18.94  ? 121 ILE A CD1 1 
ATOM   1007 N N   . GLN A 1 122 ? 12.155  -7.552  1.459   1.00 21.61  ? 122 GLN A N   1 
ATOM   1008 C CA  . GLN A 1 122 ? 13.527  -7.724  1.907   1.00 22.18  ? 122 GLN A CA  1 
ATOM   1009 C C   . GLN A 1 122 ? 14.186  -8.896  1.228   1.00 22.21  ? 122 GLN A C   1 
ATOM   1010 O O   . GLN A 1 122 ? 15.363  -8.810  0.889   1.00 25.45  ? 122 GLN A O   1 
ATOM   1011 C CB  . GLN A 1 122 ? 13.611  -7.971  3.402   1.00 25.28  ? 122 GLN A CB  1 
ATOM   1012 C CG  . GLN A 1 122 ? 13.666  -6.605  4.033   1.00 33.92  ? 122 GLN A CG  1 
ATOM   1013 C CD  . GLN A 1 122 ? 13.455  -6.570  5.536   1.00 38.56  ? 122 GLN A CD  1 
ATOM   1014 O OE1 . GLN A 1 122 ? 13.874  -5.625  6.201   1.00 39.85  ? 122 GLN A OE1 1 
ATOM   1015 N NE2 . GLN A 1 122 ? 12.766  -7.552  6.131   1.00 41.46  ? 122 GLN A NE2 1 
ATOM   1016 N N   . THR A 1 123 ? 13.429  -9.978  1.050   1.00 21.26  ? 123 THR A N   1 
ATOM   1017 C CA  . THR A 1 123 ? 13.915  -11.134 0.334   1.00 24.81  ? 123 THR A CA  1 
ATOM   1018 C C   . THR A 1 123 ? 14.236  -10.775 -1.116  1.00 26.63  ? 123 THR A C   1 
ATOM   1019 O O   . THR A 1 123 ? 15.290  -11.195 -1.596  1.00 27.36  ? 123 THR A O   1 
ATOM   1020 C CB  . THR A 1 123 ? 12.866  -12.220 0.403   1.00 26.59  ? 123 THR A CB  1 
ATOM   1021 O OG1 . THR A 1 123 ? 12.687  -12.423 1.790   1.00 29.56  ? 123 THR A OG1 1 
ATOM   1022 C CG2 . THR A 1 123 ? 13.258  -13.547 -0.246  1.00 28.04  ? 123 THR A CG2 1 
ATOM   1023 N N   . LEU A 1 124 ? 13.379  -10.006 -1.828  1.00 25.94  ? 124 LEU A N   1 
ATOM   1024 C CA  . LEU A 1 124 ? 13.667  -9.538  -3.188  1.00 24.15  ? 124 LEU A CA  1 
ATOM   1025 C C   . LEU A 1 124 ? 14.890  -8.625  -3.267  1.00 24.03  ? 124 LEU A C   1 
ATOM   1026 O O   . LEU A 1 124 ? 15.678  -8.704  -4.204  1.00 24.52  ? 124 LEU A O   1 
ATOM   1027 C CB  . LEU A 1 124 ? 12.485  -8.783  -3.732  1.00 25.91  ? 124 LEU A CB  1 
ATOM   1028 C CG  . LEU A 1 124 ? 11.572  -9.447  -4.693  1.00 30.61  ? 124 LEU A CG  1 
ATOM   1029 C CD1 . LEU A 1 124 ? 10.375  -8.529  -4.964  1.00 35.10  ? 124 LEU A CD1 1 
ATOM   1030 C CD2 . LEU A 1 124 ? 12.326  -9.712  -5.990  1.00 33.06  ? 124 LEU A CD2 1 
ATOM   1031 N N   . MET A 1 125 ? 15.100  -7.727  -2.312  1.00 22.47  ? 125 MET A N   1 
ATOM   1032 C CA  . MET A 1 125 ? 16.288  -6.886  -2.285  1.00 26.45  ? 125 MET A CA  1 
ATOM   1033 C C   . MET A 1 125 ? 17.582  -7.674  -2.148  1.00 27.25  ? 125 MET A C   1 
ATOM   1034 O O   . MET A 1 125 ? 18.575  -7.366  -2.792  1.00 26.18  ? 125 MET A O   1 
ATOM   1035 C CB  . MET A 1 125 ? 16.235  -5.925  -1.133  1.00 23.61  ? 125 MET A CB  1 
ATOM   1036 C CG  . MET A 1 125 ? 15.318  -4.813  -1.497  1.00 31.16  ? 125 MET A CG  1 
ATOM   1037 S SD  . MET A 1 125 ? 15.073  -3.788  -0.049  1.00 37.70  ? 125 MET A SD  1 
ATOM   1038 C CE  . MET A 1 125 ? 16.562  -2.842  -0.143  1.00 32.09  ? 125 MET A CE  1 
ATOM   1039 N N   . GLY A 1 126 ? 17.575  -8.686  -1.283  1.00 28.33  ? 126 GLY A N   1 
ATOM   1040 C CA  . GLY A 1 126 ? 18.718  -9.565  -1.070  1.00 31.81  ? 126 GLY A CA  1 
ATOM   1041 C C   . GLY A 1 126 ? 19.148  -10.311 -2.330  1.00 31.67  ? 126 GLY A C   1 
ATOM   1042 O O   . GLY A 1 126 ? 20.331  -10.572 -2.497  1.00 35.89  ? 126 GLY A O   1 
ATOM   1043 N N   . ARG A 1 127 ? 18.226  -10.659 -3.226  1.00 29.46  ? 127 ARG A N   1 
ATOM   1044 C CA  . ARG A 1 127 ? 18.570  -11.244 -4.514  1.00 29.85  ? 127 ARG A CA  1 
ATOM   1045 C C   . ARG A 1 127 ? 19.178  -10.194 -5.471  1.00 32.49  ? 127 ARG A C   1 
ATOM   1046 O O   . ARG A 1 127 ? 19.956  -10.519 -6.366  1.00 32.21  ? 127 ARG A O   1 
ATOM   1047 C CB  . ARG A 1 127 ? 17.330  -11.803 -5.174  1.00 27.62  ? 127 ARG A CB  1 
ATOM   1048 C CG  . ARG A 1 127 ? 16.498  -12.824 -4.433  1.00 26.24  ? 127 ARG A CG  1 
ATOM   1049 C CD  . ARG A 1 127 ? 17.124  -14.153 -4.637  1.00 23.19  ? 127 ARG A CD  1 
ATOM   1050 N NE  . ARG A 1 127 ? 16.253  -15.095 -4.012  1.00 19.03  ? 127 ARG A NE  1 
ATOM   1051 C CZ  . ARG A 1 127 ? 15.537  -16.003 -4.662  1.00 23.66  ? 127 ARG A CZ  1 
ATOM   1052 N NH1 . ARG A 1 127 ? 15.524  -16.184 -5.995  1.00 27.93  ? 127 ARG A NH1 1 
ATOM   1053 N NH2 . ARG A 1 127 ? 14.733  -16.735 -3.908  1.00 21.94  ? 127 ARG A NH2 1 
ATOM   1054 N N   . LEU A 1 128 ? 18.811  -8.910  -5.342  1.00 35.64  ? 128 LEU A N   1 
ATOM   1055 C CA  . LEU A 1 128 ? 19.238  -7.860  -6.254  1.00 36.41  ? 128 LEU A CA  1 
ATOM   1056 C C   . LEU A 1 128 ? 20.403  -7.034  -5.756  1.00 41.26  ? 128 LEU A C   1 
ATOM   1057 O O   . LEU A 1 128 ? 20.848  -6.100  -6.424  1.00 44.39  ? 128 LEU A O   1 
ATOM   1058 C CB  . LEU A 1 128 ? 18.053  -6.954  -6.527  1.00 33.00  ? 128 LEU A CB  1 
ATOM   1059 C CG  . LEU A 1 128 ? 16.880  -7.579  -7.208  1.00 28.85  ? 128 LEU A CG  1 
ATOM   1060 C CD1 . LEU A 1 128 ? 15.814  -6.539  -7.431  1.00 29.90  ? 128 LEU A CD1 1 
ATOM   1061 C CD2 . LEU A 1 128 ? 17.321  -8.157  -8.520  1.00 29.26  ? 128 LEU A CD2 1 
ATOM   1062 N N   . GLU A 1 129 ? 20.868  -7.352  -4.548  1.00 48.09  ? 129 GLU A N   1 
ATOM   1063 C CA  . GLU A 1 129 ? 22.040  -6.720  -3.970  1.00 54.87  ? 129 GLU A CA  1 
ATOM   1064 C C   . GLU A 1 129 ? 23.228  -7.656  -4.075  1.00 55.31  ? 129 GLU A C   1 
ATOM   1065 O O   . GLU A 1 129 ? 24.315  -7.226  -4.453  1.00 59.46  ? 129 GLU A O   1 
ATOM   1066 C CB  . GLU A 1 129 ? 21.834  -6.381  -2.494  1.00 59.17  ? 129 GLU A CB  1 
ATOM   1067 C CG  . GLU A 1 129 ? 20.899  -5.185  -2.359  1.00 68.04  ? 129 GLU A CG  1 
ATOM   1068 C CD  . GLU A 1 129 ? 20.826  -4.522  -0.989  1.00 74.53  ? 129 GLU A CD  1 
ATOM   1069 O OE1 . GLU A 1 129 ? 20.482  -5.205  -0.015  1.00 77.61  ? 129 GLU A OE1 1 
ATOM   1070 O OE2 . GLU A 1 129 ? 21.107  -3.316  -0.915  1.00 77.82  ? 129 GLU A OE2 1 
ATOM   1071 N N   . ALA A 1 155 ? -13.440 11.134  15.831  1.00 51.86  ? 155 ALA A N   1 
ATOM   1072 C CA  . ALA A 1 155 ? -13.176 9.724   15.587  1.00 48.19  ? 155 ALA A CA  1 
ATOM   1073 C C   . ALA A 1 155 ? -13.249 9.570   14.095  1.00 44.90  ? 155 ALA A C   1 
ATOM   1074 O O   . ALA A 1 155 ? -12.241 9.238   13.484  1.00 47.11  ? 155 ALA A O   1 
ATOM   1075 C CB  . ALA A 1 155 ? -14.240 8.775   16.169  1.00 49.07  ? 155 ALA A CB  1 
ATOM   1076 N N   . LEU A 1 156 ? -14.432 9.892   13.546  1.00 40.00  ? 156 LEU A N   1 
ATOM   1077 C CA  . LEU A 1 156 ? -14.727 9.703   12.151  1.00 38.29  ? 156 LEU A CA  1 
ATOM   1078 C C   . LEU A 1 156 ? -13.764 10.351  11.192  1.00 35.86  ? 156 LEU A C   1 
ATOM   1079 O O   . LEU A 1 156 ? -13.210 9.644   10.364  1.00 32.26  ? 156 LEU A O   1 
ATOM   1080 C CB  . LEU A 1 156 ? -16.150 10.185  11.877  1.00 37.64  ? 156 LEU A CB  1 
ATOM   1081 C CG  . LEU A 1 156 ? -17.214 9.083   11.852  1.00 37.62  ? 156 LEU A CG  1 
ATOM   1082 C CD1 . LEU A 1 156 ? -17.026 8.148   13.018  1.00 39.47  ? 156 LEU A CD1 1 
ATOM   1083 C CD2 . LEU A 1 156 ? -18.595 9.702   11.937  1.00 40.44  ? 156 LEU A CD2 1 
ATOM   1084 N N   . LEU A 1 157 ? -13.458 11.628  11.380  1.00 33.37  ? 157 LEU A N   1 
ATOM   1085 C CA  . LEU A 1 157 ? -12.633 12.306  10.422  1.00 32.59  ? 157 LEU A CA  1 
ATOM   1086 C C   . LEU A 1 157 ? -11.181 11.971  10.548  1.00 30.06  ? 157 LEU A C   1 
ATOM   1087 O O   . LEU A 1 157 ? -10.405 12.168  9.624   1.00 26.20  ? 157 LEU A O   1 
ATOM   1088 C CB  . LEU A 1 157 ? -12.802 13.794  10.552  1.00 38.36  ? 157 LEU A CB  1 
ATOM   1089 C CG  . LEU A 1 157 ? -12.967 14.430  9.175   1.00 44.28  ? 157 LEU A CG  1 
ATOM   1090 C CD1 . LEU A 1 157 ? -14.425 14.338  8.728   1.00 45.52  ? 157 LEU A CD1 1 
ATOM   1091 C CD2 . LEU A 1 157 ? -12.507 15.871  9.237   1.00 51.11  ? 157 LEU A CD2 1 
ATOM   1092 N N   . LYS A 1 158 ? -10.830 11.428  11.694  1.00 27.74  ? 158 LYS A N   1 
ATOM   1093 C CA  . LYS A 1 158 ? -9.476  10.987  11.927  1.00 30.02  ? 158 LYS A CA  1 
ATOM   1094 C C   . LYS A 1 158 ? -9.241  9.591   11.303  1.00 26.76  ? 158 LYS A C   1 
ATOM   1095 O O   . LYS A 1 158 ? -8.182  9.275   10.746  1.00 25.60  ? 158 LYS A O   1 
ATOM   1096 C CB  . LYS A 1 158 ? -9.320  11.030  13.433  1.00 37.74  ? 158 LYS A CB  1 
ATOM   1097 C CG  . LYS A 1 158 ? -7.968  10.654  13.956  1.00 48.86  ? 158 LYS A CG  1 
ATOM   1098 C CD  . LYS A 1 158 ? -6.975  11.780  13.759  1.00 63.30  ? 158 LYS A CD  1 
ATOM   1099 C CE  . LYS A 1 158 ? -5.670  11.323  14.414  1.00 71.64  ? 158 LYS A CE  1 
ATOM   1100 N NZ  . LYS A 1 158 ? -4.741  12.431  14.615  1.00 80.61  ? 158 LYS A NZ  1 
ATOM   1101 N N   . ASN A 1 159 ? -10.276 8.759   11.368  1.00 21.89  ? 159 ASN A N   1 
ATOM   1102 C CA  . ASN A 1 159 ? -10.271 7.439   10.791  1.00 19.49  ? 159 ASN A CA  1 
ATOM   1103 C C   . ASN A 1 159 ? -10.269 7.607   9.304   1.00 17.64  ? 159 ASN A C   1 
ATOM   1104 O O   . ASN A 1 159 ? -9.613  6.869   8.608   1.00 17.98  ? 159 ASN A O   1 
ATOM   1105 C CB  . ASN A 1 159 ? -11.514 6.669   11.169  1.00 23.43  ? 159 ASN A CB  1 
ATOM   1106 C CG  . ASN A 1 159 ? -11.462 6.012   12.537  1.00 28.76  ? 159 ASN A CG  1 
ATOM   1107 O OD1 . ASN A 1 159 ? -10.448 5.443   12.927  1.00 33.30  ? 159 ASN A OD1 1 
ATOM   1108 N ND2 . ASN A 1 159 ? -12.543 6.047   13.308  1.00 31.63  ? 159 ASN A ND2 1 
ATOM   1109 N N   . TYR A 1 160 ? -11.014 8.578   8.798   1.00 18.46  ? 160 TYR A N   1 
ATOM   1110 C CA  . TYR A 1 160 ? -11.111 8.888   7.376   1.00 19.04  ? 160 TYR A CA  1 
ATOM   1111 C C   . TYR A 1 160 ? -9.805  9.398   6.751   1.00 16.13  ? 160 TYR A C   1 
ATOM   1112 O O   . TYR A 1 160 ? -9.512  9.054   5.625   1.00 16.96  ? 160 TYR A O   1 
ATOM   1113 C CB  . TYR A 1 160 ? -12.232 9.923   7.212   1.00 18.88  ? 160 TYR A CB  1 
ATOM   1114 C CG  . TYR A 1 160 ? -12.544 10.364  5.802   1.00 15.28  ? 160 TYR A CG  1 
ATOM   1115 C CD1 . TYR A 1 160 ? -13.044 9.465   4.905   1.00 14.14  ? 160 TYR A CD1 1 
ATOM   1116 C CD2 . TYR A 1 160 ? -12.351 11.682  5.445   1.00 22.31  ? 160 TYR A CD2 1 
ATOM   1117 C CE1 . TYR A 1 160 ? -13.362 9.871   3.629   1.00 18.43  ? 160 TYR A CE1 1 
ATOM   1118 C CE2 . TYR A 1 160 ? -12.671 12.090  4.164   1.00 22.74  ? 160 TYR A CE2 1 
ATOM   1119 C CZ  . TYR A 1 160 ? -13.179 11.183  3.266   1.00 19.17  ? 160 TYR A CZ  1 
ATOM   1120 O OH  . TYR A 1 160 ? -13.566 11.588  1.996   1.00 19.67  ? 160 TYR A OH  1 
ATOM   1121 N N   . GLY A 1 161 ? -9.055  10.253  7.430   1.00 16.41  ? 161 GLY A N   1 
ATOM   1122 C CA  . GLY A 1 161 ? -7.798  10.797  6.975   1.00 16.90  ? 161 GLY A CA  1 
ATOM   1123 C C   . GLY A 1 161 ? -6.744  9.725   6.908   1.00 19.28  ? 161 GLY A C   1 
ATOM   1124 O O   . GLY A 1 161 ? -5.969  9.681   5.963   1.00 17.39  ? 161 GLY A O   1 
ATOM   1125 N N   . LEU A 1 162 ? -6.736  8.820   7.889   1.00 20.10  ? 162 LEU A N   1 
ATOM   1126 C CA  . LEU A 1 162 ? -5.781  7.725   7.947   1.00 18.84  ? 162 LEU A CA  1 
ATOM   1127 C C   . LEU A 1 162 ? -6.123  6.653   6.922   1.00 19.41  ? 162 LEU A C   1 
ATOM   1128 O O   . LEU A 1 162 ? -5.213  6.059   6.332   1.00 21.08  ? 162 LEU A O   1 
ATOM   1129 C CB  . LEU A 1 162 ? -5.796  7.154   9.347   1.00 23.31  ? 162 LEU A CB  1 
ATOM   1130 C CG  . LEU A 1 162 ? -4.525  6.533   9.871   1.00 30.92  ? 162 LEU A CG  1 
ATOM   1131 C CD1 . LEU A 1 162 ? -3.376  7.546   9.794   1.00 32.19  ? 162 LEU A CD1 1 
ATOM   1132 C CD2 . LEU A 1 162 ? -4.755  6.077   11.308  1.00 34.34  ? 162 LEU A CD2 1 
ATOM   1133 N N   . LEU A 1 163 ? -7.415  6.398   6.661   1.00 14.61  ? 163 LEU A N   1 
ATOM   1134 C CA  . LEU A 1 163 ? -7.823  5.494   5.615   1.00 15.06  ? 163 LEU A CA  1 
ATOM   1135 C C   . LEU A 1 163 ? -7.493  6.098   4.262   1.00 16.57  ? 163 LEU A C   1 
ATOM   1136 O O   . LEU A 1 163 ? -7.151  5.372   3.333   1.00 16.10  ? 163 LEU A O   1 
ATOM   1137 C CB  . LEU A 1 163 ? -9.299  5.236   5.656   1.00 14.73  ? 163 LEU A CB  1 
ATOM   1138 C CG  . LEU A 1 163 ? -9.843  4.054   6.426   1.00 22.14  ? 163 LEU A CG  1 
ATOM   1139 C CD1 . LEU A 1 163 ? -11.349 4.180   6.457   1.00 16.24  ? 163 LEU A CD1 1 
ATOM   1140 C CD2 . LEU A 1 163 ? -9.483  2.742   5.760   1.00 21.34  ? 163 LEU A CD2 1 
ATOM   1141 N N   . TYR A 1 164 ? -7.596  7.426   4.093   1.00 16.92  ? 164 TYR A N   1 
ATOM   1142 C CA  . TYR A 1 164 ? -7.147  8.063   2.853   1.00 19.01  ? 164 TYR A CA  1 
ATOM   1143 C C   . TYR A 1 164 ? -5.655  7.812   2.571   1.00 14.61  ? 164 TYR A C   1 
ATOM   1144 O O   . TYR A 1 164 ? -5.297  7.518   1.444   1.00 14.89  ? 164 TYR A O   1 
ATOM   1145 C CB  . TYR A 1 164 ? -7.386  9.600   2.896   1.00 16.55  ? 164 TYR A CB  1 
ATOM   1146 C CG  . TYR A 1 164 ? -6.546  10.460  1.927   1.00 20.67  ? 164 TYR A CG  1 
ATOM   1147 C CD1 . TYR A 1 164 ? -6.940  10.608  0.608   1.00 24.13  ? 164 TYR A CD1 1 
ATOM   1148 C CD2 . TYR A 1 164 ? -5.395  11.128  2.374   1.00 24.31  ? 164 TYR A CD2 1 
ATOM   1149 C CE1 . TYR A 1 164 ? -6.197  11.419  -0.253  1.00 28.59  ? 164 TYR A CE1 1 
ATOM   1150 C CE2 . TYR A 1 164 ? -4.654  11.939  1.519   1.00 27.11  ? 164 TYR A CE2 1 
ATOM   1151 C CZ  . TYR A 1 164 ? -5.066  12.082  0.205   1.00 30.03  ? 164 TYR A CZ  1 
ATOM   1152 O OH  . TYR A 1 164 ? -4.372  12.922  -0.666  1.00 37.86  ? 164 TYR A OH  1 
ATOM   1153 N N   . CYS A 1 165 ? -4.812  7.992   3.581   1.00 14.75  ? 165 CYS A N   1 
ATOM   1154 C CA  . CYS A 1 165 ? -3.356  7.857   3.516   1.00 18.93  ? 165 CYS A CA  1 
ATOM   1155 C C   . CYS A 1 165 ? -2.986  6.406   3.310   1.00 18.24  ? 165 CYS A C   1 
ATOM   1156 O O   . CYS A 1 165 ? -1.989  6.147   2.648   1.00 20.78  ? 165 CYS A O   1 
ATOM   1157 C CB  . CYS A 1 165 ? -2.645  8.266   4.808   1.00 20.74  ? 165 CYS A CB  1 
ATOM   1158 S SG  . CYS A 1 165 ? -2.776  9.957   5.452   1.00 24.72  ? 165 CYS A SG  1 
ATOM   1159 N N   . PHE A 1 166 ? -3.767  5.501   3.919   1.00 16.14  ? 166 PHE A N   1 
ATOM   1160 C CA  . PHE A 1 166 ? -3.527  4.082   3.796   1.00 16.12  ? 166 PHE A CA  1 
ATOM   1161 C C   . PHE A 1 166 ? -3.788  3.682   2.371   1.00 12.21  ? 166 PHE A C   1 
ATOM   1162 O O   . PHE A 1 166 ? -2.992  3.011   1.762   1.00 14.49  ? 166 PHE A O   1 
ATOM   1163 C CB  . PHE A 1 166 ? -4.436  3.296   4.750   1.00 15.88  ? 166 PHE A CB  1 
ATOM   1164 C CG  . PHE A 1 166 ? -4.027  1.819   4.886   1.00 12.73  ? 166 PHE A CG  1 
ATOM   1165 C CD1 . PHE A 1 166 ? -2.719  1.494   5.219   1.00 12.21  ? 166 PHE A CD1 1 
ATOM   1166 C CD2 . PHE A 1 166 ? -4.952  0.828   4.602   1.00 12.20  ? 166 PHE A CD2 1 
ATOM   1167 C CE1 . PHE A 1 166 ? -2.319  0.173   5.260   1.00 11.94  ? 166 PHE A CE1 1 
ATOM   1168 C CE2 . PHE A 1 166 ? -4.550  -0.492  4.643   1.00 14.52  ? 166 PHE A CE2 1 
ATOM   1169 C CZ  . PHE A 1 166 ? -3.241  -0.814  4.970   1.00 11.41  ? 166 PHE A CZ  1 
ATOM   1170 N N   . ASN A 1 167 ? -4.878  4.119   1.792   1.00 15.68  ? 167 ASN A N   1 
ATOM   1171 C CA  . ASN A 1 167 ? -5.203  3.877   0.409   1.00 15.83  ? 167 ASN A CA  1 
ATOM   1172 C C   . ASN A 1 167 ? -4.173  4.522   -0.505  1.00 14.92  ? 167 ASN A C   1 
ATOM   1173 O O   . ASN A 1 167 ? -3.797  3.895   -1.472  1.00 15.35  ? 167 ASN A O   1 
ATOM   1174 C CB  . ASN A 1 167 ? -6.592  4.450   0.128   1.00 21.45  ? 167 ASN A CB  1 
ATOM   1175 C CG  . ASN A 1 167 ? -7.020  4.307   -1.316  1.00 24.12  ? 167 ASN A CG  1 
ATOM   1176 O OD1 . ASN A 1 167 ? -6.889  3.230   -1.890  1.00 31.38  ? 167 ASN A OD1 1 
ATOM   1177 N ND2 . ASN A 1 167 ? -7.493  5.377   -1.950  1.00 28.05  ? 167 ASN A ND2 1 
ATOM   1178 N N   . LYS A 1 168 ? -3.680  5.728   -0.234  1.00 13.15  ? 168 LYS A N   1 
ATOM   1179 C CA  . LYS A 1 168 ? -2.725  6.401   -1.085  1.00 17.75  ? 168 LYS A CA  1 
ATOM   1180 C C   . LYS A 1 168 ? -1.395  5.651   -1.131  1.00 16.96  ? 168 LYS A C   1 
ATOM   1181 O O   . LYS A 1 168 ? -0.785  5.439   -2.170  1.00 13.35  ? 168 LYS A O   1 
ATOM   1182 C CB  . LYS A 1 168 ? -2.536  7.804   -0.547  1.00 21.10  ? 168 LYS A CB  1 
ATOM   1183 C CG  . LYS A 1 168 ? -1.722  8.715   -1.438  1.00 29.75  ? 168 LYS A CG  1 
ATOM   1184 C CD  . LYS A 1 168 ? -1.335  9.948   -0.650  1.00 34.31  ? 168 LYS A CD  1 
ATOM   1185 C CE  . LYS A 1 168 ? -0.358  9.506   0.439   1.00 41.89  ? 168 LYS A CE  1 
ATOM   1186 N NZ  . LYS A 1 168 ? -0.518  10.297  1.647   1.00 43.30  ? 168 LYS A NZ  1 
ATOM   1187 N N   . ASP A 1 169 ? -0.974  5.190   0.027   1.00 16.24  ? 169 ASP A N   1 
ATOM   1188 C CA  . ASP A 1 169 ? 0.249   4.451   0.103   1.00 16.86  ? 169 ASP A CA  1 
ATOM   1189 C C   . ASP A 1 169 ? 0.203   3.042   -0.409  1.00 14.69  ? 169 ASP A C   1 
ATOM   1190 O O   . ASP A 1 169 ? 1.183   2.586   -0.981  1.00 18.66  ? 169 ASP A O   1 
ATOM   1191 C CB  . ASP A 1 169 ? 0.732   4.438   1.538   1.00 17.38  ? 169 ASP A CB  1 
ATOM   1192 C CG  . ASP A 1 169 ? 1.321   5.755   1.973   1.00 19.58  ? 169 ASP A CG  1 
ATOM   1193 O OD1 . ASP A 1 169 ? 1.473   6.671   1.166   1.00 21.53  ? 169 ASP A OD1 1 
ATOM   1194 O OD2 . ASP A 1 169 ? 1.624   5.850   3.151   1.00 21.52  ? 169 ASP A OD2 1 
ATOM   1195 N N   . MET A 1 170 ? -0.885  2.329   -0.177  1.00 12.07  ? 170 MET A N   1 
ATOM   1196 C CA  . MET A 1 170 ? -0.990  0.989   -0.664  1.00 12.79  ? 170 MET A CA  1 
ATOM   1197 C C   . MET A 1 170 ? -1.119  1.069   -2.169  1.00 15.92  ? 170 MET A C   1 
ATOM   1198 O O   . MET A 1 170 ? -0.719  0.140   -2.832  1.00 18.01  ? 170 MET A O   1 
ATOM   1199 C CB  . MET A 1 170 ? -2.203  0.291   -0.053  1.00 8.60   ? 170 MET A CB  1 
ATOM   1200 C CG  . MET A 1 170 ? -1.961  -0.129  1.415   1.00 13.42  ? 170 MET A CG  1 
ATOM   1201 S SD  . MET A 1 170 ? -0.355  -0.819  1.898   1.00 16.87  ? 170 MET A SD  1 
ATOM   1202 C CE  . MET A 1 170 ? 0.599   0.479   2.637   1.00 13.27  ? 170 MET A CE  1 
ATOM   1203 N N   . SER A 1 171 ? -1.650  2.153   -2.746  1.00 18.57  ? 171 SER A N   1 
ATOM   1204 C CA  . SER A 1 171 ? -1.723  2.361   -4.188  1.00 18.73  ? 171 SER A CA  1 
ATOM   1205 C C   . SER A 1 171 ? -0.327  2.533   -4.799  1.00 14.98  ? 171 SER A C   1 
ATOM   1206 O O   . SER A 1 171 ? -0.028  1.980   -5.838  1.00 19.04  ? 171 SER A O   1 
ATOM   1207 C CB  . SER A 1 171 ? -2.545  3.605   -4.486  1.00 19.62  ? 171 SER A CB  1 
ATOM   1208 O OG  . SER A 1 171 ? -3.452  3.349   -5.533  1.00 31.02  ? 171 SER A OG  1 
ATOM   1209 N N   . LYS A 1 172 ? 0.553   3.281   -4.188  1.00 14.36  ? 172 LYS A N   1 
ATOM   1210 C CA  . LYS A 1 172 ? 1.924   3.454   -4.620  1.00 16.38  ? 172 LYS A CA  1 
ATOM   1211 C C   . LYS A 1 172 ? 2.727   2.192   -4.571  1.00 18.17  ? 172 LYS A C   1 
ATOM   1212 O O   . LYS A 1 172 ? 3.411   1.895   -5.550  1.00 18.74  ? 172 LYS A O   1 
ATOM   1213 C CB  . LYS A 1 172 ? 2.662   4.412   -3.760  1.00 14.13  ? 172 LYS A CB  1 
ATOM   1214 C CG  . LYS A 1 172 ? 2.117   5.790   -3.974  1.00 19.87  ? 172 LYS A CG  1 
ATOM   1215 C CD  . LYS A 1 172 ? 2.868   6.681   -3.018  1.00 25.04  ? 172 LYS A CD  1 
ATOM   1216 C CE  . LYS A 1 172 ? 2.594   8.089   -3.500  1.00 30.60  ? 172 LYS A CE  1 
ATOM   1217 N NZ  . LYS A 1 172 ? 3.231   9.014   -2.594  1.00 37.56  ? 172 LYS A NZ  1 
ATOM   1218 N N   . VAL A 1 173 ? 2.627   1.452   -3.449  1.00 17.37  ? 173 VAL A N   1 
ATOM   1219 C CA  . VAL A 1 173 ? 3.392   0.227   -3.264  1.00 16.40  ? 173 VAL A CA  1 
ATOM   1220 C C   . VAL A 1 173 ? 3.028   -0.778  -4.327  1.00 14.54  ? 173 VAL A C   1 
ATOM   1221 O O   . VAL A 1 173 ? 3.869   -1.406  -4.947  1.00 16.41  ? 173 VAL A O   1 
ATOM   1222 C CB  . VAL A 1 173 ? 3.151   -0.375  -1.837  1.00 18.64  ? 173 VAL A CB  1 
ATOM   1223 C CG1 . VAL A 1 173 ? 3.989   -1.654  -1.667  1.00 16.58  ? 173 VAL A CG1 1 
ATOM   1224 C CG2 . VAL A 1 173 ? 3.643   0.576   -0.759  1.00 19.29  ? 173 VAL A CG2 1 
ATOM   1225 N N   . SER A 1 174 ? 1.745   -0.869  -4.563  1.00 13.69  ? 174 SER A N   1 
ATOM   1226 C CA  . SER A 1 174 ? 1.175   -1.706  -5.574  1.00 16.98  ? 174 SER A CA  1 
ATOM   1227 C C   . SER A 1 174 ? 1.746   -1.284  -6.941  1.00 18.37  ? 174 SER A C   1 
ATOM   1228 O O   . SER A 1 174 ? 2.107   -2.149  -7.735  1.00 17.11  ? 174 SER A O   1 
ATOM   1229 C CB  . SER A 1 174 ? -0.331  -1.516  -5.451  1.00 18.54  ? 174 SER A CB  1 
ATOM   1230 O OG  . SER A 1 174 ? -1.042  -2.290  -6.380  1.00 29.14  ? 174 SER A OG  1 
ATOM   1231 N N   . THR A 1 175 ? 1.904   0.021   -7.219  1.00 17.01  ? 175 THR A N   1 
ATOM   1232 C CA  . THR A 1 175 ? 2.500   0.485   -8.470  1.00 21.79  ? 175 THR A CA  1 
ATOM   1233 C C   . THR A 1 175 ? 4.005   0.252   -8.578  1.00 19.16  ? 175 THR A C   1 
ATOM   1234 O O   . THR A 1 175 ? 4.451   -0.129  -9.659  1.00 20.39  ? 175 THR A O   1 
ATOM   1235 C CB  . THR A 1 175 ? 2.193   1.990   -8.689  1.00 21.08  ? 175 THR A CB  1 
ATOM   1236 O OG1 . THR A 1 175 ? 0.840   1.964   -9.112  1.00 25.30  ? 175 THR A OG1 1 
ATOM   1237 C CG2 . THR A 1 175 ? 3.058   2.724   -9.718  1.00 21.23  ? 175 THR A CG2 1 
ATOM   1238 N N   . TYR A 1 176 ? 4.764   0.431   -7.509  1.00 16.63  ? 176 TYR A N   1 
ATOM   1239 C CA  . TYR A 1 176 ? 6.181   0.199   -7.524  1.00 16.58  ? 176 TYR A CA  1 
ATOM   1240 C C   . TYR A 1 176 ? 6.488   -1.292  -7.655  1.00 19.33  ? 176 TYR A C   1 
ATOM   1241 O O   . TYR A 1 176 ? 7.469   -1.664  -8.303  1.00 20.10  ? 176 TYR A O   1 
ATOM   1242 C CB  . TYR A 1 176 ? 6.827   0.720   -6.250  1.00 15.81  ? 176 TYR A CB  1 
ATOM   1243 C CG  . TYR A 1 176 ? 6.682   2.208   -5.995  1.00 19.68  ? 176 TYR A CG  1 
ATOM   1244 C CD1 . TYR A 1 176 ? 6.334   3.053   -7.028  1.00 19.54  ? 176 TYR A CD1 1 
ATOM   1245 C CD2 . TYR A 1 176 ? 6.817   2.702   -4.718  1.00 17.23  ? 176 TYR A CD2 1 
ATOM   1246 C CE1 . TYR A 1 176 ? 6.101   4.380   -6.795  1.00 19.41  ? 176 TYR A CE1 1 
ATOM   1247 C CE2 . TYR A 1 176 ? 6.576   4.045   -4.491  1.00 20.80  ? 176 TYR A CE2 1 
ATOM   1248 C CZ  . TYR A 1 176 ? 6.212   4.866   -5.533  1.00 19.66  ? 176 TYR A CZ  1 
ATOM   1249 O OH  . TYR A 1 176 ? 5.874   6.195   -5.331  1.00 23.79  ? 176 TYR A OH  1 
ATOM   1250 N N   . LEU A 1 177 ? 5.641   -2.165  -7.110  1.00 18.08  ? 177 LEU A N   1 
ATOM   1251 C CA  . LEU A 1 177 ? 5.861   -3.593  -7.196  1.00 18.54  ? 177 LEU A CA  1 
ATOM   1252 C C   . LEU A 1 177 ? 5.376   -4.166  -8.521  1.00 20.27  ? 177 LEU A C   1 
ATOM   1253 O O   . LEU A 1 177 ? 5.956   -5.137  -9.022  1.00 21.98  ? 177 LEU A O   1 
ATOM   1254 C CB  . LEU A 1 177 ? 5.177   -4.280  -6.009  1.00 13.77  ? 177 LEU A CB  1 
ATOM   1255 C CG  . LEU A 1 177 ? 5.755   -3.990  -4.603  1.00 17.94  ? 177 LEU A CG  1 
ATOM   1256 C CD1 . LEU A 1 177 ? 5.062   -4.881  -3.569  1.00 13.68  ? 177 LEU A CD1 1 
ATOM   1257 C CD2 . LEU A 1 177 ? 7.227   -4.330  -4.524  1.00 19.09  ? 177 LEU A CD2 1 
ATOM   1258 N N   . ARG A 1 178 ? 4.316   -3.628  -9.130  1.00 19.95  ? 178 ARG A N   1 
ATOM   1259 C CA  . ARG A 1 178 ? 3.936   -4.013  -10.482 1.00 25.12  ? 178 ARG A CA  1 
ATOM   1260 C C   . ARG A 1 178 ? 5.004   -3.549  -11.499 1.00 26.06  ? 178 ARG A C   1 
ATOM   1261 O O   . ARG A 1 178 ? 5.160   -4.191  -12.527 1.00 30.91  ? 178 ARG A O   1 
ATOM   1262 C CB  . ARG A 1 178 ? 2.619   -3.387  -10.850 1.00 24.11  ? 178 ARG A CB  1 
ATOM   1263 C CG  . ARG A 1 178 ? 2.068   -3.833  -12.179 1.00 30.75  ? 178 ARG A CG  1 
ATOM   1264 C CD  . ARG A 1 178 ? 1.502   -5.207  -12.073 1.00 34.88  ? 178 ARG A CD  1 
ATOM   1265 N NE  . ARG A 1 178 ? 1.131   -5.625  -13.403 1.00 42.80  ? 178 ARG A NE  1 
ATOM   1266 C CZ  . ARG A 1 178 ? 0.328   -6.674  -13.629 1.00 50.27  ? 178 ARG A CZ  1 
ATOM   1267 N NH1 . ARG A 1 178 ? -0.189  -7.427  -12.650 1.00 50.46  ? 178 ARG A NH1 1 
ATOM   1268 N NH2 . ARG A 1 178 ? 0.040   -6.985  -14.894 1.00 51.74  ? 178 ARG A NH2 1 
ATOM   1269 N N   . THR A 1 179 ? 5.768   -2.465  -11.291 1.00 26.52  ? 179 THR A N   1 
ATOM   1270 C CA  . THR A 1 179 ? 6.854   -2.035  -12.191 1.00 27.28  ? 179 THR A CA  1 
ATOM   1271 C C   . THR A 1 179 ? 8.019   -2.992  -12.066 1.00 28.68  ? 179 THR A C   1 
ATOM   1272 O O   . THR A 1 179 ? 8.485   -3.491  -13.081 1.00 25.26  ? 179 THR A O   1 
ATOM   1273 C CB  . THR A 1 179 ? 7.402   -0.605  -11.875 1.00 28.35  ? 179 THR A CB  1 
ATOM   1274 O OG1 . THR A 1 179 ? 6.267   0.243   -12.008 1.00 31.25  ? 179 THR A OG1 1 
ATOM   1275 C CG2 . THR A 1 179 ? 8.514   -0.093  -12.799 1.00 25.95  ? 179 THR A CG2 1 
ATOM   1276 N N   . VAL A 1 180 ? 8.503   -3.259  -10.843 1.00 28.78  ? 180 VAL A N   1 
ATOM   1277 C CA  . VAL A 1 180 ? 9.576   -4.217  -10.616 1.00 27.18  ? 180 VAL A CA  1 
ATOM   1278 C C   . VAL A 1 180 ? 9.184   -5.577  -11.184 1.00 29.27  ? 180 VAL A C   1 
ATOM   1279 O O   . VAL A 1 180 ? 9.992   -6.190  -11.866 1.00 29.15  ? 180 VAL A O   1 
ATOM   1280 C CB  . VAL A 1 180 ? 9.853   -4.314  -9.119  1.00 24.48  ? 180 VAL A CB  1 
ATOM   1281 C CG1 . VAL A 1 180 ? 10.846  -5.451  -8.827  1.00 26.86  ? 180 VAL A CG1 1 
ATOM   1282 C CG2 . VAL A 1 180 ? 10.390  -2.984  -8.638  1.00 21.25  ? 180 VAL A CG2 1 
ATOM   1283 N N   . GLN A 1 181 ? 7.938   -6.012  -10.989 1.00 27.73  ? 181 GLN A N   1 
ATOM   1284 C CA  . GLN A 1 181 ? 7.454   -7.265  -11.481 1.00 29.13  ? 181 GLN A CA  1 
ATOM   1285 C C   . GLN A 1 181 ? 7.506   -7.225  -12.999 1.00 36.08  ? 181 GLN A C   1 
ATOM   1286 O O   . GLN A 1 181 ? 7.917   -8.204  -13.626 1.00 37.84  ? 181 GLN A O   1 
ATOM   1287 C CB  . GLN A 1 181 ? 6.030   -7.473  -11.017 1.00 26.70  ? 181 GLN A CB  1 
ATOM   1288 C CG  . GLN A 1 181 ? 5.351   -8.692  -11.620 1.00 26.43  ? 181 GLN A CG  1 
ATOM   1289 C CD  . GLN A 1 181 ? 3.859   -8.747  -11.400 1.00 33.10  ? 181 GLN A CD  1 
ATOM   1290 O OE1 . GLN A 1 181 ? 3.125   -7.784  -11.596 1.00 39.75  ? 181 GLN A OE1 1 
ATOM   1291 N NE2 . GLN A 1 181 ? 3.344   -9.893  -10.982 1.00 33.92  ? 181 GLN A NE2 1 
ATOM   1292 N N   . CYS A 1 182 ? 7.104   -6.118  -13.627 1.00 39.31  ? 182 CYS A N   1 
ATOM   1293 C CA  . CYS A 1 182 ? 7.120   -6.064  -15.067 1.00 43.84  ? 182 CYS A CA  1 
ATOM   1294 C C   . CYS A 1 182 ? 8.521   -6.030  -15.631 1.00 44.38  ? 182 CYS A C   1 
ATOM   1295 O O   . CYS A 1 182 ? 8.699   -6.498  -16.738 1.00 49.24  ? 182 CYS A O   1 
ATOM   1296 C CB  . CYS A 1 182 ? 6.411   -4.866  -15.568 1.00 48.40  ? 182 CYS A CB  1 
ATOM   1297 S SG  . CYS A 1 182 ? 4.626   -4.925  -15.382 1.00 59.17  ? 182 CYS A SG  1 
ATOM   1298 N N   . ARG A 1 183 ? 9.518   -5.529  -14.910 1.00 45.26  ? 183 ARG A N   1 
ATOM   1299 C CA  . ARG A 1 183 ? 10.898  -5.453  -15.363 1.00 47.51  ? 183 ARG A CA  1 
ATOM   1300 C C   . ARG A 1 183 ? 11.728  -6.653  -14.993 1.00 52.47  ? 183 ARG A C   1 
ATOM   1301 O O   . ARG A 1 183 ? 12.851  -6.783  -15.478 1.00 56.14  ? 183 ARG A O   1 
ATOM   1302 C CB  . ARG A 1 183 ? 11.651  -4.321  -14.754 1.00 43.03  ? 183 ARG A CB  1 
ATOM   1303 C CG  . ARG A 1 183 ? 11.245  -2.950  -15.108 1.00 38.36  ? 183 ARG A CG  1 
ATOM   1304 C CD  . ARG A 1 183 ? 12.149  -2.219  -14.170 1.00 38.09  ? 183 ARG A CD  1 
ATOM   1305 N NE  . ARG A 1 183 ? 11.945  -0.798  -14.291 1.00 40.32  ? 183 ARG A NE  1 
ATOM   1306 C CZ  . ARG A 1 183 ? 12.336  0.078   -13.382 1.00 38.27  ? 183 ARG A CZ  1 
ATOM   1307 N NH1 . ARG A 1 183 ? 12.951  -0.273  -12.256 1.00 36.19  ? 183 ARG A NH1 1 
ATOM   1308 N NH2 . ARG A 1 183 ? 12.114  1.351   -13.671 1.00 41.71  ? 183 ARG A NH2 1 
ATOM   1309 N N   . SER A 1 184 ? 11.238  -7.476  -14.069 1.00 57.19  ? 184 SER A N   1 
ATOM   1310 C CA  . SER A 1 184 ? 11.997  -8.615  -13.602 1.00 61.88  ? 184 SER A CA  1 
ATOM   1311 C C   . SER A 1 184 ? 11.735  -9.822  -14.462 1.00 65.54  ? 184 SER A C   1 
ATOM   1312 O O   . SER A 1 184 ? 11.423  -9.615  -15.634 1.00 63.80  ? 184 SER A O   1 
ATOM   1313 C CB  . SER A 1 184 ? 11.655  -8.853  -12.131 1.00 59.41  ? 184 SER A CB  1 
ATOM   1314 O OG  . SER A 1 184 ? 12.297  -7.816  -11.392 1.00 57.48  ? 184 SER A OG  1 
ATOM   1315 N N   . VAL A 1 185 ? 11.813  -11.056 -13.953 1.00 74.51  ? 185 VAL A N   1 
ATOM   1316 C CA  . VAL A 1 185 ? 11.793  -12.204 -14.853 1.00 83.99  ? 185 VAL A CA  1 
ATOM   1317 C C   . VAL A 1 185 ? 10.530  -12.331 -15.720 1.00 88.92  ? 185 VAL A C   1 
ATOM   1318 O O   . VAL A 1 185 ? 10.541  -13.094 -16.701 1.00 91.05  ? 185 VAL A O   1 
ATOM   1319 C CB  . VAL A 1 185 ? 12.115  -13.476 -13.978 1.00 84.31  ? 185 VAL A CB  1 
ATOM   1320 C CG1 . VAL A 1 185 ? 12.102  -14.791 -14.776 1.00 83.16  ? 185 VAL A CG1 1 
ATOM   1321 C CG2 . VAL A 1 185 ? 13.548  -13.334 -13.453 1.00 83.27  ? 185 VAL A CG2 1 
ATOM   1322 N N   . GLU A 1 186 ? 9.433   -11.603 -15.450 1.00 91.39  ? 186 GLU A N   1 
ATOM   1323 C CA  . GLU A 1 186 ? 8.517   -11.487 -16.557 1.00 95.55  ? 186 GLU A CA  1 
ATOM   1324 C C   . GLU A 1 186 ? 8.672   -10.060 -17.021 1.00 96.99  ? 186 GLU A C   1 
ATOM   1325 O O   . GLU A 1 186 ? 8.033   -9.128  -16.521 1.00 97.29  ? 186 GLU A O   1 
ATOM   1326 C CB  . GLU A 1 186 ? 7.046   -11.736 -16.240 1.00 98.08  ? 186 GLU A CB  1 
ATOM   1327 C CG  . GLU A 1 186 ? 6.325   -11.863 -17.621 1.00 103.55 ? 186 GLU A CG  1 
ATOM   1328 C CD  . GLU A 1 186 ? 7.032   -12.695 -18.728 1.00 105.62 ? 186 GLU A CD  1 
ATOM   1329 O OE1 . GLU A 1 186 ? 6.982   -13.932 -18.694 1.00 106.38 ? 186 GLU A OE1 1 
ATOM   1330 O OE2 . GLU A 1 186 ? 7.634   -12.102 -19.634 1.00 106.46 ? 186 GLU A OE2 1 
ATOM   1331 N N   . GLY A 1 187 ? 9.583   -9.989  -18.011 1.00 98.14  ? 187 GLY A N   1 
ATOM   1332 C CA  . GLY A 1 187 ? 10.020  -8.757  -18.662 1.00 99.14  ? 187 GLY A CA  1 
ATOM   1333 C C   . GLY A 1 187 ? 9.051   -8.150  -19.677 1.00 100.24 ? 187 GLY A C   1 
ATOM   1334 O O   . GLY A 1 187 ? 9.490   -7.564  -20.673 1.00 100.27 ? 187 GLY A O   1 
ATOM   1335 N N   . SER A 1 188 ? 7.744   -8.250  -19.359 1.00 100.75 ? 188 SER A N   1 
ATOM   1336 C CA  . SER A 1 188 ? 6.611   -7.799  -20.162 1.00 100.85 ? 188 SER A CA  1 
ATOM   1337 C C   . SER A 1 188 ? 5.272   -8.078  -19.445 1.00 99.09  ? 188 SER A C   1 
ATOM   1338 O O   . SER A 1 188 ? 4.405   -8.807  -19.947 1.00 100.18 ? 188 SER A O   1 
ATOM   1339 C CB  . SER A 1 188 ? 6.646   -8.514  -21.540 1.00 103.18 ? 188 SER A CB  1 
ATOM   1340 O OG  . SER A 1 188 ? 6.805   -9.933  -21.472 1.00 105.15 ? 188 SER A OG  1 
ATOM   1341 N N   . CYS A 1 189 ? 5.038   -7.492  -18.257 1.00 95.94  ? 189 CYS A N   1 
ATOM   1342 C CA  . CYS A 1 189 ? 3.807   -7.779  -17.523 1.00 91.76  ? 189 CYS A CA  1 
ATOM   1343 C C   . CYS A 1 189 ? 2.644   -6.795  -17.610 1.00 92.98  ? 189 CYS A C   1 
ATOM   1344 O O   . CYS A 1 189 ? 1.512   -7.265  -17.709 1.00 93.51  ? 189 CYS A O   1 
ATOM   1345 C CB  . CYS A 1 189 ? 4.204   -8.015  -16.072 1.00 84.09  ? 189 CYS A CB  1 
ATOM   1346 S SG  . CYS A 1 189 ? 3.860   -6.716  -14.858 1.00 75.60  ? 189 CYS A SG  1 
ATOM   1347 N N   . GLY A 1 190 ? 2.854   -5.465  -17.586 1.00 95.32  ? 190 GLY A N   1 
ATOM   1348 C CA  . GLY A 1 190 ? 1.797   -4.427  -17.666 1.00 97.78  ? 190 GLY A CA  1 
ATOM   1349 C C   . GLY A 1 190 ? 1.093   -3.991  -16.354 1.00 98.41  ? 190 GLY A C   1 
ATOM   1350 O O   . GLY A 1 190 ? 1.706   -3.492  -15.402 1.00 99.83  ? 190 GLY A O   1 
ATOM   1351 N N   . PHE A 1 191 ? -0.247  -4.080  -16.369 1.00 96.95  ? 191 PHE A N   1 
ATOM   1352 C CA  . PHE A 1 191 ? -1.106  -3.931  -15.196 1.00 97.26  ? 191 PHE A CA  1 
ATOM   1353 C C   . PHE A 1 191 ? -2.505  -4.390  -15.596 1.00 97.60  ? 191 PHE A C   1 
ATOM   1354 O O   . PHE A 1 191 ? -3.001  -5.422  -15.140 1.00 99.24  ? 191 PHE A O   1 
ATOM   1355 C CB  . PHE A 1 191 ? -1.236  -2.482  -14.674 1.00 95.97  ? 191 PHE A CB  1 
ATOM   1356 C CG  . PHE A 1 191 ? -1.517  -2.411  -13.160 1.00 94.70  ? 191 PHE A CG  1 
ATOM   1357 C CD1 . PHE A 1 191 ? -2.505  -3.177  -12.556 1.00 92.27  ? 191 PHE A CD1 1 
ATOM   1358 C CD2 . PHE A 1 191 ? -0.755  -1.566  -12.361 1.00 95.60  ? 191 PHE A CD2 1 
ATOM   1359 C CE1 . PHE A 1 191 ? -2.715  -3.095  -11.193 1.00 91.20  ? 191 PHE A CE1 1 
ATOM   1360 C CE2 . PHE A 1 191 ? -0.972  -1.489  -10.991 1.00 93.14  ? 191 PHE A CE2 1 
ATOM   1361 C CZ  . PHE A 1 191 ? -1.954  -2.254  -10.406 1.00 91.71  ? 191 PHE A CZ  1 
HETATM 1362 O O   . HOH B 2 .   ? 7.151   -7.059  -7.451  1.00 24.10  ? 200 HOH A O   1 
HETATM 1363 O O   . HOH B 2 .   ? -1.946  -8.915  1.397   1.00 15.59  ? 201 HOH A O   1 
HETATM 1364 O O   . HOH B 2 .   ? -10.618 -9.195  0.517   1.00 52.45  ? 202 HOH A O   1 
HETATM 1365 O O   . HOH B 2 .   ? -15.282 0.771   6.141   1.00 17.42  ? 203 HOH A O   1 
HETATM 1366 O O   . HOH B 2 .   ? -9.795  -6.678  10.714  1.00 26.42  ? 204 HOH A O   1 
HETATM 1367 O O   . HOH B 2 .   ? -16.052 -7.585  6.747   1.00 15.71  ? 205 HOH A O   1 
HETATM 1368 O O   . HOH B 2 .   ? 3.768   -19.216 -13.880 1.00 57.07  ? 206 HOH A O   1 
HETATM 1369 O O   . HOH B 2 .   ? 0.353   -9.561  2.767   1.00 25.03  ? 207 HOH A O   1 
HETATM 1370 O O   . HOH B 2 .   ? -22.810 11.141  9.007   1.00 34.27  ? 209 HOH A O   1 
HETATM 1371 O O   . HOH B 2 .   ? 5.683   5.585   11.057  1.00 39.65  ? 210 HOH A O   1 
HETATM 1372 O O   . HOH B 2 .   ? -10.192 -6.480  13.966  1.00 42.26  ? 211 HOH A O   1 
HETATM 1373 O O   . HOH B 2 .   ? 17.250  -12.907 -0.637  1.00 30.18  ? 212 HOH A O   1 
HETATM 1374 O O   . HOH B 2 .   ? 6.577   -15.034 -1.851  1.00 32.36  ? 213 HOH A O   1 
HETATM 1375 O O   . HOH B 2 .   ? 0.127   -10.309 15.019  1.00 35.55  ? 214 HOH A O   1 
HETATM 1376 O O   . HOH B 2 .   ? 2.037   -15.532 -7.841  1.00 25.93  ? 215 HOH A O   1 
HETATM 1377 O O   . HOH B 2 .   ? -21.066 -1.830  3.226   1.00 40.87  ? 216 HOH A O   1 
HETATM 1378 O O   . HOH B 2 .   ? -16.058 0.503   8.806   1.00 18.15  ? 217 HOH A O   1 
HETATM 1379 O O   . HOH B 2 .   ? -24.876 15.162  3.096   1.00 41.43  ? 218 HOH A O   1 
HETATM 1380 O O   . HOH B 2 .   ? 5.441   -8.232  16.137  1.00 66.60  ? 220 HOH A O   1 
HETATM 1381 O O   . HOH B 2 .   ? -20.535 -1.165  7.480   1.00 39.59  ? 223 HOH A O   1 
HETATM 1382 O O   . HOH B 2 .   ? -21.739 10.100  2.513   1.00 34.09  ? 224 HOH A O   1 
HETATM 1383 O O   . HOH B 2 .   ? 1.462   -18.120 -12.102 1.00 24.41  ? 226 HOH A O   1 
HETATM 1384 O O   . HOH B 2 .   ? 7.677   -12.306 -2.257  1.00 36.98  ? 227 HOH A O   1 
HETATM 1385 O O   . HOH B 2 .   ? -12.373 13.537  0.062   1.00 28.20  ? 228 HOH A O   1 
HETATM 1386 O O   . HOH B 2 .   ? 9.541   -8.925  8.293   1.00 64.35  ? 229 HOH A O   1 
HETATM 1387 O O   . HOH B 2 .   ? 12.931  -16.016 -12.058 1.00 32.21  ? 230 HOH A O   1 
HETATM 1388 O O   . HOH B 2 .   ? -4.914  -10.482 -4.945  1.00 53.50  ? 232 HOH A O   1 
HETATM 1389 O O   . HOH B 2 .   ? -21.301 2.425   3.146   1.00 32.97  ? 233 HOH A O   1 
HETATM 1390 O O   . HOH B 2 .   ? 16.621  -1.903  -12.483 1.00 32.09  ? 236 HOH A O   1 
HETATM 1391 O O   . HOH B 2 .   ? -18.483 -6.801  10.240  1.00 39.62  ? 238 HOH A O   1 
HETATM 1392 O O   . HOH B 2 .   ? -18.075 -10.524 5.108   1.00 69.69  ? 239 HOH A O   1 
HETATM 1393 O O   . HOH B 2 .   ? 14.155  -19.977 -1.026  1.00 44.80  ? 241 HOH A O   1 
HETATM 1394 O O   . HOH B 2 .   ? 6.371   -12.919 2.282   1.00 33.08  ? 244 HOH A O   1 
HETATM 1395 O O   . HOH B 2 .   ? -3.549  -2.992  -7.227  1.00 32.66  ? 245 HOH A O   1 
HETATM 1396 O O   . HOH B 2 .   ? -18.031 6.162   -1.887  1.00 54.06  ? 246 HOH A O   1 
HETATM 1397 O O   . HOH B 2 .   ? 6.069   1.972   12.066  1.00 27.10  ? 249 HOH A O   1 
HETATM 1398 O O   . HOH B 2 .   ? -12.744 10.716  -1.860  1.00 45.64  ? 250 HOH A O   1 
HETATM 1399 O O   . HOH B 2 .   ? -24.009 4.000   2.798   1.00 58.99  ? 251 HOH A O   1 
HETATM 1400 O O   . HOH B 2 .   ? 3.816   12.386  9.778   1.00 80.75  ? 252 HOH A O   1 
HETATM 1401 O O   . HOH B 2 .   ? 3.127   8.455   0.181   1.00 35.15  ? 253 HOH A O   1 
HETATM 1402 O O   . HOH B 2 .   ? 10.195  -3.728  10.896  1.00 56.52  ? 254 HOH A O   1 
HETATM 1403 O O   . HOH B 2 .   ? -24.479 9.185   7.544   1.00 30.58  ? 258 HOH A O   1 
HETATM 1404 O O   . HOH B 2 .   ? -6.783  15.122  -2.988  1.00 67.43  ? 266 HOH A O   1 
HETATM 1405 O O   . HOH B 2 .   ? -14.865 -10.991 6.141   1.00 53.01  ? 269 HOH A O   1 
HETATM 1406 O O   . HOH B 2 .   ? -6.950  1.734   -5.272  1.00 46.09  ? 271 HOH A O   1 
HETATM 1407 O O   . HOH B 2 .   ? 2.169   -12.192 15.655  1.00 54.41  ? 272 HOH A O   1 
HETATM 1408 O O   . HOH B 2 .   ? -21.983 0.214   5.103   1.00 71.23  ? 273 HOH A O   1 
HETATM 1409 O O   . HOH B 2 .   ? 5.277   -19.480 -2.212  1.00 54.93  ? 274 HOH A O   1 
HETATM 1410 O O   . HOH B 2 .   ? -3.238  1.217   -7.833  1.00 56.43  ? 275 HOH A O   1 
HETATM 1411 O O   . HOH B 2 .   ? -20.749 -4.867  11.507  1.00 59.60  ? 285 HOH A O   1 
HETATM 1412 O O   . HOH B 2 .   ? -3.319  -13.596 11.117  1.00 55.21  ? 288 HOH A O   1 
HETATM 1413 O O   . HOH B 2 .   ? -2.508  7.253   -4.593  1.00 60.06  ? 289 HOH A O   1 
HETATM 1414 O O   . HOH B 2 .   ? 8.094   -18.897 -11.561 1.00 63.04  ? 290 HOH A O   1 
HETATM 1415 O O   . HOH B 2 .   ? 7.901   -11.487 -12.783 1.00 57.24  ? 291 HOH A O   1 
HETATM 1416 O O   . HOH B 2 .   ? -4.684  -11.713 8.381   1.00 50.86  ? 292 HOH A O   1 
HETATM 1417 O O   . HOH B 2 .   ? -2.358  -12.840 14.208  1.00 61.72  ? 293 HOH A O   1 
HETATM 1418 O O   . HOH B 2 .   ? 7.128   -11.540 8.446   1.00 62.03  ? 294 HOH A O   1 
HETATM 1419 O O   . HOH B 2 .   ? 0.638   -15.002 -10.213 1.00 39.25  ? 295 HOH A O   1 
HETATM 1420 O O   . HOH B 2 .   ? -5.550  -5.124  -10.046 1.00 71.98  ? 296 HOH A O   1 
HETATM 1421 O O   . HOH B 2 .   ? -5.838  -12.693 -1.421  1.00 47.17  ? 297 HOH A O   1 
HETATM 1422 O O   . HOH B 2 .   ? -21.921 22.839  7.548   1.00 50.27  ? 298 HOH A O   1 
HETATM 1423 O O   . HOH B 2 .   ? 4.945   10.950  1.344   1.00 58.69  ? 299 HOH A O   1 
HETATM 1424 O O   . HOH B 2 .   ? -14.083 8.702   -3.570  1.00 74.13  ? 300 HOH A O   1 
HETATM 1425 O O   . HOH B 2 .   ? -18.815 0.244   9.335   1.00 61.68  ? 301 HOH A O   1 
HETATM 1426 O O   . HOH B 2 .   ? -21.396 -1.693  10.846  1.00 68.71  ? 302 HOH A O   1 
HETATM 1427 O O   . HOH B 2 .   ? -12.024 -9.844  13.926  1.00 72.94  ? 303 HOH A O   1 
HETATM 1428 O O   . HOH B 2 .   ? -15.480 -14.002 10.225  1.00 73.12  ? 304 HOH A O   1 
HETATM 1429 O O   . HOH B 2 .   ? 8.279   -16.829 -0.595  1.00 69.83  ? 305 HOH A O   1 
HETATM 1430 O O   . HOH B 2 .   ? 6.217   -16.293 1.794   1.00 55.11  ? 306 HOH A O   1 
HETATM 1431 O O   . HOH B 2 .   ? -14.791 -4.132  -5.441  1.00 59.97  ? 307 HOH A O   1 
HETATM 1432 O O   . HOH B 2 .   ? -11.944 -5.146  -6.448  1.00 63.35  ? 308 HOH A O   1 
HETATM 1433 O O   . HOH B 2 .   ? -21.316 9.499   -0.640  1.00 56.53  ? 309 HOH A O   1 
HETATM 1434 O O   . HOH B 2 .   ? -0.121  8.211   12.459  1.00 56.71  ? 310 HOH A O   1 
HETATM 1435 O O   . HOH B 2 .   ? 14.969  -2.396  6.701   1.00 66.69  ? 311 HOH A O   1 
HETATM 1436 O O   . HOH B 2 .   ? 2.954   -12.069 9.382   1.00 47.93  ? 312 HOH A O   1 
HETATM 1437 O O   . HOH B 2 .   ? -9.937  -11.920 1.808   1.00 54.33  ? 313 HOH A O   1 
HETATM 1438 O O   . HOH B 2 .   ? 9.287   -14.000 1.223   1.00 49.62  ? 314 HOH A O   1 
# 
